data_4HPE
#
_entry.id   4HPE
#
_cell.length_a   65.522
_cell.length_b   101.211
_cell.length_c   101.436
_cell.angle_alpha   109.710
_cell.angle_beta   108.860
_cell.angle_gamma   101.360
#
_symmetry.space_group_name_H-M   'P 1'
#
loop_
_entity.id
_entity.type
_entity.pdbx_description
1 polymer 'Putative cell wall hydrolase Tn916-like,CTn1-Orf17'
2 non-polymer 'CHLORIDE ION'
3 non-polymer GLYCEROL
4 water water
#
_entity_poly.entity_id   1
_entity_poly.type   'polypeptide(L)'
_entity_poly.pdbx_seq_one_letter_code
;GADSDDENSNFSSGITG(MSE)NLSAEVLKHQP(MSE)VEKYARENGISEYVNVLLAIIQVESGGTAEDV(MSE)QSSES
LGLPPNSLDTESSIKQGCKYFASLLSSSKNQGIDDLNVAIQSYNYGGGYVGYVAGKGKKHTFNLAESFAREKSGGKKVTY
TNPIAVAKNGGWRWNYGN(MSE)FYVELVNQYLTVPQVSGELAQKV(MSE)NEALKYQGWKYVYGGSNPNTSFD(OCS)S
GLTQWCYGKAGISLPRTAQAQYDATQHLPLSQAKAGDLVFFHSTYNAGSYVTHVGIYVGNNQ(MSE)YHAGDPIGYADLS
SSYWQQHLIGAGRVKQ
;
_entity_poly.pdbx_strand_id   A,B,C,D,E,F
#
# COMPACT_ATOMS: atom_id res chain seq x y z
N THR A 16 -22.52 -10.82 9.59
CA THR A 16 -23.05 -11.96 8.85
C THR A 16 -21.96 -13.04 8.69
N GLY A 17 -22.19 -14.17 9.34
CA GLY A 17 -21.28 -15.30 9.36
C GLY A 17 -21.14 -16.05 8.04
N ASN A 19 -18.66 -19.61 6.06
CA ASN A 19 -17.99 -20.90 6.17
C ASN A 19 -16.63 -20.89 5.42
N LEU A 20 -15.61 -21.58 5.99
CA LEU A 20 -14.26 -21.67 5.40
C LEU A 20 -14.27 -22.59 4.19
N SER A 21 -13.57 -22.21 3.12
CA SER A 21 -13.51 -23.00 1.91
C SER A 21 -12.57 -24.18 2.03
N ALA A 22 -12.74 -25.19 1.16
CA ALA A 22 -11.90 -26.39 1.15
C ALA A 22 -10.46 -26.04 0.78
N GLU A 23 -10.25 -24.97 -0.01
CA GLU A 23 -8.92 -24.49 -0.39
C GLU A 23 -8.11 -24.04 0.81
N VAL A 24 -8.78 -23.42 1.80
CA VAL A 24 -8.22 -22.92 3.06
C VAL A 24 -8.04 -24.10 4.04
N LEU A 25 -9.10 -24.91 4.23
CA LEU A 25 -9.14 -26.08 5.14
C LEU A 25 -8.04 -27.11 4.86
N LYS A 26 -7.54 -27.22 3.58
CA LYS A 26 -6.47 -28.18 3.23
C LYS A 26 -5.16 -27.80 3.95
N HIS A 27 -5.02 -26.53 4.39
CA HIS A 27 -3.82 -26.04 5.07
C HIS A 27 -3.84 -26.26 6.59
N GLN A 28 -4.97 -26.73 7.14
CA GLN A 28 -5.17 -26.95 8.57
C GLN A 28 -4.09 -27.87 9.23
N PRO A 29 -3.70 -29.06 8.70
CA PRO A 29 -2.66 -29.84 9.39
C PRO A 29 -1.34 -29.05 9.58
N VAL A 31 -1.13 -25.68 9.57
CA VAL A 31 -1.44 -24.55 10.46
C VAL A 31 -1.38 -25.02 11.93
N GLU A 32 -1.89 -26.22 12.23
CA GLU A 32 -1.89 -26.79 13.58
C GLU A 32 -0.47 -27.09 14.04
N LYS A 33 0.40 -27.54 13.10
CA LYS A 33 1.81 -27.85 13.36
C LYS A 33 2.56 -26.60 13.87
N TYR A 34 2.52 -25.48 13.11
CA TYR A 34 3.23 -24.25 13.44
C TYR A 34 2.54 -23.43 14.53
N ALA A 35 1.22 -23.63 14.74
CA ALA A 35 0.51 -22.94 15.85
C ALA A 35 1.00 -23.55 17.18
N ARG A 36 1.19 -24.89 17.20
CA ARG A 36 1.68 -25.67 18.33
C ARG A 36 3.12 -25.28 18.68
N GLU A 37 3.97 -25.12 17.63
CA GLU A 37 5.39 -24.72 17.74
C GLU A 37 5.52 -23.30 18.30
N ASN A 38 4.50 -22.44 18.11
CA ASN A 38 4.51 -21.05 18.59
C ASN A 38 3.56 -20.83 19.82
N GLY A 39 3.09 -21.90 20.42
CA GLY A 39 2.22 -21.88 21.59
C GLY A 39 0.88 -21.19 21.41
N ILE A 40 0.31 -21.25 20.18
CA ILE A 40 -0.97 -20.59 19.84
C ILE A 40 -1.97 -21.59 19.18
N SER A 41 -1.96 -22.86 19.62
CA SER A 41 -2.85 -23.92 19.16
C SER A 41 -4.34 -23.59 19.34
N GLU A 42 -4.67 -22.72 20.32
CA GLU A 42 -6.08 -22.33 20.57
C GLU A 42 -6.59 -21.34 19.51
N TYR A 43 -5.68 -20.79 18.66
CA TYR A 43 -6.01 -19.79 17.66
C TYR A 43 -5.97 -20.32 16.22
N VAL A 44 -5.93 -21.65 16.05
CA VAL A 44 -5.92 -22.28 14.71
C VAL A 44 -7.12 -21.76 13.86
N ASN A 45 -8.32 -21.66 14.47
CA ASN A 45 -9.51 -21.11 13.80
C ASN A 45 -9.29 -19.66 13.32
N VAL A 46 -8.63 -18.80 14.13
CA VAL A 46 -8.31 -17.41 13.76
C VAL A 46 -7.29 -17.41 12.56
N LEU A 47 -6.28 -18.28 12.63
CA LEU A 47 -5.22 -18.39 11.62
C LEU A 47 -5.76 -18.85 10.28
N LEU A 48 -6.74 -19.77 10.29
CA LEU A 48 -7.40 -20.26 9.08
C LEU A 48 -8.34 -19.18 8.49
N ALA A 49 -8.96 -18.36 9.35
CA ALA A 49 -9.83 -17.23 8.94
C ALA A 49 -8.98 -16.14 8.25
N ILE A 50 -7.72 -15.99 8.73
CA ILE A 50 -6.74 -15.05 8.21
C ILE A 50 -6.34 -15.52 6.79
N ILE A 51 -6.04 -16.81 6.62
CA ILE A 51 -5.71 -17.39 5.30
C ILE A 51 -6.87 -17.11 4.34
N GLN A 52 -8.11 -17.45 4.74
CA GLN A 52 -9.33 -17.19 3.95
C GLN A 52 -9.43 -15.73 3.48
N VAL A 53 -9.27 -14.79 4.41
CA VAL A 53 -9.36 -13.35 4.16
C VAL A 53 -8.17 -12.90 3.30
N GLU A 54 -6.96 -13.44 3.57
CA GLU A 54 -5.74 -13.04 2.88
C GLU A 54 -5.57 -13.55 1.45
N SER A 55 -5.91 -14.82 1.15
CA SER A 55 -5.61 -15.40 -0.16
C SER A 55 -6.64 -16.38 -0.63
N GLY A 56 -7.55 -16.75 0.27
CA GLY A 56 -8.56 -17.75 -0.03
C GLY A 56 -7.96 -19.13 -0.21
N GLY A 57 -6.73 -19.29 0.27
CA GLY A 57 -5.94 -20.51 0.28
C GLY A 57 -5.31 -20.91 -1.02
N THR A 58 -5.42 -20.05 -2.05
CA THR A 58 -4.96 -20.35 -3.41
C THR A 58 -3.64 -19.67 -3.83
N ALA A 59 -3.10 -18.81 -2.99
CA ALA A 59 -1.82 -18.18 -3.32
C ALA A 59 -0.73 -18.95 -2.62
N GLU A 60 0.46 -19.12 -3.26
CA GLU A 60 1.61 -19.83 -2.68
C GLU A 60 1.89 -19.28 -1.24
N ASP A 61 1.93 -17.94 -1.10
CA ASP A 61 2.06 -17.28 0.20
C ASP A 61 0.62 -17.18 0.79
N VAL A 62 0.08 -18.31 1.32
CA VAL A 62 -1.30 -18.43 1.81
C VAL A 62 -1.66 -17.43 2.91
N GLN A 64 -0.04 -14.55 3.34
CA GLN A 64 0.46 -13.25 2.87
CA GLN A 64 0.43 -13.23 2.89
C GLN A 64 1.36 -12.64 3.95
N SER A 65 2.28 -13.48 4.47
CA SER A 65 3.21 -13.14 5.55
C SER A 65 4.62 -12.71 5.06
N SER A 66 4.81 -12.49 3.75
CA SER A 66 6.10 -12.07 3.21
C SER A 66 6.54 -10.68 3.73
N GLU A 67 5.62 -9.70 3.71
CA GLU A 67 5.90 -8.33 4.13
C GLU A 67 6.27 -8.24 5.62
N SER A 68 5.70 -9.12 6.47
CA SER A 68 5.97 -9.20 7.90
C SER A 68 7.43 -9.62 8.17
N LEU A 69 8.05 -10.24 7.16
CA LEU A 69 9.43 -10.68 7.21
C LEU A 69 10.34 -9.70 6.41
N GLY A 70 9.77 -8.53 6.07
CA GLY A 70 10.45 -7.48 5.30
C GLY A 70 10.88 -7.92 3.92
N LEU A 71 10.08 -8.84 3.32
CA LEU A 71 10.35 -9.41 2.00
C LEU A 71 9.36 -8.87 0.98
N PRO A 72 9.67 -8.86 -0.35
CA PRO A 72 8.67 -8.39 -1.34
C PRO A 72 7.39 -9.23 -1.29
N PRO A 73 6.22 -8.68 -1.72
CA PRO A 73 5.00 -9.50 -1.72
C PRO A 73 5.17 -10.81 -2.50
N ASN A 74 4.56 -11.90 -1.96
CA ASN A 74 4.51 -13.28 -2.48
C ASN A 74 5.87 -13.87 -2.72
N SER A 75 6.78 -13.74 -1.73
CA SER A 75 8.15 -14.27 -1.80
C SER A 75 8.23 -15.68 -1.19
N LEU A 76 7.47 -15.94 -0.12
CA LEU A 76 7.44 -17.20 0.60
C LEU A 76 6.64 -18.31 -0.10
N ASP A 77 7.09 -19.53 0.15
CA ASP A 77 6.42 -20.74 -0.26
C ASP A 77 5.34 -21.01 0.81
N THR A 78 4.44 -21.99 0.60
CA THR A 78 3.32 -22.29 1.50
C THR A 78 3.77 -22.63 2.93
N GLU A 79 4.77 -23.53 3.09
CA GLU A 79 5.28 -23.92 4.41
C GLU A 79 5.90 -22.73 5.15
N SER A 80 6.78 -21.96 4.48
CA SER A 80 7.43 -20.77 5.03
C SER A 80 6.37 -19.69 5.38
N SER A 81 5.30 -19.57 4.56
CA SER A 81 4.20 -18.65 4.78
C SER A 81 3.45 -18.94 6.09
N ILE A 82 3.09 -20.23 6.32
CA ILE A 82 2.36 -20.65 7.52
C ILE A 82 3.27 -20.51 8.75
N LYS A 83 4.55 -20.89 8.60
CA LYS A 83 5.56 -20.78 9.65
C LYS A 83 5.67 -19.32 10.09
N GLN A 84 5.88 -18.40 9.13
CA GLN A 84 6.02 -16.99 9.37
C GLN A 84 4.72 -16.35 9.90
N GLY A 85 3.57 -16.70 9.34
CA GLY A 85 2.27 -16.15 9.77
C GLY A 85 1.94 -16.49 11.21
N CYS A 86 2.17 -17.74 11.60
CA CYS A 86 1.95 -18.24 12.96
C CYS A 86 2.89 -17.52 13.93
N LYS A 87 4.19 -17.43 13.58
CA LYS A 87 5.28 -16.79 14.34
C LYS A 87 4.97 -15.29 14.55
N TYR A 88 4.51 -14.62 13.48
CA TYR A 88 4.14 -13.21 13.46
C TYR A 88 2.90 -12.95 14.35
N PHE A 89 1.86 -13.79 14.23
CA PHE A 89 0.63 -13.64 15.03
C PHE A 89 0.94 -13.86 16.54
N ALA A 90 1.81 -14.84 16.86
CA ALA A 90 2.28 -15.15 18.22
C ALA A 90 3.01 -13.93 18.81
N SER A 91 3.83 -13.22 17.98
CA SER A 91 4.58 -12.03 18.43
C SER A 91 3.62 -10.85 18.71
N LEU A 92 2.51 -10.73 17.96
CA LEU A 92 1.50 -9.68 18.16
C LEU A 92 0.74 -9.92 19.46
N LEU A 93 0.48 -11.20 19.82
CA LEU A 93 -0.17 -11.56 21.08
C LEU A 93 0.78 -11.28 22.26
N SER A 94 2.11 -11.55 22.08
CA SER A 94 3.13 -11.28 23.08
C SER A 94 3.27 -9.80 23.31
N SER A 95 3.32 -9.02 22.22
CA SER A 95 3.41 -7.56 22.27
C SER A 95 2.19 -6.99 23.01
N SER A 96 1.01 -7.57 22.80
CA SER A 96 -0.25 -7.20 23.43
C SER A 96 -0.18 -7.42 24.95
N LYS A 97 0.12 -8.67 25.38
CA LYS A 97 0.26 -9.07 26.77
C LYS A 97 1.23 -8.14 27.53
N ASN A 98 2.38 -7.80 26.89
CA ASN A 98 3.44 -6.96 27.45
C ASN A 98 3.02 -5.49 27.61
N GLN A 99 2.04 -5.04 26.82
CA GLN A 99 1.51 -3.67 26.86
C GLN A 99 0.16 -3.63 27.62
N GLY A 100 -0.21 -4.75 28.24
CA GLY A 100 -1.41 -4.88 29.07
C GLY A 100 -2.73 -5.03 28.34
N ILE A 101 -2.69 -5.62 27.13
CA ILE A 101 -3.86 -5.85 26.27
C ILE A 101 -4.24 -7.32 26.36
N ASP A 102 -5.54 -7.57 26.62
CA ASP A 102 -6.15 -8.90 26.76
C ASP A 102 -7.00 -9.24 25.54
N ASP A 103 -7.30 -8.23 24.71
CA ASP A 103 -8.16 -8.28 23.53
C ASP A 103 -7.50 -8.97 22.32
N LEU A 104 -8.14 -10.03 21.81
CA LEU A 104 -7.68 -10.81 20.65
C LEU A 104 -7.75 -9.98 19.36
N ASN A 105 -8.76 -9.10 19.25
CA ASN A 105 -9.01 -8.26 18.09
C ASN A 105 -7.86 -7.28 17.81
N VAL A 106 -7.05 -6.94 18.84
CA VAL A 106 -5.88 -6.09 18.66
C VAL A 106 -4.82 -6.83 17.80
N ALA A 107 -4.56 -8.11 18.13
CA ALA A 107 -3.63 -8.99 17.38
C ALA A 107 -4.14 -9.23 15.93
N ILE A 108 -5.46 -9.48 15.77
CA ILE A 108 -6.08 -9.71 14.47
C ILE A 108 -5.91 -8.43 13.60
N GLN A 109 -6.30 -7.23 14.11
CA GLN A 109 -6.15 -5.97 13.33
C GLN A 109 -4.65 -5.66 13.04
N SER A 110 -3.74 -5.96 13.98
CA SER A 110 -2.30 -5.70 13.79
C SER A 110 -1.69 -6.65 12.75
N TYR A 111 -2.37 -7.80 12.45
CA TYR A 111 -1.87 -8.68 11.39
C TYR A 111 -1.87 -7.87 10.08
N ASN A 112 -2.94 -7.08 9.86
CA ASN A 112 -3.12 -6.22 8.69
C ASN A 112 -2.38 -4.88 8.79
N TYR A 113 -2.41 -4.22 9.98
CA TYR A 113 -1.84 -2.89 10.22
C TYR A 113 -0.37 -2.85 10.63
N GLY A 114 0.15 -3.95 11.16
CA GLY A 114 1.51 -4.00 11.71
C GLY A 114 1.42 -3.87 13.23
N GLY A 115 2.53 -4.18 13.92
CA GLY A 115 2.64 -4.14 15.37
C GLY A 115 2.46 -2.79 16.04
N GLY A 116 2.53 -1.71 15.24
CA GLY A 116 2.31 -0.35 15.71
C GLY A 116 0.88 -0.12 16.16
N TYR A 117 -0.09 -0.92 15.71
CA TYR A 117 -1.48 -0.79 16.16
C TYR A 117 -1.63 -1.26 17.63
N VAL A 118 -0.76 -2.20 18.09
CA VAL A 118 -0.74 -2.67 19.48
C VAL A 118 -0.41 -1.49 20.43
N GLY A 119 0.65 -0.75 20.11
CA GLY A 119 1.11 0.40 20.87
C GLY A 119 0.14 1.55 20.91
N TYR A 120 -0.55 1.75 19.79
CA TYR A 120 -1.59 2.76 19.57
C TYR A 120 -2.79 2.49 20.50
N VAL A 121 -3.27 1.25 20.54
CA VAL A 121 -4.40 0.81 21.36
C VAL A 121 -4.01 0.76 22.85
N ALA A 122 -2.78 0.29 23.19
CA ALA A 122 -2.32 0.19 24.59
C ALA A 122 -2.42 1.51 25.36
N GLY A 123 -2.15 2.63 24.69
CA GLY A 123 -2.22 3.95 25.30
C GLY A 123 -3.56 4.63 25.13
N LYS A 124 -4.56 3.94 24.55
CA LYS A 124 -5.88 4.49 24.26
C LYS A 124 -7.03 3.51 24.65
N GLY A 125 -6.92 2.90 25.83
CA GLY A 125 -7.96 2.03 26.36
C GLY A 125 -7.73 0.53 26.41
N LYS A 126 -6.66 0.03 25.77
CA LYS A 126 -6.23 -1.40 25.77
C LYS A 126 -7.18 -2.33 24.99
N LYS A 127 -8.22 -1.77 24.33
CA LYS A 127 -9.18 -2.55 23.58
C LYS A 127 -9.31 -2.02 22.15
N HIS A 128 -9.42 -2.95 21.19
CA HIS A 128 -9.70 -2.62 19.80
C HIS A 128 -11.14 -2.10 19.70
N THR A 129 -11.32 -1.03 18.92
CA THR A 129 -12.64 -0.49 18.55
C THR A 129 -12.52 -0.13 17.08
N PHE A 130 -13.65 -0.19 16.35
CA PHE A 130 -13.68 0.21 14.94
C PHE A 130 -13.16 1.67 14.81
N ASN A 131 -13.55 2.55 15.75
CA ASN A 131 -13.16 3.95 15.81
C ASN A 131 -11.64 4.13 15.95
N LEU A 132 -10.95 3.26 16.74
CA LEU A 132 -9.49 3.27 16.87
C LEU A 132 -8.84 2.82 15.58
N ALA A 133 -9.36 1.73 14.94
CA ALA A 133 -8.86 1.21 13.68
C ALA A 133 -9.02 2.27 12.56
N GLU A 134 -10.13 2.97 12.56
CA GLU A 134 -10.45 4.05 11.65
C GLU A 134 -9.50 5.27 11.84
N SER A 135 -9.25 5.67 13.11
CA SER A 135 -8.38 6.82 13.39
C SER A 135 -6.92 6.48 13.01
N PHE A 136 -6.48 5.25 13.30
CA PHE A 136 -5.11 4.81 12.97
C PHE A 136 -4.90 4.88 11.46
N ALA A 137 -5.84 4.35 10.65
CA ALA A 137 -5.78 4.37 9.19
C ALA A 137 -5.84 5.83 8.67
N ARG A 138 -6.68 6.71 9.30
CA ARG A 138 -6.83 8.10 8.90
C ARG A 138 -5.49 8.84 9.06
N GLU A 139 -4.77 8.59 10.18
CA GLU A 139 -3.47 9.19 10.46
C GLU A 139 -2.43 8.75 9.45
N LYS A 140 -2.25 7.43 9.33
CA LYS A 140 -1.27 6.77 8.47
C LYS A 140 -1.50 7.07 6.96
N SER A 141 -2.75 7.29 6.53
CA SER A 141 -3.07 7.56 5.13
C SER A 141 -2.86 9.02 4.73
N GLY A 142 -2.76 9.91 5.73
CA GLY A 142 -2.67 11.35 5.51
C GLY A 142 -4.02 11.94 5.15
N GLY A 143 -5.09 11.32 5.66
CA GLY A 143 -6.46 11.76 5.41
C GLY A 143 -6.95 11.52 3.99
N LYS A 144 -6.51 10.37 3.38
CA LYS A 144 -6.86 10.01 2.01
C LYS A 144 -7.79 8.83 1.98
N LYS A 145 -8.87 8.95 1.22
CA LYS A 145 -9.88 7.89 1.11
C LYS A 145 -9.70 7.09 -0.19
N VAL A 146 -10.20 5.84 -0.19
CA VAL A 146 -10.15 4.91 -1.31
C VAL A 146 -11.46 4.14 -1.27
N THR A 147 -12.01 3.84 -2.46
CA THR A 147 -13.25 3.08 -2.63
C THR A 147 -13.07 1.68 -2.02
N TYR A 148 -14.12 1.20 -1.31
CA TYR A 148 -14.13 -0.12 -0.70
C TYR A 148 -15.56 -0.63 -0.71
N THR A 149 -15.89 -1.49 -1.68
CA THR A 149 -17.27 -1.92 -1.92
C THR A 149 -17.69 -3.22 -1.20
N ASN A 150 -16.93 -3.65 -0.17
CA ASN A 150 -17.37 -4.79 0.64
C ASN A 150 -18.69 -4.41 1.29
N PRO A 151 -19.75 -5.29 1.27
CA PRO A 151 -21.07 -4.89 1.84
C PRO A 151 -21.02 -4.35 3.26
N ILE A 152 -20.10 -4.84 4.10
CA ILE A 152 -19.86 -4.34 5.46
C ILE A 152 -19.51 -2.84 5.43
N ALA A 153 -18.62 -2.42 4.49
CA ALA A 153 -18.18 -0.99 4.37
C ALA A 153 -19.27 -0.13 3.74
N VAL A 154 -19.99 -0.67 2.74
CA VAL A 154 -21.11 -0.02 2.06
C VAL A 154 -22.17 0.35 3.08
N ALA A 155 -22.60 -0.61 3.91
CA ALA A 155 -23.62 -0.40 4.93
C ALA A 155 -23.12 0.55 6.03
N LYS A 156 -21.82 0.52 6.36
CA LYS A 156 -21.26 1.36 7.42
C LYS A 156 -21.08 2.85 7.02
N ASN A 157 -20.46 3.15 5.87
CA ASN A 157 -20.16 4.55 5.56
C ASN A 157 -20.40 4.93 4.10
N GLY A 158 -20.93 4.01 3.30
CA GLY A 158 -21.18 4.25 1.90
C GLY A 158 -20.27 3.47 0.99
N GLY A 159 -19.17 2.96 1.53
CA GLY A 159 -18.25 2.15 0.75
C GLY A 159 -16.87 2.76 0.57
N TRP A 160 -16.22 3.11 1.67
CA TRP A 160 -14.85 3.64 1.60
C TRP A 160 -14.03 3.27 2.84
N ARG A 161 -12.73 3.49 2.72
CA ARG A 161 -11.80 3.31 3.81
C ARG A 161 -10.69 4.37 3.72
N TRP A 162 -10.07 4.65 4.85
CA TRP A 162 -8.90 5.51 4.87
C TRP A 162 -7.79 4.67 4.21
N ASN A 163 -7.03 5.29 3.29
CA ASN A 163 -6.04 4.63 2.42
C ASN A 163 -4.81 4.07 3.20
N TYR A 164 -5.04 3.07 4.05
CA TYR A 164 -4.00 2.40 4.85
C TYR A 164 -4.56 1.13 5.41
N GLY A 165 -3.95 0.01 5.07
CA GLY A 165 -4.39 -1.29 5.56
C GLY A 165 -5.86 -1.48 5.23
N ASN A 166 -6.58 -2.16 6.11
CA ASN A 166 -8.01 -2.38 5.97
C ASN A 166 -8.66 -2.18 7.35
N PHE A 168 -11.58 -2.48 8.31
CA PHE A 168 -12.66 -3.46 8.54
C PHE A 168 -12.14 -4.89 8.71
N TYR A 169 -10.80 -5.07 8.84
CA TYR A 169 -10.13 -6.36 8.90
C TYR A 169 -10.65 -7.30 10.01
N VAL A 170 -10.86 -6.79 11.25
CA VAL A 170 -11.35 -7.57 12.39
C VAL A 170 -12.70 -8.21 12.06
N GLU A 171 -13.60 -7.40 11.51
CA GLU A 171 -14.95 -7.76 11.11
C GLU A 171 -14.92 -8.81 9.97
N LEU A 172 -13.98 -8.68 9.02
CA LEU A 172 -13.77 -9.61 7.91
C LEU A 172 -13.30 -10.95 8.41
N VAL A 173 -12.33 -10.95 9.35
CA VAL A 173 -11.81 -12.20 9.93
C VAL A 173 -12.91 -12.86 10.78
N ASN A 174 -13.65 -12.08 11.58
CA ASN A 174 -14.72 -12.60 12.44
C ASN A 174 -15.97 -13.11 11.66
N GLN A 175 -16.06 -12.87 10.34
CA GLN A 175 -17.11 -13.45 9.47
C GLN A 175 -16.96 -14.97 9.40
N TYR A 176 -15.72 -15.47 9.53
CA TYR A 176 -15.37 -16.88 9.47
C TYR A 176 -15.10 -17.48 10.87
N LEU A 177 -15.52 -16.79 11.97
CA LEU A 177 -15.37 -17.26 13.35
C LEU A 177 -16.72 -17.31 14.11
N THR A 178 -17.86 -17.39 13.37
CA THR A 178 -19.21 -17.48 13.94
C THR A 178 -19.58 -18.95 14.22
N SER A 183 -24.71 -28.05 13.88
CA SER A 183 -24.18 -29.41 13.94
C SER A 183 -24.59 -30.11 15.24
N GLY A 184 -24.96 -31.38 15.14
CA GLY A 184 -25.37 -32.21 16.27
C GLY A 184 -24.24 -32.95 16.93
N GLU A 185 -24.61 -33.80 17.93
CA GLU A 185 -23.66 -34.60 18.71
C GLU A 185 -22.96 -35.63 17.85
N LEU A 186 -23.72 -36.32 16.95
CA LEU A 186 -23.17 -37.35 16.06
C LEU A 186 -22.14 -36.74 15.11
N ALA A 187 -22.48 -35.61 14.44
CA ALA A 187 -21.58 -34.90 13.52
C ALA A 187 -20.26 -34.53 14.18
N GLN A 188 -20.31 -34.01 15.44
CA GLN A 188 -19.17 -33.59 16.25
C GLN A 188 -18.25 -34.76 16.60
N LYS A 189 -18.80 -35.94 17.02
CA LYS A 189 -17.99 -37.12 17.39
C LYS A 189 -17.30 -37.72 16.16
N VAL A 190 -18.04 -37.84 15.03
CA VAL A 190 -17.57 -38.33 13.74
C VAL A 190 -16.42 -37.44 13.22
N ASN A 192 -14.54 -35.16 15.00
CA ASN A 192 -13.40 -35.08 15.94
C ASN A 192 -12.44 -36.26 15.69
N GLU A 193 -12.98 -37.40 15.25
CA GLU A 193 -12.22 -38.58 14.89
C GLU A 193 -11.65 -38.45 13.47
N ALA A 194 -12.49 -38.02 12.50
CA ALA A 194 -12.11 -37.92 11.08
C ALA A 194 -10.97 -36.93 10.84
N LEU A 195 -10.97 -35.80 11.57
CA LEU A 195 -9.96 -34.74 11.44
C LEU A 195 -8.56 -35.17 11.92
N LYS A 196 -8.44 -36.31 12.63
CA LYS A 196 -7.16 -36.85 13.08
C LYS A 196 -6.35 -37.36 11.88
N TYR A 197 -7.04 -37.62 10.76
CA TYR A 197 -6.46 -38.21 9.56
C TYR A 197 -6.44 -37.23 8.40
N GLN A 198 -6.50 -35.93 8.70
CA GLN A 198 -6.49 -34.91 7.66
C GLN A 198 -5.12 -34.86 7.03
N GLY A 199 -5.09 -34.99 5.70
CA GLY A 199 -3.85 -34.95 4.93
C GLY A 199 -3.20 -36.30 4.76
N TRP A 200 -3.82 -37.36 5.32
CA TRP A 200 -3.34 -38.72 5.23
C TRP A 200 -3.54 -39.28 3.82
N LYS A 201 -2.62 -40.16 3.41
CA LYS A 201 -2.66 -40.81 2.11
C LYS A 201 -3.74 -41.88 2.09
N TYR A 202 -4.61 -41.83 1.05
CA TYR A 202 -5.65 -42.83 0.80
C TYR A 202 -4.99 -44.19 0.61
N VAL A 203 -5.50 -45.23 1.30
CA VAL A 203 -5.02 -46.60 1.14
C VAL A 203 -6.23 -47.47 0.82
N TYR A 204 -6.21 -48.12 -0.36
CA TYR A 204 -7.28 -49.01 -0.81
C TYR A 204 -7.42 -50.21 0.15
N GLY A 205 -8.63 -50.40 0.67
CA GLY A 205 -8.92 -51.47 1.60
C GLY A 205 -8.71 -51.13 3.08
N GLY A 206 -8.17 -49.93 3.34
CA GLY A 206 -7.90 -49.43 4.70
C GLY A 206 -9.16 -49.05 5.46
N SER A 207 -9.25 -49.52 6.72
CA SER A 207 -10.42 -49.24 7.58
C SER A 207 -10.03 -48.93 9.05
N ASN A 208 -8.73 -48.65 9.32
CA ASN A 208 -8.27 -48.31 10.67
C ASN A 208 -7.02 -47.39 10.62
N PRO A 209 -6.66 -46.70 11.74
CA PRO A 209 -5.52 -45.76 11.68
C PRO A 209 -4.15 -46.40 11.44
N ASN A 210 -4.01 -47.73 11.61
CA ASN A 210 -2.72 -48.39 11.44
C ASN A 210 -2.39 -48.66 9.97
N THR A 211 -3.41 -48.67 9.08
CA THR A 211 -3.25 -48.91 7.64
C THR A 211 -3.61 -47.67 6.80
N SER A 212 -4.25 -46.66 7.45
CA SER A 212 -4.90 -45.49 6.88
C SER A 212 -6.23 -45.98 6.29
N PHE A 213 -6.92 -45.14 5.51
CA PHE A 213 -8.25 -45.49 5.06
C PHE A 213 -8.56 -45.23 3.62
N ASP A 214 -9.62 -45.93 3.13
CA ASP A 214 -10.28 -45.67 1.86
C ASP A 214 -11.57 -44.90 2.24
N SER A 216 -14.96 -45.60 2.36
CA SER A 216 -15.93 -46.30 3.22
C SER A 216 -15.28 -46.83 4.50
N GLY A 217 -13.96 -47.00 4.47
CA GLY A 217 -13.17 -47.39 5.64
C GLY A 217 -13.12 -46.25 6.65
N LEU A 218 -12.98 -45.00 6.16
CA LEU A 218 -12.97 -43.80 7.00
C LEU A 218 -14.33 -43.61 7.70
N THR A 219 -15.46 -43.66 6.93
CA THR A 219 -16.80 -43.49 7.47
C THR A 219 -17.12 -44.57 8.48
N GLN A 220 -16.82 -45.84 8.17
CA GLN A 220 -17.08 -46.97 9.10
C GLN A 220 -16.37 -46.75 10.45
N TRP A 221 -15.06 -46.41 10.44
CA TRP A 221 -14.25 -46.22 11.63
C TRP A 221 -14.76 -45.07 12.50
N CYS A 222 -14.95 -43.89 11.89
CA CYS A 222 -15.33 -42.66 12.56
C CYS A 222 -16.77 -42.71 13.10
N TYR A 223 -17.71 -43.33 12.36
CA TYR A 223 -19.08 -43.50 12.85
C TYR A 223 -19.10 -44.58 13.95
N GLY A 224 -18.22 -45.58 13.81
CA GLY A 224 -18.02 -46.65 14.78
C GLY A 224 -17.57 -46.10 16.12
N LYS A 225 -16.72 -45.04 16.09
CA LYS A 225 -16.21 -44.34 17.27
C LYS A 225 -17.32 -43.50 17.91
N ALA A 226 -18.33 -43.09 17.10
CA ALA A 226 -19.49 -42.30 17.52
C ALA A 226 -20.62 -43.20 18.01
N GLY A 227 -20.41 -44.51 17.94
CA GLY A 227 -21.36 -45.52 18.39
C GLY A 227 -22.37 -45.99 17.36
N ILE A 228 -22.08 -45.77 16.05
CA ILE A 228 -22.94 -46.20 14.95
C ILE A 228 -22.24 -47.29 14.15
N SER A 229 -22.86 -48.46 14.03
CA SER A 229 -22.29 -49.57 13.27
C SER A 229 -22.69 -49.48 11.78
N LEU A 230 -21.70 -49.21 10.92
CA LEU A 230 -21.89 -49.09 9.48
C LEU A 230 -21.28 -50.31 8.73
N PRO A 231 -21.87 -50.77 7.59
CA PRO A 231 -21.23 -51.86 6.84
C PRO A 231 -19.93 -51.35 6.19
N ARG A 232 -19.16 -52.28 5.61
CA ARG A 232 -17.85 -52.00 5.06
C ARG A 232 -17.83 -51.14 3.77
N THR A 233 -18.65 -51.48 2.76
CA THR A 233 -18.67 -50.84 1.43
C THR A 233 -19.55 -49.57 1.40
N ALA A 234 -19.25 -48.66 0.43
CA ALA A 234 -19.99 -47.45 0.16
C ALA A 234 -21.41 -47.80 -0.29
N GLN A 235 -21.56 -48.88 -1.11
CA GLN A 235 -22.86 -49.37 -1.58
C GLN A 235 -23.70 -49.90 -0.40
N ALA A 236 -23.09 -50.75 0.48
CA ALA A 236 -23.75 -51.31 1.66
C ALA A 236 -24.13 -50.21 2.65
N GLN A 237 -23.30 -49.14 2.75
CA GLN A 237 -23.57 -47.98 3.59
C GLN A 237 -24.77 -47.18 3.04
N TYR A 238 -24.85 -47.04 1.70
CA TYR A 238 -25.97 -46.39 1.01
C TYR A 238 -27.26 -47.19 1.26
N ASP A 239 -27.22 -48.53 1.10
CA ASP A 239 -28.38 -49.40 1.33
C ASP A 239 -28.88 -49.37 2.77
N ALA A 240 -28.00 -49.07 3.74
CA ALA A 240 -28.32 -49.07 5.18
C ALA A 240 -28.84 -47.71 5.68
N THR A 241 -28.88 -46.67 4.83
CA THR A 241 -29.31 -45.34 5.28
C THR A 241 -30.64 -44.94 4.66
N GLN A 242 -31.30 -43.94 5.28
CA GLN A 242 -32.52 -43.32 4.78
C GLN A 242 -32.06 -42.24 3.82
N HIS A 243 -32.49 -42.30 2.56
CA HIS A 243 -32.02 -41.36 1.53
C HIS A 243 -32.84 -40.08 1.52
N LEU A 244 -32.17 -38.96 1.23
CA LEU A 244 -32.73 -37.61 1.15
C LEU A 244 -31.85 -36.72 0.25
N PRO A 245 -32.41 -35.71 -0.46
CA PRO A 245 -31.54 -34.88 -1.31
C PRO A 245 -30.53 -34.07 -0.48
N LEU A 246 -29.40 -33.68 -1.10
CA LEU A 246 -28.35 -32.93 -0.39
C LEU A 246 -28.87 -31.56 0.17
N SER A 247 -29.92 -30.98 -0.42
CA SER A 247 -30.54 -29.70 -0.03
C SER A 247 -31.24 -29.81 1.32
N GLN A 248 -31.63 -31.02 1.73
CA GLN A 248 -32.29 -31.32 3.01
C GLN A 248 -31.31 -31.97 4.02
N ALA A 249 -30.07 -32.22 3.58
CA ALA A 249 -29.03 -32.88 4.36
C ALA A 249 -28.47 -31.96 5.44
N LYS A 250 -27.92 -32.60 6.49
CA LYS A 250 -27.28 -31.94 7.64
C LYS A 250 -25.91 -32.55 7.85
N ALA A 251 -25.04 -31.86 8.59
CA ALA A 251 -23.72 -32.35 8.95
C ALA A 251 -23.89 -33.67 9.71
N GLY A 252 -23.10 -34.67 9.33
CA GLY A 252 -23.20 -35.99 9.93
C GLY A 252 -23.93 -36.99 9.04
N ASP A 253 -24.62 -36.48 7.99
CA ASP A 253 -25.23 -37.38 7.01
C ASP A 253 -24.13 -37.80 6.05
N LEU A 254 -24.34 -38.92 5.37
CA LEU A 254 -23.39 -39.40 4.39
C LEU A 254 -23.80 -38.86 3.03
N VAL A 255 -22.85 -38.67 2.11
CA VAL A 255 -23.14 -38.18 0.76
C VAL A 255 -22.52 -39.20 -0.20
N PHE A 256 -23.31 -39.67 -1.15
CA PHE A 256 -22.97 -40.76 -2.06
C PHE A 256 -22.81 -40.35 -3.50
N PHE A 257 -21.90 -41.04 -4.18
CA PHE A 257 -21.55 -40.74 -5.58
C PHE A 257 -21.51 -42.00 -6.42
N HIS A 258 -21.80 -41.83 -7.72
CA HIS A 258 -21.74 -42.91 -8.72
C HIS A 258 -20.57 -42.68 -9.68
N SER A 259 -20.19 -43.74 -10.40
CA SER A 259 -19.22 -43.84 -11.51
C SER A 259 -17.92 -43.02 -11.34
N THR A 260 -17.35 -42.94 -10.13
CA THR A 260 -16.10 -42.20 -9.92
C THR A 260 -14.91 -42.98 -10.48
N TYR A 261 -15.03 -44.31 -10.53
CA TYR A 261 -14.03 -45.23 -11.09
C TYR A 261 -14.77 -46.50 -11.55
N ASN A 262 -14.08 -47.40 -12.27
CA ASN A 262 -14.64 -48.64 -12.80
C ASN A 262 -14.92 -49.61 -11.64
N ALA A 263 -16.21 -49.74 -11.32
CA ALA A 263 -16.70 -50.57 -10.22
C ALA A 263 -18.03 -51.27 -10.61
N GLY A 264 -18.32 -52.37 -9.94
CA GLY A 264 -19.51 -53.18 -10.23
C GLY A 264 -20.79 -52.72 -9.59
N SER A 265 -20.71 -51.71 -8.72
CA SER A 265 -21.88 -51.20 -7.99
C SER A 265 -22.27 -49.77 -8.43
N TYR A 266 -23.53 -49.38 -8.12
CA TYR A 266 -24.06 -48.04 -8.43
C TYR A 266 -23.26 -47.00 -7.66
N VAL A 267 -23.11 -47.18 -6.33
CA VAL A 267 -22.36 -46.28 -5.44
C VAL A 267 -20.87 -46.66 -5.52
N THR A 268 -20.02 -45.67 -5.86
CA THR A 268 -18.57 -45.86 -6.01
C THR A 268 -17.80 -45.03 -5.00
N HIS A 269 -18.43 -44.00 -4.45
CA HIS A 269 -17.76 -43.15 -3.47
C HIS A 269 -18.73 -42.70 -2.35
N VAL A 270 -18.19 -42.54 -1.13
CA VAL A 270 -18.92 -42.05 0.04
C VAL A 270 -18.03 -40.98 0.75
N GLY A 271 -18.68 -40.01 1.35
CA GLY A 271 -18.09 -38.95 2.15
C GLY A 271 -18.98 -38.60 3.33
N ILE A 272 -18.49 -37.72 4.21
CA ILE A 272 -19.21 -37.19 5.38
C ILE A 272 -19.64 -35.78 5.03
N TYR A 273 -20.97 -35.51 5.03
CA TYR A 273 -21.49 -34.17 4.75
C TYR A 273 -21.24 -33.29 5.94
N VAL A 274 -20.69 -32.10 5.71
CA VAL A 274 -20.35 -31.21 6.80
C VAL A 274 -21.12 -29.88 6.67
N GLY A 275 -22.19 -29.88 5.88
CA GLY A 275 -23.02 -28.70 5.65
C GLY A 275 -22.38 -27.76 4.64
N ASN A 276 -23.11 -26.72 4.24
CA ASN A 276 -22.68 -25.66 3.31
C ASN A 276 -22.07 -26.19 2.00
N ASN A 277 -22.67 -27.26 1.45
CA ASN A 277 -22.28 -27.93 0.20
C ASN A 277 -20.84 -28.44 0.22
N GLN A 278 -20.40 -28.95 1.37
CA GLN A 278 -19.06 -29.50 1.41
C GLN A 278 -19.02 -30.78 2.19
N TYR A 280 -16.26 -34.10 3.92
CA TYR A 280 -14.98 -34.59 4.43
C TYR A 280 -14.91 -36.01 3.96
N HIS A 281 -13.87 -36.37 3.22
CA HIS A 281 -13.81 -37.71 2.70
C HIS A 281 -12.36 -38.19 2.50
N ALA A 282 -12.25 -39.46 2.11
CA ALA A 282 -11.07 -40.13 1.65
C ALA A 282 -11.29 -40.46 0.15
N GLY A 283 -10.88 -39.57 -0.76
CA GLY A 283 -10.11 -38.36 -0.49
C GLY A 283 -8.64 -38.70 -0.52
N ASP A 284 -7.88 -38.05 -1.40
CA ASP A 284 -6.42 -38.30 -1.49
C ASP A 284 -5.67 -36.98 -1.77
N PRO A 285 -5.13 -36.30 -0.73
CA PRO A 285 -5.15 -36.67 0.70
C PRO A 285 -6.55 -36.51 1.33
N ILE A 286 -6.76 -37.19 2.50
CA ILE A 286 -8.02 -37.13 3.24
C ILE A 286 -8.26 -35.69 3.68
N GLY A 287 -9.46 -35.23 3.43
CA GLY A 287 -9.84 -33.87 3.81
C GLY A 287 -11.16 -33.41 3.27
N TYR A 288 -11.33 -32.10 3.26
CA TYR A 288 -12.55 -31.45 2.79
C TYR A 288 -12.55 -31.28 1.29
N ALA A 289 -13.74 -31.32 0.71
CA ALA A 289 -13.97 -31.13 -0.71
C ALA A 289 -15.18 -30.24 -0.92
N ASP A 290 -15.09 -29.34 -1.90
CA ASP A 290 -16.23 -28.47 -2.21
C ASP A 290 -17.12 -29.23 -3.23
N LEU A 291 -18.40 -29.47 -2.87
CA LEU A 291 -19.36 -30.23 -3.68
C LEU A 291 -19.95 -29.45 -4.86
N SER A 292 -19.70 -28.13 -4.94
CA SER A 292 -20.21 -27.27 -6.00
C SER A 292 -19.40 -27.39 -7.31
N SER A 293 -18.27 -28.13 -7.31
CA SER A 293 -17.53 -28.28 -8.57
C SER A 293 -18.34 -29.09 -9.56
N SER A 294 -18.11 -28.86 -10.86
CA SER A 294 -18.76 -29.57 -11.95
C SER A 294 -18.60 -31.10 -11.80
N TYR A 295 -17.41 -31.58 -11.40
CA TYR A 295 -17.08 -33.01 -11.20
C TYR A 295 -18.00 -33.61 -10.15
N TRP A 296 -18.02 -33.05 -8.91
CA TRP A 296 -18.84 -33.62 -7.84
C TRP A 296 -20.34 -33.55 -8.14
N GLN A 297 -20.78 -32.51 -8.85
CA GLN A 297 -22.21 -32.39 -9.25
C GLN A 297 -22.60 -33.48 -10.25
N GLN A 298 -21.69 -33.83 -11.16
CA GLN A 298 -21.91 -34.85 -12.19
C GLN A 298 -21.90 -36.29 -11.63
N HIS A 299 -21.36 -36.51 -10.41
CA HIS A 299 -21.29 -37.83 -9.80
C HIS A 299 -22.24 -38.00 -8.58
N LEU A 300 -22.83 -36.90 -8.11
CA LEU A 300 -23.71 -36.89 -6.93
C LEU A 300 -25.00 -37.71 -7.12
N ILE A 301 -25.25 -38.63 -6.13
CA ILE A 301 -26.47 -39.44 -6.02
C ILE A 301 -27.42 -38.67 -5.07
N GLY A 302 -26.90 -38.35 -3.89
CA GLY A 302 -27.62 -37.66 -2.83
C GLY A 302 -27.06 -38.04 -1.48
N ALA A 303 -27.82 -37.76 -0.44
CA ALA A 303 -27.40 -38.03 0.93
C ALA A 303 -28.13 -39.21 1.55
N GLY A 304 -27.65 -39.64 2.71
CA GLY A 304 -28.23 -40.73 3.49
C GLY A 304 -28.05 -40.49 4.97
N ARG A 305 -29.15 -40.62 5.72
CA ARG A 305 -29.20 -40.42 7.17
C ARG A 305 -29.03 -41.77 7.90
N VAL A 306 -28.07 -41.86 8.83
CA VAL A 306 -27.80 -43.10 9.57
C VAL A 306 -28.89 -43.33 10.63
N LYS A 307 -29.18 -44.62 10.94
CA LYS A 307 -30.17 -45.03 11.95
C LYS A 307 -29.61 -44.84 13.35
N GLN A 308 -30.28 -43.99 14.16
CA GLN A 308 -29.87 -43.66 15.54
C GLN A 308 -30.91 -44.09 16.58
N THR B 16 -23.38 -32.09 -25.44
CA THR B 16 -23.28 -30.75 -24.88
C THR B 16 -21.85 -30.48 -24.40
N GLY B 17 -21.19 -29.50 -25.02
CA GLY B 17 -19.83 -29.08 -24.69
C GLY B 17 -19.69 -28.37 -23.36
N ASN B 19 -16.30 -26.62 -20.41
CA ASN B 19 -14.97 -26.04 -20.25
C ASN B 19 -14.20 -26.69 -19.07
N LEU B 20 -12.84 -26.81 -19.21
CA LEU B 20 -11.94 -27.39 -18.20
C LEU B 20 -11.78 -26.47 -17.01
N SER B 21 -11.79 -27.07 -15.80
CA SER B 21 -11.68 -26.31 -14.57
C SER B 21 -10.26 -25.95 -14.28
N ALA B 22 -10.05 -24.92 -13.42
CA ALA B 22 -8.73 -24.47 -12.99
C ALA B 22 -8.01 -25.56 -12.22
N GLU B 23 -8.74 -26.47 -11.55
CA GLU B 23 -8.19 -27.62 -10.82
C GLU B 23 -7.44 -28.59 -11.75
N VAL B 24 -7.94 -28.73 -12.96
CA VAL B 24 -7.33 -29.61 -13.96
C VAL B 24 -6.22 -28.86 -14.70
N LEU B 25 -6.53 -27.61 -15.13
CA LEU B 25 -5.66 -26.74 -15.89
C LEU B 25 -4.34 -26.44 -15.15
N LYS B 26 -4.28 -26.66 -13.81
CA LYS B 26 -3.02 -26.47 -13.09
C LYS B 26 -2.02 -27.59 -13.44
N HIS B 27 -2.52 -28.75 -13.94
CA HIS B 27 -1.69 -29.91 -14.32
C HIS B 27 -1.15 -29.84 -15.77
N GLN B 28 -1.54 -28.82 -16.58
CA GLN B 28 -1.14 -28.60 -17.98
C GLN B 28 0.39 -28.56 -18.18
N PRO B 29 1.22 -27.84 -17.40
CA PRO B 29 2.68 -27.87 -17.67
C PRO B 29 3.28 -29.27 -17.50
N VAL B 31 1.58 -32.19 -17.91
CA VAL B 31 1.01 -33.01 -18.98
C VAL B 31 1.87 -32.77 -20.25
N GLU B 32 2.08 -31.50 -20.64
CA GLU B 32 2.88 -31.07 -21.80
C GLU B 32 4.26 -31.69 -21.82
N LYS B 33 4.92 -31.76 -20.63
CA LYS B 33 6.21 -32.38 -20.42
C LYS B 33 6.17 -33.90 -20.80
N TYR B 34 5.32 -34.71 -20.11
CA TYR B 34 5.23 -36.15 -20.33
C TYR B 34 4.56 -36.48 -21.66
N ALA B 35 3.74 -35.56 -22.23
CA ALA B 35 3.14 -35.76 -23.56
C ALA B 35 4.23 -35.66 -24.64
N ARG B 36 5.21 -34.77 -24.42
CA ARG B 36 6.36 -34.54 -25.27
C ARG B 36 7.33 -35.74 -25.22
N GLU B 37 7.57 -36.29 -23.99
CA GLU B 37 8.45 -37.42 -23.74
C GLU B 37 7.92 -38.71 -24.38
N ASN B 38 6.58 -38.80 -24.60
CA ASN B 38 5.93 -39.96 -25.20
C ASN B 38 5.48 -39.72 -26.66
N GLY B 39 5.91 -38.61 -27.25
CA GLY B 39 5.63 -38.24 -28.63
C GLY B 39 4.17 -37.97 -28.97
N ILE B 40 3.39 -37.47 -28.00
CA ILE B 40 1.95 -37.21 -28.14
C ILE B 40 1.57 -35.75 -27.71
N SER B 41 2.43 -34.76 -28.01
CA SER B 41 2.20 -33.34 -27.69
C SER B 41 0.92 -32.77 -28.33
N GLU B 42 0.47 -33.39 -29.44
CA GLU B 42 -0.76 -32.94 -30.12
C GLU B 42 -2.01 -33.35 -29.34
N TYR B 43 -1.85 -34.19 -28.31
CA TYR B 43 -2.98 -34.73 -27.55
C TYR B 43 -3.05 -34.24 -26.10
N VAL B 44 -2.34 -33.16 -25.77
CA VAL B 44 -2.35 -32.59 -24.44
C VAL B 44 -3.83 -32.29 -23.97
N ASN B 45 -4.68 -31.75 -24.88
CA ASN B 45 -6.08 -31.39 -24.62
C ASN B 45 -6.92 -32.61 -24.26
N VAL B 46 -6.63 -33.75 -24.88
CA VAL B 46 -7.34 -35.01 -24.64
C VAL B 46 -6.94 -35.53 -23.26
N LEU B 47 -5.61 -35.47 -22.95
CA LEU B 47 -5.07 -35.89 -21.66
C LEU B 47 -5.64 -35.00 -20.54
N LEU B 48 -5.87 -33.71 -20.81
CA LEU B 48 -6.50 -32.83 -19.83
C LEU B 48 -7.99 -33.15 -19.66
N ALA B 49 -8.69 -33.46 -20.76
CA ALA B 49 -10.10 -33.87 -20.75
C ALA B 49 -10.28 -35.18 -19.94
N ILE B 50 -9.27 -36.08 -20.04
CA ILE B 50 -9.25 -37.35 -19.32
C ILE B 50 -9.04 -37.07 -17.79
N ILE B 51 -8.16 -36.12 -17.41
CA ILE B 51 -7.94 -35.78 -15.99
C ILE B 51 -9.26 -35.25 -15.40
N GLN B 52 -10.01 -34.45 -16.18
CA GLN B 52 -11.27 -33.86 -15.78
C GLN B 52 -12.31 -34.91 -15.46
N VAL B 53 -12.49 -35.83 -16.39
CA VAL B 53 -13.48 -36.89 -16.32
C VAL B 53 -13.11 -37.88 -15.18
N GLU B 54 -11.79 -38.18 -15.04
CA GLU B 54 -11.26 -39.16 -14.09
C GLU B 54 -11.26 -38.69 -12.65
N SER B 55 -10.84 -37.43 -12.37
CA SER B 55 -10.68 -36.99 -10.99
C SER B 55 -11.11 -35.56 -10.75
N GLY B 56 -11.45 -34.83 -11.80
CA GLY B 56 -11.76 -33.41 -11.67
C GLY B 56 -10.48 -32.65 -11.34
N GLY B 57 -9.34 -33.31 -11.54
CA GLY B 57 -8.00 -32.80 -11.23
C GLY B 57 -7.68 -32.59 -9.75
N THR B 58 -8.52 -33.13 -8.82
CA THR B 58 -8.39 -32.95 -7.37
C THR B 58 -7.85 -34.19 -6.60
N ALA B 59 -7.73 -35.34 -7.25
CA ALA B 59 -7.19 -36.53 -6.61
C ALA B 59 -5.69 -36.60 -6.88
N GLU B 60 -4.90 -37.09 -5.91
CA GLU B 60 -3.44 -37.24 -6.05
C GLU B 60 -3.13 -38.00 -7.37
N ASP B 61 -3.81 -39.14 -7.62
CA ASP B 61 -3.70 -39.91 -8.87
C ASP B 61 -4.65 -39.21 -9.87
N VAL B 62 -4.23 -38.02 -10.39
CA VAL B 62 -5.05 -37.17 -11.27
C VAL B 62 -5.59 -37.87 -12.52
N GLN B 64 -5.92 -41.21 -12.76
CA GLN B 64 -6.43 -42.51 -12.30
CA GLN B 64 -6.46 -42.51 -12.34
C GLN B 64 -5.78 -43.62 -13.14
N SER B 65 -4.45 -43.54 -13.27
CA SER B 65 -3.62 -44.45 -14.06
C SER B 65 -2.97 -45.57 -13.23
N SER B 66 -3.28 -45.69 -11.91
CA SER B 66 -2.74 -46.75 -11.06
C SER B 66 -3.10 -48.17 -11.58
N GLU B 67 -4.38 -48.40 -11.95
CA GLU B 67 -4.89 -49.69 -12.43
C GLU B 67 -4.21 -50.15 -13.73
N SER B 68 -3.86 -49.18 -14.63
CA SER B 68 -3.15 -49.45 -15.90
C SER B 68 -1.75 -50.01 -15.63
N LEU B 69 -1.21 -49.77 -14.44
CA LEU B 69 0.10 -50.23 -14.01
C LEU B 69 -0.03 -51.46 -13.09
N GLY B 70 -1.25 -52.02 -13.04
CA GLY B 70 -1.58 -53.19 -12.23
C GLY B 70 -1.41 -52.96 -10.74
N LEU B 71 -1.68 -51.72 -10.32
CA LEU B 71 -1.55 -51.28 -8.94
C LEU B 71 -2.94 -51.02 -8.34
N PRO B 72 -3.11 -51.08 -6.98
CA PRO B 72 -4.43 -50.77 -6.41
C PRO B 72 -4.89 -49.33 -6.73
N PRO B 73 -6.20 -49.04 -6.74
CA PRO B 73 -6.63 -47.67 -7.03
C PRO B 73 -5.98 -46.63 -6.10
N ASN B 74 -5.65 -45.45 -6.66
CA ASN B 74 -5.05 -44.27 -6.00
C ASN B 74 -3.73 -44.59 -5.31
N SER B 75 -2.84 -45.31 -6.01
CA SER B 75 -1.51 -45.67 -5.50
C SER B 75 -0.47 -44.64 -5.91
N LEU B 76 -0.60 -44.07 -7.12
CA LEU B 76 0.38 -43.14 -7.68
C LEU B 76 0.24 -41.68 -7.20
N ASP B 77 1.38 -41.00 -7.05
CA ASP B 77 1.43 -39.58 -6.74
C ASP B 77 1.12 -38.83 -8.06
N THR B 78 0.98 -37.50 -8.00
CA THR B 78 0.57 -36.69 -9.16
C THR B 78 1.52 -36.84 -10.36
N GLU B 79 2.83 -36.69 -10.14
CA GLU B 79 3.84 -36.78 -11.19
C GLU B 79 3.85 -38.17 -11.85
N SER B 80 3.84 -39.24 -11.02
CA SER B 80 3.80 -40.64 -11.46
C SER B 80 2.48 -40.95 -12.21
N SER B 81 1.38 -40.34 -11.79
CA SER B 81 0.07 -40.50 -12.42
C SER B 81 0.05 -39.92 -13.84
N ILE B 82 0.59 -38.67 -14.03
CA ILE B 82 0.65 -38.01 -15.34
C ILE B 82 1.64 -38.76 -16.23
N LYS B 83 2.79 -39.19 -15.67
CA LYS B 83 3.80 -39.96 -16.39
C LYS B 83 3.20 -41.26 -16.92
N GLN B 84 2.52 -42.04 -16.04
CA GLN B 84 1.90 -43.32 -16.43
C GLN B 84 0.72 -43.13 -17.39
N GLY B 85 -0.12 -42.11 -17.16
CA GLY B 85 -1.27 -41.83 -18.00
C GLY B 85 -0.87 -41.49 -19.43
N CYS B 86 0.16 -40.65 -19.59
CA CYS B 86 0.70 -40.25 -20.88
C CYS B 86 1.30 -41.43 -21.62
N LYS B 87 2.11 -42.23 -20.90
CA LYS B 87 2.78 -43.45 -21.39
C LYS B 87 1.74 -44.47 -21.88
N TYR B 88 0.67 -44.64 -21.08
CA TYR B 88 -0.44 -45.56 -21.33
C TYR B 88 -1.25 -45.13 -22.56
N PHE B 89 -1.58 -43.84 -22.65
CA PHE B 89 -2.35 -43.27 -23.77
C PHE B 89 -1.54 -43.38 -25.08
N ALA B 90 -0.22 -43.14 -25.00
CA ALA B 90 0.70 -43.29 -26.14
C ALA B 90 0.71 -44.74 -26.66
N SER B 91 0.67 -45.73 -25.74
CA SER B 91 0.65 -47.15 -26.10
C SER B 91 -0.70 -47.54 -26.77
N LEU B 92 -1.81 -46.90 -26.38
CA LEU B 92 -3.12 -47.18 -26.99
C LEU B 92 -3.18 -46.62 -28.42
N LEU B 93 -2.54 -45.48 -28.67
CA LEU B 93 -2.42 -44.87 -30.00
C LEU B 93 -1.52 -45.73 -30.89
N SER B 94 -0.42 -46.28 -30.31
CA SER B 94 0.49 -47.17 -31.02
C SER B 94 -0.21 -48.45 -31.41
N SER B 95 -0.93 -49.06 -30.44
CA SER B 95 -1.69 -50.27 -30.65
C SER B 95 -2.72 -50.07 -31.76
N SER B 96 -3.34 -48.87 -31.82
CA SER B 96 -4.30 -48.46 -32.85
C SER B 96 -3.65 -48.40 -34.23
N LYS B 97 -2.56 -47.61 -34.39
CA LYS B 97 -1.79 -47.46 -35.64
C LYS B 97 -1.34 -48.82 -36.20
N ASN B 98 -0.84 -49.72 -35.32
CA ASN B 98 -0.38 -51.07 -35.67
C ASN B 98 -1.52 -51.99 -36.16
N GLN B 99 -2.75 -51.75 -35.69
CA GLN B 99 -3.93 -52.54 -36.04
C GLN B 99 -4.77 -51.86 -37.13
N GLY B 100 -4.23 -50.79 -37.71
CA GLY B 100 -4.85 -50.06 -38.82
C GLY B 100 -5.95 -49.06 -38.46
N ILE B 101 -5.98 -48.59 -37.20
CA ILE B 101 -6.98 -47.65 -36.73
C ILE B 101 -6.41 -46.21 -36.73
N ASP B 102 -7.17 -45.27 -37.30
CA ASP B 102 -6.86 -43.84 -37.41
C ASP B 102 -7.63 -43.01 -36.38
N ASP B 103 -8.77 -43.53 -35.92
CA ASP B 103 -9.71 -42.92 -34.99
C ASP B 103 -9.18 -42.81 -33.52
N LEU B 104 -9.04 -41.55 -33.06
CA LEU B 104 -8.65 -41.17 -31.70
C LEU B 104 -9.65 -41.72 -30.63
N ASN B 105 -10.96 -41.82 -30.94
CA ASN B 105 -11.97 -42.33 -30.01
C ASN B 105 -11.70 -43.76 -29.53
N VAL B 106 -11.02 -44.57 -30.35
CA VAL B 106 -10.66 -45.94 -29.97
C VAL B 106 -9.66 -45.89 -28.79
N ALA B 107 -8.67 -44.97 -28.82
CA ALA B 107 -7.70 -44.81 -27.72
C ALA B 107 -8.37 -44.18 -26.50
N ILE B 108 -9.21 -43.16 -26.69
CA ILE B 108 -10.02 -42.58 -25.61
C ILE B 108 -10.85 -43.69 -24.90
N GLN B 109 -11.68 -44.48 -25.62
CA GLN B 109 -12.46 -45.56 -24.99
C GLN B 109 -11.58 -46.62 -24.35
N SER B 110 -10.44 -46.93 -25.00
CA SER B 110 -9.48 -47.89 -24.48
C SER B 110 -8.81 -47.43 -23.18
N TYR B 111 -8.76 -46.10 -22.91
CA TYR B 111 -8.21 -45.61 -21.64
C TYR B 111 -9.07 -46.18 -20.48
N ASN B 112 -10.39 -46.21 -20.68
CA ASN B 112 -11.37 -46.72 -19.72
C ASN B 112 -11.49 -48.27 -19.75
N TYR B 113 -11.55 -48.86 -20.96
CA TYR B 113 -11.77 -50.29 -21.18
C TYR B 113 -10.52 -51.17 -21.16
N GLY B 114 -9.35 -50.59 -21.44
CA GLY B 114 -8.10 -51.34 -21.59
C GLY B 114 -7.84 -51.54 -23.07
N GLY B 115 -6.62 -51.92 -23.41
CA GLY B 115 -6.15 -52.12 -24.78
C GLY B 115 -6.88 -53.12 -25.65
N GLY B 116 -7.60 -54.05 -25.03
CA GLY B 116 -8.42 -55.07 -25.70
C GLY B 116 -9.52 -54.47 -26.57
N TYR B 117 -9.90 -53.19 -26.35
CA TYR B 117 -10.97 -52.53 -27.16
C TYR B 117 -10.43 -52.10 -28.54
N VAL B 118 -9.11 -51.83 -28.63
CA VAL B 118 -8.44 -51.52 -29.88
C VAL B 118 -8.57 -52.76 -30.81
N GLY B 119 -8.22 -53.94 -30.28
CA GLY B 119 -8.30 -55.20 -31.00
C GLY B 119 -9.69 -55.56 -31.51
N TYR B 120 -10.67 -55.38 -30.62
CA TYR B 120 -12.09 -55.60 -30.83
C TYR B 120 -12.61 -54.69 -31.97
N VAL B 121 -12.22 -53.44 -32.00
CA VAL B 121 -12.67 -52.49 -33.03
C VAL B 121 -11.94 -52.74 -34.37
N ALA B 122 -10.64 -53.08 -34.34
CA ALA B 122 -9.83 -53.28 -35.54
C ALA B 122 -10.37 -54.39 -36.43
N GLY B 123 -10.97 -55.41 -35.84
CA GLY B 123 -11.56 -56.51 -36.60
C GLY B 123 -13.04 -56.32 -36.89
N LYS B 124 -13.61 -55.17 -36.51
CA LYS B 124 -15.03 -54.84 -36.70
C LYS B 124 -15.24 -53.41 -37.30
N GLY B 125 -14.42 -53.03 -38.30
CA GLY B 125 -14.59 -51.74 -38.98
C GLY B 125 -13.55 -50.64 -38.78
N LYS B 126 -12.63 -50.80 -37.79
CA LYS B 126 -11.52 -49.87 -37.46
C LYS B 126 -12.00 -48.52 -36.86
N LYS B 127 -13.31 -48.34 -36.60
CA LYS B 127 -13.82 -47.10 -36.03
C LYS B 127 -14.63 -47.35 -34.76
N HIS B 128 -14.43 -46.52 -33.73
CA HIS B 128 -15.21 -46.56 -32.50
C HIS B 128 -16.65 -46.15 -32.82
N THR B 129 -17.63 -46.87 -32.27
CA THR B 129 -19.06 -46.56 -32.32
C THR B 129 -19.62 -46.84 -30.92
N PHE B 130 -20.66 -46.08 -30.50
CA PHE B 130 -21.29 -46.36 -29.21
C PHE B 130 -21.76 -47.86 -29.12
N ASN B 131 -22.26 -48.39 -30.24
CA ASN B 131 -22.75 -49.76 -30.34
C ASN B 131 -21.66 -50.78 -30.10
N LEU B 132 -20.41 -50.51 -30.55
CA LEU B 132 -19.26 -51.38 -30.34
C LEU B 132 -18.84 -51.33 -28.88
N ALA B 133 -18.85 -50.13 -28.24
CA ALA B 133 -18.52 -49.96 -26.80
C ALA B 133 -19.56 -50.67 -25.94
N GLU B 134 -20.81 -50.55 -26.33
CA GLU B 134 -21.91 -51.17 -25.62
C GLU B 134 -21.80 -52.70 -25.70
N SER B 135 -21.48 -53.27 -26.89
CA SER B 135 -21.39 -54.72 -27.08
C SER B 135 -20.12 -55.27 -26.40
N PHE B 136 -19.05 -54.50 -26.34
CA PHE B 136 -17.83 -54.89 -25.64
C PHE B 136 -18.12 -55.00 -24.12
N ALA B 137 -18.78 -53.98 -23.54
CA ALA B 137 -19.15 -53.94 -22.12
C ALA B 137 -20.16 -55.05 -21.78
N ARG B 138 -21.12 -55.32 -22.69
CA ARG B 138 -22.12 -56.38 -22.53
C ARG B 138 -21.46 -57.76 -22.42
N GLU B 139 -20.42 -58.02 -23.24
CA GLU B 139 -19.66 -59.26 -23.25
C GLU B 139 -18.86 -59.41 -21.97
N LYS B 140 -18.08 -58.40 -21.62
CA LYS B 140 -17.18 -58.40 -20.46
C LYS B 140 -17.93 -58.37 -19.12
N SER B 141 -19.17 -57.88 -19.09
CA SER B 141 -19.96 -57.81 -17.86
C SER B 141 -20.71 -59.10 -17.58
N GLY B 142 -20.87 -59.94 -18.61
CA GLY B 142 -21.63 -61.18 -18.55
C GLY B 142 -23.13 -60.90 -18.60
N GLY B 143 -23.50 -59.82 -19.29
CA GLY B 143 -24.87 -59.35 -19.41
C GLY B 143 -25.47 -58.80 -18.13
N LYS B 144 -24.65 -58.12 -17.32
CA LYS B 144 -25.10 -57.54 -16.04
C LYS B 144 -25.20 -56.02 -16.14
N LYS B 145 -26.33 -55.45 -15.70
CA LYS B 145 -26.58 -54.01 -15.76
C LYS B 145 -26.39 -53.36 -14.42
N VAL B 146 -26.06 -52.07 -14.43
CA VAL B 146 -25.85 -51.26 -13.24
C VAL B 146 -26.45 -49.88 -13.54
N THR B 147 -27.07 -49.25 -12.53
CA THR B 147 -27.69 -47.93 -12.62
C THR B 147 -26.59 -46.91 -12.95
N TYR B 148 -26.88 -45.97 -13.85
CA TYR B 148 -25.99 -44.91 -14.28
C TYR B 148 -26.84 -43.68 -14.61
N THR B 149 -26.87 -42.71 -13.68
CA THR B 149 -27.80 -41.58 -13.83
C THR B 149 -27.20 -40.33 -14.50
N ASN B 150 -26.09 -40.45 -15.23
CA ASN B 150 -25.58 -39.29 -15.98
C ASN B 150 -26.63 -38.93 -17.05
N PRO B 151 -26.99 -37.64 -17.27
CA PRO B 151 -28.08 -37.30 -18.22
C PRO B 151 -27.91 -37.90 -19.63
N ILE B 152 -26.66 -38.10 -20.10
CA ILE B 152 -26.36 -38.72 -21.40
C ILE B 152 -26.94 -40.17 -21.43
N ALA B 153 -26.77 -40.92 -20.32
CA ALA B 153 -27.26 -42.29 -20.18
C ALA B 153 -28.75 -42.31 -20.00
N VAL B 154 -29.30 -41.43 -19.17
CA VAL B 154 -30.74 -41.32 -18.90
C VAL B 154 -31.48 -41.11 -20.26
N ALA B 155 -31.01 -40.14 -21.06
CA ALA B 155 -31.59 -39.82 -22.36
C ALA B 155 -31.48 -40.99 -23.33
N LYS B 156 -30.34 -41.70 -23.31
CA LYS B 156 -30.06 -42.80 -24.22
C LYS B 156 -30.84 -44.09 -23.93
N ASN B 157 -30.86 -44.58 -22.68
CA ASN B 157 -31.52 -45.89 -22.47
C ASN B 157 -32.35 -45.97 -21.19
N GLY B 158 -32.43 -44.86 -20.47
CA GLY B 158 -33.17 -44.79 -19.22
C GLY B 158 -32.28 -44.57 -18.01
N GLY B 159 -30.98 -44.79 -18.21
CA GLY B 159 -30.00 -44.57 -17.15
C GLY B 159 -29.35 -45.82 -16.63
N TRP B 160 -28.71 -46.57 -17.53
CA TRP B 160 -27.97 -47.75 -17.11
C TRP B 160 -26.78 -47.98 -18.01
N ARG B 161 -25.90 -48.88 -17.58
CA ARG B 161 -24.76 -49.33 -18.35
C ARG B 161 -24.49 -50.81 -18.08
N TRP B 162 -23.87 -51.49 -19.03
CA TRP B 162 -23.41 -52.85 -18.84
C TRP B 162 -22.28 -52.75 -17.83
N ASN B 163 -22.31 -53.64 -16.83
CA ASN B 163 -21.38 -53.61 -15.69
C ASN B 163 -19.88 -53.90 -16.07
N TYR B 164 -19.28 -53.01 -16.86
CA TYR B 164 -17.87 -53.07 -17.29
C TYR B 164 -17.47 -51.71 -17.82
N GLY B 165 -16.43 -51.13 -17.23
CA GLY B 165 -15.94 -49.81 -17.61
C GLY B 165 -17.09 -48.83 -17.66
N ASN B 166 -17.05 -47.90 -18.60
CA ASN B 166 -18.09 -46.90 -18.83
C ASN B 166 -18.31 -46.80 -20.34
N PHE B 168 -20.17 -44.97 -22.00
CA PHE B 168 -20.40 -43.58 -22.40
C PHE B 168 -19.13 -42.71 -22.28
N TYR B 169 -17.95 -43.34 -22.06
CA TYR B 169 -16.68 -42.66 -21.79
C TYR B 169 -16.26 -41.66 -22.87
N VAL B 170 -16.34 -42.04 -24.14
CA VAL B 170 -15.92 -41.23 -25.29
C VAL B 170 -16.69 -39.90 -25.30
N GLU B 171 -17.98 -39.99 -25.08
CA GLU B 171 -18.95 -38.89 -25.06
C GLU B 171 -18.67 -37.96 -23.85
N LEU B 172 -18.29 -38.54 -22.71
CA LEU B 172 -17.92 -37.81 -21.49
C LEU B 172 -16.62 -37.02 -21.69
N VAL B 173 -15.58 -37.64 -22.31
CA VAL B 173 -14.28 -37.01 -22.56
C VAL B 173 -14.45 -35.95 -23.64
N ASN B 174 -15.26 -36.24 -24.68
CA ASN B 174 -15.53 -35.29 -25.77
C ASN B 174 -16.38 -34.06 -25.33
N GLN B 175 -16.97 -34.07 -24.11
CA GLN B 175 -17.70 -32.91 -23.55
C GLN B 175 -16.74 -31.76 -23.34
N TYR B 176 -15.45 -32.07 -23.08
CA TYR B 176 -14.39 -31.10 -22.78
C TYR B 176 -13.43 -30.91 -23.96
N LEU B 177 -13.81 -31.36 -25.18
CA LEU B 177 -12.98 -31.25 -26.40
C LEU B 177 -13.72 -30.50 -27.55
N THR B 178 -14.74 -29.70 -27.21
CA THR B 178 -15.53 -28.90 -28.16
C THR B 178 -14.87 -27.55 -28.42
N SER B 183 -13.29 -17.03 -29.12
CA SER B 183 -12.14 -16.17 -28.81
C SER B 183 -11.61 -15.51 -30.08
N GLY B 184 -11.23 -14.23 -29.96
CA GLY B 184 -10.70 -13.42 -31.06
C GLY B 184 -9.20 -13.54 -31.27
N GLU B 185 -8.66 -12.72 -32.19
CA GLU B 185 -7.23 -12.71 -32.54
C GLU B 185 -6.39 -12.20 -31.37
N LEU B 186 -6.85 -11.13 -30.69
CA LEU B 186 -6.14 -10.56 -29.54
C LEU B 186 -6.04 -11.58 -28.40
N ALA B 187 -7.17 -12.21 -28.01
CA ALA B 187 -7.23 -13.22 -26.96
C ALA B 187 -6.25 -14.39 -27.23
N GLN B 188 -6.18 -14.86 -28.49
CA GLN B 188 -5.31 -15.95 -28.95
C GLN B 188 -3.83 -15.55 -28.86
N LYS B 189 -3.47 -14.32 -29.31
CA LYS B 189 -2.08 -13.80 -29.29
C LYS B 189 -1.57 -13.60 -27.86
N VAL B 190 -2.41 -13.02 -26.99
CA VAL B 190 -2.08 -12.75 -25.59
C VAL B 190 -1.90 -14.08 -24.84
N ASN B 192 -1.28 -17.19 -26.13
CA ASN B 192 -0.16 -17.99 -26.66
C ASN B 192 1.17 -17.62 -26.00
N GLU B 193 1.32 -16.34 -25.66
CA GLU B 193 2.45 -15.79 -24.93
C GLU B 193 2.32 -16.07 -23.40
N ALA B 194 1.15 -15.81 -22.80
CA ALA B 194 0.90 -15.98 -21.35
C ALA B 194 1.10 -17.42 -20.87
N LEU B 195 0.71 -18.42 -21.70
CA LEU B 195 0.80 -19.84 -21.38
C LEU B 195 2.23 -20.38 -21.36
N LYS B 196 3.21 -19.58 -21.82
CA LYS B 196 4.62 -19.95 -21.78
C LYS B 196 5.11 -19.88 -20.34
N TYR B 197 4.39 -19.16 -19.47
CA TYR B 197 4.79 -18.91 -18.09
C TYR B 197 3.90 -19.62 -17.11
N GLN B 198 3.15 -20.63 -17.57
CA GLN B 198 2.25 -21.37 -16.69
C GLN B 198 3.09 -22.18 -15.68
N GLY B 199 2.78 -21.99 -14.40
CA GLY B 199 3.47 -22.67 -13.30
C GLY B 199 4.70 -21.93 -12.80
N TRP B 200 5.04 -20.79 -13.42
CA TRP B 200 6.19 -19.95 -13.03
C TRP B 200 5.94 -19.28 -11.69
N LYS B 201 7.00 -18.99 -10.96
CA LYS B 201 6.92 -18.33 -9.65
C LYS B 201 6.66 -16.84 -9.84
N TYR B 202 5.69 -16.29 -9.08
CA TYR B 202 5.40 -14.85 -9.05
C TYR B 202 6.62 -14.11 -8.53
N VAL B 203 7.02 -13.04 -9.25
CA VAL B 203 8.13 -12.19 -8.83
C VAL B 203 7.61 -10.76 -8.81
N TYR B 204 7.62 -10.13 -7.62
CA TYR B 204 7.17 -8.75 -7.44
C TYR B 204 8.04 -7.81 -8.28
N GLY B 205 7.38 -7.00 -9.11
CA GLY B 205 8.06 -6.04 -9.96
C GLY B 205 8.52 -6.56 -11.31
N GLY B 206 8.31 -7.87 -11.53
CA GLY B 206 8.68 -8.54 -12.77
C GLY B 206 7.77 -8.22 -13.92
N SER B 207 8.37 -7.88 -15.10
CA SER B 207 7.61 -7.53 -16.30
C SER B 207 8.20 -8.14 -17.58
N ASN B 208 9.07 -9.15 -17.47
CA ASN B 208 9.66 -9.83 -18.65
C ASN B 208 10.08 -11.30 -18.31
N PRO B 209 10.28 -12.17 -19.32
CA PRO B 209 10.61 -13.58 -19.02
C PRO B 209 11.97 -13.83 -18.33
N ASN B 210 12.87 -12.82 -18.29
CA ASN B 210 14.18 -12.97 -17.63
C ASN B 210 14.09 -12.79 -16.11
N THR B 211 13.05 -12.10 -15.62
CA THR B 211 12.83 -11.86 -14.18
C THR B 211 11.58 -12.58 -13.64
N SER B 212 10.74 -13.11 -14.55
CA SER B 212 9.39 -13.66 -14.32
C SER B 212 8.47 -12.46 -14.11
N PHE B 213 7.23 -12.66 -13.67
CA PHE B 213 6.27 -11.57 -13.64
C PHE B 213 5.46 -11.42 -12.36
N ASP B 214 4.86 -10.23 -12.22
CA ASP B 214 3.81 -9.94 -11.26
C ASP B 214 2.50 -9.82 -12.10
N SER B 216 0.39 -7.27 -13.18
CA SER B 216 0.37 -6.23 -14.21
C SER B 216 1.57 -6.30 -15.17
N GLY B 217 2.66 -6.93 -14.70
CA GLY B 217 3.84 -7.19 -15.52
C GLY B 217 3.55 -8.26 -16.58
N LEU B 218 2.73 -9.28 -16.20
CA LEU B 218 2.31 -10.33 -17.11
C LEU B 218 1.39 -9.77 -18.21
N THR B 219 0.37 -8.97 -17.83
CA THR B 219 -0.56 -8.39 -18.80
C THR B 219 0.18 -7.44 -19.75
N GLN B 220 1.04 -6.56 -19.23
CA GLN B 220 1.78 -5.62 -20.04
C GLN B 220 2.63 -6.34 -21.12
N TRP B 221 3.38 -7.39 -20.71
CA TRP B 221 4.26 -8.15 -21.59
C TRP B 221 3.49 -8.88 -22.70
N CYS B 222 2.48 -9.66 -22.32
CA CYS B 222 1.69 -10.48 -23.21
C CYS B 222 0.84 -9.65 -24.16
N TYR B 223 0.25 -8.53 -23.69
CA TYR B 223 -0.52 -7.64 -24.58
C TYR B 223 0.46 -6.88 -25.50
N GLY B 224 1.67 -6.60 -25.00
CA GLY B 224 2.76 -5.97 -25.75
C GLY B 224 3.17 -6.82 -26.95
N LYS B 225 3.18 -8.16 -26.76
CA LYS B 225 3.48 -9.16 -27.79
C LYS B 225 2.32 -9.29 -28.80
N ALA B 226 1.11 -8.90 -28.37
CA ALA B 226 -0.10 -8.86 -29.19
C ALA B 226 -0.26 -7.49 -29.90
N GLY B 227 0.68 -6.58 -29.67
CA GLY B 227 0.70 -5.25 -30.28
C GLY B 227 -0.07 -4.17 -29.57
N ILE B 228 -0.31 -4.34 -28.25
CA ILE B 228 -1.05 -3.35 -27.46
C ILE B 228 -0.18 -2.86 -26.29
N SER B 229 0.07 -1.56 -26.29
CA SER B 229 0.87 -0.95 -25.23
C SER B 229 -0.03 -0.62 -24.01
N LEU B 230 0.21 -1.34 -22.92
CA LEU B 230 -0.48 -1.17 -21.64
C LEU B 230 0.44 -0.48 -20.63
N PRO B 231 -0.08 0.38 -19.70
CA PRO B 231 0.78 0.92 -18.65
C PRO B 231 1.25 -0.15 -17.66
N ARG B 232 2.18 0.20 -16.79
CA ARG B 232 2.84 -0.73 -15.88
C ARG B 232 1.95 -1.27 -14.72
N THR B 233 1.18 -0.40 -14.04
CA THR B 233 0.41 -0.81 -12.87
C THR B 233 -1.01 -1.26 -13.19
N ALA B 234 -1.60 -2.08 -12.30
CA ALA B 234 -2.96 -2.58 -12.40
C ALA B 234 -3.95 -1.39 -12.41
N GLN B 235 -3.70 -0.34 -11.57
CA GLN B 235 -4.53 0.90 -11.48
C GLN B 235 -4.49 1.64 -12.82
N ALA B 236 -3.26 1.88 -13.34
CA ALA B 236 -3.04 2.54 -14.62
C ALA B 236 -3.67 1.77 -15.79
N GLN B 237 -3.65 0.41 -15.73
CA GLN B 237 -4.25 -0.47 -16.75
C GLN B 237 -5.77 -0.38 -16.70
N TYR B 238 -6.35 -0.29 -15.49
CA TYR B 238 -7.78 -0.09 -15.26
C TYR B 238 -8.21 1.27 -15.82
N ASP B 239 -7.42 2.35 -15.55
CA ASP B 239 -7.71 3.70 -16.04
C ASP B 239 -7.64 3.82 -17.55
N ALA B 240 -6.85 2.95 -18.21
CA ALA B 240 -6.63 2.97 -19.66
C ALA B 240 -7.65 2.10 -20.45
N THR B 241 -8.57 1.41 -19.76
CA THR B 241 -9.54 0.56 -20.44
C THR B 241 -10.97 1.10 -20.32
N GLN B 242 -11.86 0.66 -21.23
CA GLN B 242 -13.28 0.95 -21.22
C GLN B 242 -13.89 -0.08 -20.29
N HIS B 243 -14.57 0.34 -19.23
CA HIS B 243 -15.10 -0.58 -18.22
C HIS B 243 -16.46 -1.16 -18.59
N LEU B 244 -16.67 -2.38 -18.17
CA LEU B 244 -17.89 -3.15 -18.43
C LEU B 244 -18.02 -4.30 -17.41
N PRO B 245 -19.26 -4.71 -17.02
CA PRO B 245 -19.36 -5.81 -16.03
C PRO B 245 -18.81 -7.12 -16.61
N LEU B 246 -18.34 -8.03 -15.75
CA LEU B 246 -17.78 -9.31 -16.16
C LEU B 246 -18.78 -10.18 -16.98
N SER B 247 -20.09 -9.97 -16.82
CA SER B 247 -21.14 -10.68 -17.55
C SER B 247 -21.15 -10.32 -19.03
N GLN B 248 -20.63 -9.12 -19.37
CA GLN B 248 -20.58 -8.62 -20.76
C GLN B 248 -19.16 -8.77 -21.33
N ALA B 249 -18.21 -9.19 -20.50
CA ALA B 249 -16.81 -9.33 -20.87
C ALA B 249 -16.58 -10.54 -21.77
N LYS B 250 -15.49 -10.47 -22.55
CA LYS B 250 -15.05 -11.51 -23.48
C LYS B 250 -13.62 -11.90 -23.17
N ALA B 251 -13.19 -13.05 -23.68
CA ALA B 251 -11.81 -13.50 -23.60
C ALA B 251 -10.90 -12.41 -24.22
N GLY B 252 -9.85 -12.04 -23.51
CA GLY B 252 -8.95 -10.98 -23.96
C GLY B 252 -9.18 -9.67 -23.23
N ASP B 253 -10.31 -9.56 -22.50
CA ASP B 253 -10.56 -8.38 -21.67
C ASP B 253 -9.77 -8.56 -20.37
N LEU B 254 -9.58 -7.47 -19.63
CA LEU B 254 -8.89 -7.54 -18.35
C LEU B 254 -9.90 -7.62 -17.22
N VAL B 255 -9.56 -8.35 -16.14
CA VAL B 255 -10.40 -8.44 -14.94
C VAL B 255 -9.67 -7.73 -13.83
N PHE B 256 -10.37 -6.85 -13.10
CA PHE B 256 -9.75 -6.06 -12.03
C PHE B 256 -10.33 -6.37 -10.65
N PHE B 257 -9.48 -6.28 -9.64
CA PHE B 257 -9.84 -6.59 -8.24
C PHE B 257 -9.33 -5.51 -7.29
N HIS B 258 -10.04 -5.34 -6.18
CA HIS B 258 -9.70 -4.40 -5.10
C HIS B 258 -9.28 -5.17 -3.87
N SER B 259 -8.63 -4.47 -2.93
CA SER B 259 -8.21 -4.83 -1.57
C SER B 259 -7.64 -6.25 -1.43
N THR B 260 -6.86 -6.76 -2.42
CA THR B 260 -6.30 -8.13 -2.33
C THR B 260 -5.11 -8.17 -1.37
N TYR B 261 -4.44 -7.04 -1.17
CA TYR B 261 -3.32 -6.85 -0.23
C TYR B 261 -3.26 -5.36 0.11
N ASN B 262 -2.43 -4.96 1.10
CA ASN B 262 -2.25 -3.56 1.52
C ASN B 262 -1.57 -2.75 0.42
N ALA B 263 -2.36 -1.92 -0.25
CA ALA B 263 -1.94 -1.07 -1.38
C ALA B 263 -2.68 0.28 -1.33
N GLY B 264 -2.07 1.30 -1.92
CA GLY B 264 -2.59 2.66 -1.92
C GLY B 264 -3.65 2.94 -2.97
N SER B 265 -3.81 2.02 -3.93
CA SER B 265 -4.76 2.25 -5.02
C SER B 265 -6.03 1.38 -4.90
N TYR B 266 -7.09 1.77 -5.61
CA TYR B 266 -8.37 1.07 -5.66
C TYR B 266 -8.15 -0.34 -6.20
N VAL B 267 -7.51 -0.44 -7.38
CA VAL B 267 -7.14 -1.66 -8.06
C VAL B 267 -5.86 -2.20 -7.44
N THR B 268 -5.92 -3.44 -6.92
CA THR B 268 -4.76 -4.09 -6.32
C THR B 268 -4.34 -5.30 -7.15
N HIS B 269 -5.20 -5.77 -8.06
CA HIS B 269 -4.95 -6.96 -8.87
C HIS B 269 -5.64 -6.90 -10.22
N VAL B 270 -4.96 -7.44 -11.23
CA VAL B 270 -5.45 -7.56 -12.59
C VAL B 270 -5.11 -8.95 -13.11
N GLY B 271 -6.00 -9.49 -13.95
CA GLY B 271 -5.92 -10.77 -14.64
C GLY B 271 -6.44 -10.70 -16.06
N ILE B 272 -6.21 -11.75 -16.84
CA ILE B 272 -6.67 -11.86 -18.23
C ILE B 272 -7.93 -12.68 -18.20
N TYR B 273 -9.06 -12.14 -18.66
CA TYR B 273 -10.31 -12.90 -18.71
C TYR B 273 -10.24 -13.89 -19.88
N VAL B 274 -10.56 -15.16 -19.63
CA VAL B 274 -10.49 -16.19 -20.67
C VAL B 274 -11.88 -16.76 -20.95
N GLY B 275 -12.93 -16.10 -20.47
CA GLY B 275 -14.30 -16.57 -20.64
C GLY B 275 -14.68 -17.57 -19.58
N ASN B 276 -15.94 -18.04 -19.60
CA ASN B 276 -16.53 -19.03 -18.68
C ASN B 276 -16.17 -18.80 -17.18
N ASN B 277 -16.25 -17.52 -16.75
CA ASN B 277 -16.00 -17.08 -15.37
C ASN B 277 -14.60 -17.49 -14.84
N GLN B 278 -13.60 -17.45 -15.70
CA GLN B 278 -12.26 -17.79 -15.28
C GLN B 278 -11.25 -16.84 -15.88
N TYR B 280 -6.71 -15.98 -16.31
CA TYR B 280 -5.31 -16.37 -16.31
C TYR B 280 -4.60 -15.19 -15.69
N HIS B 281 -3.83 -15.43 -14.66
CA HIS B 281 -3.19 -14.32 -13.97
C HIS B 281 -1.89 -14.73 -13.30
N ALA B 282 -1.20 -13.73 -12.76
CA ALA B 282 -0.02 -13.83 -11.93
C ALA B 282 -0.40 -13.26 -10.54
N GLY B 283 -0.89 -14.09 -9.61
CA GLY B 283 -1.00 -15.53 -9.67
C GLY B 283 0.29 -16.16 -9.18
N ASP B 284 0.19 -17.12 -8.25
CA ASP B 284 1.40 -17.76 -7.70
C ASP B 284 1.15 -19.24 -7.37
N PRO B 285 1.50 -20.19 -8.24
CA PRO B 285 2.16 -20.02 -9.55
C PRO B 285 1.26 -19.38 -10.61
N ILE B 286 1.87 -18.78 -11.66
CA ILE B 286 1.12 -18.17 -12.78
C ILE B 286 0.19 -19.26 -13.38
N GLY B 287 -1.07 -18.90 -13.60
CA GLY B 287 -2.02 -19.86 -14.17
C GLY B 287 -3.45 -19.40 -14.14
N TYR B 288 -4.35 -20.38 -14.33
CA TYR B 288 -5.80 -20.16 -14.34
C TYR B 288 -6.37 -20.12 -12.94
N ALA B 289 -7.44 -19.33 -12.76
CA ALA B 289 -8.15 -19.20 -11.51
C ALA B 289 -9.66 -19.21 -11.80
N ASP B 290 -10.44 -19.90 -10.96
CA ASP B 290 -11.89 -19.92 -11.07
C ASP B 290 -12.45 -18.73 -10.29
N LEU B 291 -13.08 -17.79 -11.01
CA LEU B 291 -13.65 -16.55 -10.46
C LEU B 291 -14.93 -16.76 -9.65
N SER B 292 -15.53 -17.94 -9.67
CA SER B 292 -16.79 -18.20 -8.97
C SER B 292 -16.59 -18.40 -7.46
N SER B 293 -15.35 -18.46 -6.98
CA SER B 293 -15.13 -18.63 -5.54
C SER B 293 -15.59 -17.41 -4.78
N SER B 294 -15.97 -17.59 -3.50
CA SER B 294 -16.41 -16.47 -2.66
C SER B 294 -15.29 -15.39 -2.54
N TYR B 295 -14.00 -15.79 -2.51
CA TYR B 295 -12.86 -14.86 -2.43
C TYR B 295 -12.84 -13.92 -3.63
N TRP B 296 -12.83 -14.48 -4.86
CA TRP B 296 -12.74 -13.66 -6.06
C TRP B 296 -13.98 -12.79 -6.26
N GLN B 297 -15.16 -13.27 -5.84
CA GLN B 297 -16.42 -12.50 -5.97
C GLN B 297 -16.40 -11.30 -5.06
N GLN B 298 -15.83 -11.45 -3.85
CA GLN B 298 -15.70 -10.41 -2.83
C GLN B 298 -14.68 -9.31 -3.17
N HIS B 299 -13.74 -9.58 -4.10
CA HIS B 299 -12.70 -8.63 -4.50
C HIS B 299 -12.92 -8.09 -5.93
N LEU B 300 -13.84 -8.66 -6.69
CA LEU B 300 -14.11 -8.26 -8.08
C LEU B 300 -14.63 -6.81 -8.22
N ILE B 301 -13.97 -6.03 -9.09
CA ILE B 301 -14.36 -4.69 -9.51
C ILE B 301 -15.23 -4.86 -10.80
N GLY B 302 -14.66 -5.53 -11.79
CA GLY B 302 -15.27 -5.79 -13.08
C GLY B 302 -14.21 -5.93 -14.14
N ALA B 303 -14.62 -5.79 -15.40
CA ALA B 303 -13.71 -5.92 -16.53
C ALA B 303 -13.36 -4.56 -17.19
N GLY B 304 -12.35 -4.60 -18.05
CA GLY B 304 -11.93 -3.50 -18.88
C GLY B 304 -11.58 -3.98 -20.27
N ARG B 305 -12.06 -3.30 -21.30
CA ARG B 305 -11.74 -3.60 -22.70
C ARG B 305 -10.59 -2.70 -23.17
N VAL B 306 -9.49 -3.31 -23.68
CA VAL B 306 -8.30 -2.57 -24.15
C VAL B 306 -8.62 -1.85 -25.49
N LYS B 307 -8.00 -0.69 -25.72
CA LYS B 307 -8.16 0.11 -26.93
C LYS B 307 -7.48 -0.58 -28.12
N GLN B 308 -8.24 -0.88 -29.19
CA GLN B 308 -7.75 -1.53 -30.40
C GLN B 308 -7.95 -0.65 -31.65
N THR C 16 -26.47 6.42 -21.30
CA THR C 16 -27.82 5.86 -21.26
C THR C 16 -28.87 7.00 -21.06
N GLY C 17 -29.70 7.18 -22.08
CA GLY C 17 -30.74 8.19 -22.12
C GLY C 17 -31.92 7.92 -21.21
N ASN C 19 -36.02 10.01 -19.78
CA ASN C 19 -37.19 10.87 -20.03
C ASN C 19 -37.46 11.80 -18.83
N LEU C 20 -37.89 13.07 -19.10
CA LEU C 20 -38.20 14.08 -18.07
C LEU C 20 -39.51 13.74 -17.37
N SER C 21 -39.57 13.95 -16.03
CA SER C 21 -40.77 13.68 -15.27
C SER C 21 -41.82 14.80 -15.43
N ALA C 22 -43.08 14.47 -15.17
CA ALA C 22 -44.23 15.38 -15.22
C ALA C 22 -44.09 16.51 -14.22
N GLU C 23 -43.40 16.28 -13.07
CA GLU C 23 -43.15 17.32 -12.06
C GLU C 23 -42.27 18.42 -12.61
N VAL C 24 -41.33 18.07 -13.51
CA VAL C 24 -40.40 19.01 -14.15
C VAL C 24 -41.11 19.68 -15.33
N LEU C 25 -41.73 18.88 -16.23
CA LEU C 25 -42.40 19.37 -17.41
C LEU C 25 -43.53 20.36 -17.09
N LYS C 26 -44.11 20.37 -15.86
CA LYS C 26 -45.15 21.35 -15.52
C LYS C 26 -44.55 22.77 -15.51
N HIS C 27 -43.21 22.89 -15.36
CA HIS C 27 -42.48 24.17 -15.33
C HIS C 27 -42.09 24.69 -16.70
N GLN C 28 -42.31 23.88 -17.76
CA GLN C 28 -42.00 24.25 -19.15
C GLN C 28 -42.58 25.65 -19.53
N PRO C 29 -43.93 25.95 -19.39
CA PRO C 29 -44.42 27.28 -19.81
C PRO C 29 -43.66 28.46 -19.17
N VAL C 31 -40.44 28.28 -17.86
CA VAL C 31 -39.05 28.21 -18.34
C VAL C 31 -38.97 28.84 -19.74
N GLU C 32 -39.97 28.59 -20.60
CA GLU C 32 -40.01 29.12 -21.94
C GLU C 32 -40.15 30.64 -21.92
N LYS C 33 -40.94 31.18 -20.96
CA LYS C 33 -41.14 32.62 -20.75
C LYS C 33 -39.81 33.30 -20.45
N TYR C 34 -39.07 32.83 -19.42
CA TYR C 34 -37.81 33.45 -19.00
C TYR C 34 -36.63 33.08 -19.92
N ALA C 35 -36.73 31.97 -20.68
CA ALA C 35 -35.66 31.64 -21.66
C ALA C 35 -35.72 32.65 -22.82
N ARG C 36 -36.95 33.00 -23.23
CA ARG C 36 -37.25 33.99 -24.27
C ARG C 36 -36.79 35.39 -23.85
N GLU C 37 -37.03 35.75 -22.56
CA GLU C 37 -36.64 37.06 -22.00
C GLU C 37 -35.12 37.22 -21.91
N ASN C 38 -34.37 36.10 -21.85
CA ASN C 38 -32.91 36.07 -21.77
C ASN C 38 -32.24 35.62 -23.10
N GLY C 39 -33.02 35.56 -24.19
CA GLY C 39 -32.53 35.17 -25.52
C GLY C 39 -31.93 33.77 -25.61
N ILE C 40 -32.47 32.81 -24.84
CA ILE C 40 -31.97 31.42 -24.80
C ILE C 40 -33.10 30.38 -25.00
N SER C 41 -34.12 30.72 -25.82
CA SER C 41 -35.27 29.86 -26.15
C SER C 41 -34.87 28.53 -26.75
N GLU C 42 -33.72 28.48 -27.45
CA GLU C 42 -33.23 27.25 -28.08
C GLU C 42 -32.68 26.23 -27.05
N TYR C 43 -32.52 26.66 -25.77
CA TYR C 43 -31.97 25.83 -24.69
C TYR C 43 -33.00 25.44 -23.60
N VAL C 44 -34.30 25.54 -23.90
CA VAL C 44 -35.37 25.15 -22.95
C VAL C 44 -35.19 23.67 -22.55
N ASN C 45 -34.88 22.78 -23.52
CA ASN C 45 -34.62 21.37 -23.22
C ASN C 45 -33.45 21.24 -22.22
N VAL C 46 -32.38 22.05 -22.39
CA VAL C 46 -31.22 22.03 -21.47
C VAL C 46 -31.68 22.46 -20.08
N LEU C 47 -32.45 23.58 -20.01
CA LEU C 47 -32.99 24.19 -18.79
C LEU C 47 -33.94 23.25 -18.01
N LEU C 48 -34.73 22.45 -18.71
CA LEU C 48 -35.66 21.48 -18.13
C LEU C 48 -34.89 20.27 -17.60
N ALA C 49 -33.82 19.86 -18.33
CA ALA C 49 -32.91 18.78 -17.93
C ALA C 49 -32.13 19.23 -16.68
N ILE C 50 -31.73 20.53 -16.61
CA ILE C 50 -31.07 21.11 -15.44
C ILE C 50 -32.01 20.95 -14.21
N ILE C 51 -33.30 21.37 -14.32
CA ILE C 51 -34.33 21.23 -13.25
C ILE C 51 -34.45 19.77 -12.78
N GLN C 52 -34.58 18.85 -13.70
CA GLN C 52 -34.68 17.42 -13.41
C GLN C 52 -33.47 16.95 -12.55
N VAL C 53 -32.28 17.27 -12.99
CA VAL C 53 -31.03 16.90 -12.29
C VAL C 53 -30.93 17.63 -10.89
N GLU C 54 -31.36 18.90 -10.81
CA GLU C 54 -31.27 19.72 -9.60
C GLU C 54 -32.31 19.41 -8.53
N SER C 55 -33.61 19.23 -8.89
CA SER C 55 -34.66 19.10 -7.85
C SER C 55 -35.74 18.08 -8.15
N GLY C 56 -35.74 17.53 -9.37
CA GLY C 56 -36.78 16.62 -9.83
C GLY C 56 -38.06 17.36 -10.11
N GLY C 57 -38.01 18.70 -9.94
CA GLY C 57 -39.12 19.63 -10.12
C GLY C 57 -40.03 19.78 -8.92
N THR C 58 -39.63 19.21 -7.74
CA THR C 58 -40.47 19.19 -6.52
C THR C 58 -40.02 20.15 -5.39
N ALA C 59 -38.92 20.85 -5.57
CA ALA C 59 -38.48 21.84 -4.60
C ALA C 59 -38.94 23.21 -5.08
N GLU C 60 -39.38 24.09 -4.18
CA GLU C 60 -39.81 25.46 -4.50
C GLU C 60 -38.71 26.14 -5.38
N ASP C 61 -37.44 26.09 -4.97
CA ASP C 61 -36.32 26.57 -5.79
C ASP C 61 -35.99 25.44 -6.82
N VAL C 62 -36.80 25.33 -7.89
CA VAL C 62 -36.75 24.27 -8.90
C VAL C 62 -35.42 24.21 -9.64
N GLN C 64 -32.58 25.39 -8.39
CA GLN C 64 -31.55 25.49 -7.35
CA GLN C 64 -31.51 25.46 -7.37
C GLN C 64 -30.58 26.65 -7.70
N SER C 65 -31.17 27.82 -8.06
CA SER C 65 -30.45 29.01 -8.49
C SER C 65 -30.25 30.08 -7.40
N SER C 66 -30.60 29.77 -6.12
CA SER C 66 -30.43 30.70 -5.01
C SER C 66 -28.95 31.12 -4.79
N GLU C 67 -28.02 30.16 -4.78
CA GLU C 67 -26.59 30.41 -4.52
C GLU C 67 -25.96 31.27 -5.61
N SER C 68 -26.43 31.16 -6.87
CA SER C 68 -25.94 31.97 -8.00
C SER C 68 -26.28 33.46 -7.79
N LEU C 69 -27.25 33.72 -6.92
CA LEU C 69 -27.68 35.07 -6.56
C LEU C 69 -27.10 35.48 -5.20
N GLY C 70 -26.13 34.70 -4.70
CA GLY C 70 -25.47 34.90 -3.42
C GLY C 70 -26.42 34.79 -2.23
N LEU C 71 -27.51 34.00 -2.40
CA LEU C 71 -28.54 33.83 -1.38
C LEU C 71 -28.41 32.48 -0.72
N PRO C 72 -28.85 32.28 0.55
CA PRO C 72 -28.77 30.94 1.16
C PRO C 72 -29.49 29.87 0.33
N PRO C 73 -29.07 28.58 0.41
CA PRO C 73 -29.77 27.55 -0.38
C PRO C 73 -31.29 27.53 -0.12
N ASN C 74 -32.08 27.28 -1.19
CA ASN C 74 -33.56 27.18 -1.20
C ASN C 74 -34.27 28.43 -0.68
N SER C 75 -33.80 29.60 -1.09
CA SER C 75 -34.38 30.89 -0.71
C SER C 75 -35.44 31.34 -1.68
N LEU C 76 -35.24 31.08 -2.98
CA LEU C 76 -36.10 31.57 -4.03
C LEU C 76 -37.37 30.77 -4.20
N ASP C 77 -38.47 31.48 -4.54
CA ASP C 77 -39.75 30.89 -4.90
C ASP C 77 -39.57 30.34 -6.32
N THR C 78 -40.55 29.58 -6.84
CA THR C 78 -40.46 28.95 -8.15
C THR C 78 -40.22 29.95 -9.29
N GLU C 79 -41.00 31.03 -9.36
CA GLU C 79 -40.89 32.04 -10.41
C GLU C 79 -39.52 32.71 -10.39
N SER C 80 -39.06 33.13 -9.21
CA SER C 80 -37.75 33.75 -8.99
C SER C 80 -36.60 32.79 -9.32
N SER C 81 -36.79 31.50 -9.04
CA SER C 81 -35.83 30.43 -9.32
C SER C 81 -35.62 30.27 -10.82
N ILE C 82 -36.71 30.20 -11.60
CA ILE C 82 -36.65 30.03 -13.06
C ILE C 82 -36.07 31.30 -13.68
N LYS C 83 -36.49 32.47 -13.19
CA LYS C 83 -36.00 33.76 -13.66
C LYS C 83 -34.48 33.84 -13.49
N GLN C 84 -33.99 33.55 -12.27
CA GLN C 84 -32.56 33.59 -11.93
C GLN C 84 -31.77 32.49 -12.65
N GLY C 85 -32.31 31.27 -12.76
CA GLY C 85 -31.65 30.16 -13.43
C GLY C 85 -31.40 30.45 -14.89
N CYS C 86 -32.42 30.98 -15.57
CA CYS C 86 -32.38 31.35 -16.99
C CYS C 86 -31.37 32.46 -17.22
N LYS C 87 -31.40 33.49 -16.36
CA LYS C 87 -30.51 34.67 -16.38
C LYS C 87 -29.05 34.22 -16.16
N TYR C 88 -28.83 33.30 -15.20
CA TYR C 88 -27.53 32.74 -14.85
C TYR C 88 -26.94 31.90 -16.00
N PHE C 89 -27.78 31.02 -16.61
CA PHE C 89 -27.37 30.17 -17.73
C PHE C 89 -27.01 31.03 -18.96
N ALA C 90 -27.80 32.09 -19.20
CA ALA C 90 -27.58 33.05 -20.29
C ALA C 90 -26.23 33.77 -20.12
N SER C 91 -25.83 34.04 -18.85
CA SER C 91 -24.57 34.73 -18.53
C SER C 91 -23.39 33.80 -18.75
N LEU C 92 -23.55 32.51 -18.49
CA LEU C 92 -22.51 31.49 -18.72
C LEU C 92 -22.26 31.29 -20.21
N LEU C 93 -23.32 31.36 -21.04
CA LEU C 93 -23.21 31.27 -22.50
C LEU C 93 -22.48 32.53 -23.05
N SER C 94 -22.81 33.73 -22.49
CA SER C 94 -22.19 35.01 -22.86
C SER C 94 -20.71 34.99 -22.52
N SER C 95 -20.40 34.56 -21.28
CA SER C 95 -19.03 34.44 -20.78
C SER C 95 -18.22 33.50 -21.68
N SER C 96 -18.83 32.39 -22.15
CA SER C 96 -18.24 31.41 -23.06
C SER C 96 -17.90 32.06 -24.41
N LYS C 97 -18.92 32.66 -25.11
CA LYS C 97 -18.76 33.34 -26.39
C LYS C 97 -17.64 34.41 -26.35
N ASN C 98 -17.57 35.18 -25.24
CA ASN C 98 -16.58 36.26 -25.05
C ASN C 98 -15.16 35.72 -24.87
N GLN C 99 -15.01 34.50 -24.34
CA GLN C 99 -13.71 33.85 -24.15
C GLN C 99 -13.38 32.87 -25.31
N GLY C 100 -14.16 32.90 -26.37
CA GLY C 100 -13.97 32.08 -27.57
C GLY C 100 -14.42 30.64 -27.51
N ILE C 101 -15.41 30.33 -26.64
CA ILE C 101 -15.92 28.97 -26.47
C ILE C 101 -17.24 28.82 -27.22
N ASP C 102 -17.34 27.76 -28.04
CA ASP C 102 -18.53 27.41 -28.84
C ASP C 102 -19.28 26.24 -28.21
N ASP C 103 -18.65 25.55 -27.26
CA ASP C 103 -19.14 24.34 -26.58
C ASP C 103 -20.18 24.65 -25.52
N LEU C 104 -21.39 24.10 -25.69
CA LEU C 104 -22.53 24.20 -24.77
C LEU C 104 -22.24 23.49 -23.44
N ASN C 105 -21.49 22.38 -23.48
CA ASN C 105 -21.17 21.58 -22.28
C ASN C 105 -20.37 22.37 -21.27
N VAL C 106 -19.70 23.45 -21.75
CA VAL C 106 -18.93 24.35 -20.88
C VAL C 106 -19.92 25.08 -19.94
N ALA C 107 -21.03 25.64 -20.50
CA ALA C 107 -22.06 26.35 -19.75
C ALA C 107 -22.83 25.41 -18.82
N ILE C 108 -23.12 24.16 -19.27
CA ILE C 108 -23.83 23.15 -18.46
C ILE C 108 -22.97 22.82 -17.23
N GLN C 109 -21.66 22.48 -17.43
CA GLN C 109 -20.78 22.16 -16.29
C GLN C 109 -20.61 23.36 -15.35
N SER C 110 -20.53 24.58 -15.89
CA SER C 110 -20.39 25.80 -15.11
C SER C 110 -21.63 26.12 -14.33
N TYR C 111 -22.83 25.54 -14.70
CA TYR C 111 -24.07 25.76 -13.92
C TYR C 111 -23.79 25.18 -12.52
N ASN C 112 -23.13 24.02 -12.49
CA ASN C 112 -22.75 23.30 -11.28
C ASN C 112 -21.46 23.85 -10.61
N TYR C 113 -20.43 24.15 -11.41
CA TYR C 113 -19.12 24.59 -10.92
C TYR C 113 -18.96 26.09 -10.67
N GLY C 114 -19.80 26.90 -11.30
CA GLY C 114 -19.72 28.35 -11.29
C GLY C 114 -18.99 28.80 -12.56
N GLY C 115 -19.00 30.12 -12.81
CA GLY C 115 -18.41 30.77 -13.98
C GLY C 115 -16.91 30.65 -14.17
N GLY C 116 -16.20 30.27 -13.11
CA GLY C 116 -14.76 30.08 -13.15
C GLY C 116 -14.33 28.92 -14.04
N TYR C 117 -15.20 27.93 -14.19
CA TYR C 117 -14.92 26.77 -15.08
C TYR C 117 -14.83 27.24 -16.57
N VAL C 118 -15.54 28.32 -16.93
CA VAL C 118 -15.47 28.89 -18.28
C VAL C 118 -14.01 29.35 -18.57
N GLY C 119 -13.43 30.14 -17.65
CA GLY C 119 -12.09 30.69 -17.72
C GLY C 119 -11.01 29.63 -17.73
N TYR C 120 -11.24 28.55 -16.97
CA TYR C 120 -10.38 27.39 -16.83
C TYR C 120 -10.29 26.64 -18.18
N VAL C 121 -11.43 26.42 -18.83
CA VAL C 121 -11.52 25.73 -20.12
C VAL C 121 -10.98 26.63 -21.26
N ALA C 122 -11.29 27.95 -21.24
CA ALA C 122 -10.87 28.89 -22.29
C ALA C 122 -9.34 28.93 -22.51
N GLY C 123 -8.58 28.77 -21.43
CA GLY C 123 -7.12 28.75 -21.51
C GLY C 123 -6.53 27.36 -21.66
N LYS C 124 -7.39 26.31 -21.76
CA LYS C 124 -6.98 24.91 -21.86
C LYS C 124 -7.74 24.15 -22.98
N GLY C 125 -7.88 24.76 -24.15
CA GLY C 125 -8.49 24.09 -25.30
C GLY C 125 -9.84 24.52 -25.82
N LYS C 126 -10.59 25.34 -25.06
CA LYS C 126 -11.93 25.91 -25.40
C LYS C 126 -13.05 24.85 -25.45
N LYS C 127 -12.75 23.61 -25.02
CA LYS C 127 -13.76 22.55 -25.03
C LYS C 127 -13.83 21.85 -23.69
N HIS C 128 -15.05 21.58 -23.21
CA HIS C 128 -15.27 20.79 -22.01
C HIS C 128 -14.88 19.35 -22.27
N THR C 129 -14.14 18.75 -21.32
CA THR C 129 -13.75 17.33 -21.33
C THR C 129 -13.92 16.87 -19.92
N PHE C 130 -14.21 15.58 -19.74
CA PHE C 130 -14.39 15.00 -18.41
C PHE C 130 -13.09 15.19 -17.61
N ASN C 131 -11.92 15.07 -18.28
CA ASN C 131 -10.60 15.21 -17.70
C ASN C 131 -10.36 16.62 -17.16
N LEU C 132 -10.85 17.67 -17.88
CA LEU C 132 -10.78 19.06 -17.40
C LEU C 132 -11.69 19.25 -16.19
N ALA C 133 -12.97 18.75 -16.25
CA ALA C 133 -13.95 18.82 -15.15
C ALA C 133 -13.41 18.09 -13.91
N GLU C 134 -12.71 16.97 -14.11
CA GLU C 134 -12.12 16.15 -13.06
C GLU C 134 -10.92 16.87 -12.43
N SER C 135 -10.02 17.48 -13.24
CA SER C 135 -8.88 18.19 -12.64
C SER C 135 -9.30 19.54 -12.02
N PHE C 136 -10.42 20.16 -12.50
CA PHE C 136 -10.94 21.39 -11.86
C PHE C 136 -11.43 21.06 -10.47
N ALA C 137 -12.21 19.97 -10.32
CA ALA C 137 -12.75 19.52 -9.04
C ALA C 137 -11.62 19.03 -8.11
N ARG C 138 -10.56 18.36 -8.65
CA ARG C 138 -9.41 17.89 -7.88
C ARG C 138 -8.67 19.06 -7.27
N GLU C 139 -8.48 20.15 -8.03
CA GLU C 139 -7.81 21.38 -7.55
C GLU C 139 -8.63 22.06 -6.45
N LYS C 140 -9.90 22.36 -6.74
CA LYS C 140 -10.82 23.07 -5.85
C LYS C 140 -11.14 22.29 -4.56
N SER C 141 -11.10 20.96 -4.59
CA SER C 141 -11.39 20.12 -3.42
C SER C 141 -10.20 19.97 -2.48
N GLY C 142 -8.99 20.26 -2.99
CA GLY C 142 -7.73 20.06 -2.27
C GLY C 142 -7.31 18.58 -2.27
N GLY C 143 -7.70 17.86 -3.32
CA GLY C 143 -7.40 16.44 -3.47
C GLY C 143 -8.17 15.54 -2.52
N LYS C 144 -9.45 15.90 -2.22
CA LYS C 144 -10.31 15.15 -1.31
C LYS C 144 -11.42 14.46 -2.08
N LYS C 145 -11.61 13.17 -1.81
CA LYS C 145 -12.63 12.36 -2.49
C LYS C 145 -13.87 12.18 -1.61
N VAL C 146 -15.01 11.93 -2.25
CA VAL C 146 -16.30 11.68 -1.63
C VAL C 146 -16.96 10.54 -2.39
N THR C 147 -17.67 9.63 -1.66
CA THR C 147 -18.37 8.49 -2.25
C THR C 147 -19.45 9.02 -3.18
N TYR C 148 -19.59 8.40 -4.36
CA TYR C 148 -20.59 8.76 -5.36
C TYR C 148 -21.01 7.50 -6.11
N THR C 149 -22.16 6.94 -5.72
CA THR C 149 -22.62 5.66 -6.22
C THR C 149 -23.51 5.72 -7.47
N ASN C 150 -23.63 6.87 -8.17
CA ASN C 150 -24.39 6.90 -9.41
C ASN C 150 -23.77 5.89 -10.41
N PRO C 151 -24.54 5.02 -11.13
CA PRO C 151 -23.91 4.01 -12.01
C PRO C 151 -22.84 4.55 -12.96
N ILE C 152 -22.99 5.81 -13.44
CA ILE C 152 -22.02 6.47 -14.32
C ILE C 152 -20.63 6.57 -13.65
N ALA C 153 -20.58 6.94 -12.35
CA ALA C 153 -19.30 7.05 -11.62
C ALA C 153 -18.76 5.68 -11.22
N VAL C 154 -19.68 4.76 -10.82
CA VAL C 154 -19.31 3.39 -10.45
C VAL C 154 -18.58 2.77 -11.64
N ALA C 155 -19.16 2.87 -12.84
CA ALA C 155 -18.57 2.29 -14.06
C ALA C 155 -17.26 2.94 -14.42
N LYS C 156 -17.16 4.26 -14.24
CA LYS C 156 -16.01 5.05 -14.61
C LYS C 156 -14.79 4.87 -13.69
N ASN C 157 -14.94 4.94 -12.36
CA ASN C 157 -13.77 4.94 -11.46
C ASN C 157 -13.97 4.15 -10.19
N GLY C 158 -15.11 3.51 -10.06
CA GLY C 158 -15.42 2.70 -8.90
C GLY C 158 -16.50 3.28 -8.02
N GLY C 159 -16.78 4.57 -8.17
CA GLY C 159 -17.83 5.20 -7.40
C GLY C 159 -17.38 6.32 -6.49
N TRP C 160 -16.66 7.31 -7.05
CA TRP C 160 -16.25 8.47 -6.28
C TRP C 160 -16.16 9.74 -7.15
N ARG C 161 -15.95 10.87 -6.49
CA ARG C 161 -15.82 12.21 -7.05
C ARG C 161 -14.79 13.01 -6.30
N TRP C 162 -14.16 13.97 -6.95
CA TRP C 162 -13.36 14.92 -6.18
C TRP C 162 -14.39 15.83 -5.49
N ASN C 163 -14.16 16.13 -4.18
CA ASN C 163 -15.10 16.83 -3.30
C ASN C 163 -15.33 18.32 -3.67
N TYR C 164 -15.85 18.58 -4.87
CA TYR C 164 -16.22 19.91 -5.34
C TYR C 164 -17.21 19.75 -6.49
N GLY C 165 -18.38 20.37 -6.34
CA GLY C 165 -19.42 20.31 -7.37
C GLY C 165 -19.71 18.88 -7.73
N ASN C 166 -20.00 18.62 -8.99
CA ASN C 166 -20.22 17.27 -9.48
C ASN C 166 -19.51 17.16 -10.84
N PHE C 168 -19.38 14.85 -12.91
CA PHE C 168 -20.19 14.06 -13.87
C PHE C 168 -21.45 14.79 -14.30
N TYR C 169 -21.57 16.08 -13.95
CA TYR C 169 -22.76 16.90 -14.21
C TYR C 169 -23.22 16.96 -15.68
N VAL C 170 -22.27 17.15 -16.63
CA VAL C 170 -22.58 17.24 -18.08
C VAL C 170 -23.30 15.97 -18.53
N GLU C 171 -22.76 14.81 -18.15
CA GLU C 171 -23.27 13.47 -18.45
C GLU C 171 -24.66 13.26 -17.82
N LEU C 172 -24.87 13.73 -16.57
CA LEU C 172 -26.13 13.63 -15.87
C LEU C 172 -27.21 14.43 -16.58
N VAL C 173 -26.88 15.68 -17.00
CA VAL C 173 -27.83 16.54 -17.72
C VAL C 173 -28.11 15.95 -19.13
N ASN C 174 -27.07 15.47 -19.83
CA ASN C 174 -27.21 14.90 -21.17
C ASN C 174 -27.98 13.56 -21.18
N GLN C 175 -28.22 12.93 -20.01
CA GLN C 175 -29.08 11.74 -19.88
C GLN C 175 -30.51 12.07 -20.30
N TYR C 176 -30.94 13.33 -20.10
CA TYR C 176 -32.27 13.85 -20.39
C TYR C 176 -32.31 14.68 -21.70
N LEU C 177 -31.26 14.57 -22.57
CA LEU C 177 -31.18 15.31 -23.83
C LEU C 177 -30.99 14.37 -25.04
N THR C 178 -31.33 13.08 -24.89
CA THR C 178 -31.25 12.07 -25.95
C THR C 178 -32.57 11.97 -26.72
N SER C 183 -40.30 8.40 -31.41
CA SER C 183 -41.54 9.08 -31.78
C SER C 183 -41.65 9.27 -33.30
N GLY C 184 -42.84 8.98 -33.84
CA GLY C 184 -43.15 9.09 -35.26
C GLY C 184 -43.64 10.46 -35.70
N GLU C 185 -44.07 10.55 -36.99
CA GLU C 185 -44.57 11.77 -37.61
C GLU C 185 -45.87 12.22 -36.97
N LEU C 186 -46.82 11.27 -36.73
CA LEU C 186 -48.12 11.57 -36.12
C LEU C 186 -47.94 12.11 -34.71
N ALA C 187 -47.13 11.44 -33.88
CA ALA C 187 -46.85 11.82 -32.50
C ALA C 187 -46.27 13.25 -32.41
N GLN C 188 -45.35 13.60 -33.35
CA GLN C 188 -44.70 14.91 -33.44
C GLN C 188 -45.70 16.01 -33.83
N LYS C 189 -46.58 15.75 -34.84
CA LYS C 189 -47.58 16.71 -35.33
C LYS C 189 -48.67 16.98 -34.29
N VAL C 190 -49.13 15.92 -33.56
CA VAL C 190 -50.14 15.99 -32.50
C VAL C 190 -49.57 16.82 -31.32
N ASN C 192 -46.87 18.92 -31.29
CA ASN C 192 -46.49 20.30 -31.63
C ASN C 192 -47.68 21.24 -31.44
N GLU C 193 -48.89 20.72 -31.70
CA GLU C 193 -50.15 21.43 -31.54
C GLU C 193 -50.59 21.41 -30.06
N ALA C 194 -50.53 20.25 -29.39
CA ALA C 194 -50.95 20.06 -28.00
C ALA C 194 -50.18 20.90 -27.00
N LEU C 195 -48.86 21.04 -27.21
CA LEU C 195 -47.96 21.82 -26.34
C LEU C 195 -48.21 23.32 -26.36
N LYS C 196 -49.01 23.82 -27.33
CA LYS C 196 -49.39 25.23 -27.42
C LYS C 196 -50.34 25.58 -26.29
N TYR C 197 -51.00 24.56 -25.72
CA TYR C 197 -52.02 24.73 -24.68
C TYR C 197 -51.55 24.23 -23.30
N GLN C 198 -50.23 24.03 -23.09
CA GLN C 198 -49.68 23.62 -21.79
C GLN C 198 -49.90 24.71 -20.76
N GLY C 199 -50.54 24.33 -19.67
CA GLY C 199 -50.85 25.22 -18.57
C GLY C 199 -52.20 25.88 -18.69
N TRP C 200 -52.93 25.61 -19.80
CA TRP C 200 -54.26 26.15 -20.06
C TRP C 200 -55.29 25.49 -19.15
N LYS C 201 -56.29 26.28 -18.77
CA LYS C 201 -57.36 25.88 -17.88
C LYS C 201 -58.32 25.00 -18.63
N TYR C 202 -58.66 23.84 -18.02
CA TYR C 202 -59.66 22.90 -18.56
C TYR C 202 -61.01 23.62 -18.65
N VAL C 203 -61.67 23.49 -19.81
CA VAL C 203 -63.01 24.04 -20.03
C VAL C 203 -63.87 22.89 -20.53
N TYR C 204 -64.92 22.55 -19.74
CA TYR C 204 -65.87 21.48 -20.10
C TYR C 204 -66.59 21.83 -21.41
N GLY C 205 -66.52 20.91 -22.38
CA GLY C 205 -67.14 21.09 -23.68
C GLY C 205 -66.26 21.79 -24.72
N GLY C 206 -65.09 22.25 -24.30
CA GLY C 206 -64.16 22.95 -25.18
C GLY C 206 -63.45 22.03 -26.16
N SER C 207 -63.40 22.43 -27.44
CA SER C 207 -62.77 21.63 -28.51
C SER C 207 -61.96 22.50 -29.50
N ASN C 208 -61.63 23.76 -29.14
CA ASN C 208 -60.83 24.63 -30.00
C ASN C 208 -60.05 25.68 -29.16
N PRO C 209 -59.01 26.33 -29.72
CA PRO C 209 -58.21 27.29 -28.92
C PRO C 209 -58.95 28.55 -28.45
N ASN C 210 -60.12 28.88 -29.03
CA ASN C 210 -60.86 30.08 -28.64
C ASN C 210 -61.69 29.88 -27.36
N THR C 211 -61.97 28.62 -26.99
CA THR C 211 -62.75 28.26 -25.79
C THR C 211 -61.91 27.49 -24.76
N SER C 212 -60.71 27.03 -25.16
CA SER C 212 -59.81 26.10 -24.48
C SER C 212 -60.44 24.69 -24.64
N PHE C 213 -59.92 23.66 -23.93
CA PHE C 213 -60.36 22.30 -24.18
C PHE C 213 -60.65 21.46 -22.96
N ASP C 214 -61.43 20.38 -23.20
CA ASP C 214 -61.66 19.30 -22.28
C ASP C 214 -60.79 18.13 -22.82
N SER C 216 -61.28 15.12 -24.45
CA SER C 216 -61.57 14.61 -25.80
C SER C 216 -61.58 15.74 -26.85
N GLY C 217 -61.78 16.97 -26.37
CA GLY C 217 -61.72 18.16 -27.21
C GLY C 217 -60.30 18.46 -27.65
N LEU C 218 -59.32 18.26 -26.73
CA LEU C 218 -57.90 18.43 -27.00
C LEU C 218 -57.42 17.37 -28.02
N THR C 219 -57.78 16.08 -27.82
CA THR C 219 -57.35 14.99 -28.72
C THR C 219 -57.94 15.20 -30.12
N GLN C 220 -59.25 15.52 -30.21
CA GLN C 220 -59.91 15.75 -31.49
C GLN C 220 -59.22 16.88 -32.29
N TRP C 221 -58.96 18.03 -31.65
CA TRP C 221 -58.34 19.20 -32.27
C TRP C 221 -56.92 18.90 -32.79
N CYS C 222 -56.07 18.39 -31.91
CA CYS C 222 -54.66 18.12 -32.19
C CYS C 222 -54.45 17.00 -33.20
N TYR C 223 -55.27 15.92 -33.15
CA TYR C 223 -55.19 14.85 -34.15
C TYR C 223 -55.77 15.34 -35.49
N GLY C 224 -56.76 16.24 -35.41
CA GLY C 224 -57.36 16.89 -36.57
C GLY C 224 -56.34 17.71 -37.32
N LYS C 225 -55.43 18.39 -36.57
CA LYS C 225 -54.31 19.18 -37.12
C LYS C 225 -53.22 18.28 -37.70
N ALA C 226 -53.18 17.01 -37.30
CA ALA C 226 -52.24 16.00 -37.79
C ALA C 226 -52.84 15.25 -38.98
N GLY C 227 -54.09 15.56 -39.33
CA GLY C 227 -54.80 14.96 -40.45
C GLY C 227 -55.57 13.69 -40.13
N ILE C 228 -55.92 13.49 -38.84
CA ILE C 228 -56.70 12.34 -38.37
C ILE C 228 -58.05 12.84 -37.85
N SER C 229 -59.15 12.31 -38.41
CA SER C 229 -60.53 12.61 -37.99
C SER C 229 -60.95 11.75 -36.78
N LEU C 230 -61.08 12.37 -35.61
CA LEU C 230 -61.52 11.68 -34.40
C LEU C 230 -62.95 12.11 -34.01
N PRO C 231 -63.78 11.20 -33.42
CA PRO C 231 -65.12 11.64 -32.94
C PRO C 231 -64.98 12.56 -31.71
N ARG C 232 -66.07 13.20 -31.28
CA ARG C 232 -66.05 14.17 -30.19
C ARG C 232 -65.79 13.61 -28.77
N THR C 233 -66.49 12.52 -28.37
CA THR C 233 -66.42 11.93 -27.02
C THR C 233 -65.22 10.96 -26.85
N ALA C 234 -64.75 10.81 -25.59
CA ALA C 234 -63.70 9.89 -25.17
C ALA C 234 -64.14 8.45 -25.47
N GLN C 235 -65.42 8.13 -25.20
CA GLN C 235 -66.00 6.82 -25.48
C GLN C 235 -65.99 6.53 -27.00
N ALA C 236 -66.47 7.49 -27.84
CA ALA C 236 -66.50 7.37 -29.30
C ALA C 236 -65.09 7.24 -29.88
N GLN C 237 -64.11 7.90 -29.24
CA GLN C 237 -62.69 7.84 -29.63
C GLN C 237 -62.13 6.45 -29.32
N TYR C 238 -62.55 5.86 -28.17
CA TYR C 238 -62.18 4.51 -27.75
C TYR C 238 -62.75 3.50 -28.77
N ASP C 239 -64.05 3.63 -29.11
CA ASP C 239 -64.72 2.74 -30.07
C ASP C 239 -64.13 2.82 -31.48
N ALA C 240 -63.48 3.95 -31.84
CA ALA C 240 -62.91 4.17 -33.18
C ALA C 240 -61.46 3.70 -33.31
N THR C 241 -60.82 3.29 -32.21
CA THR C 241 -59.42 2.86 -32.24
C THR C 241 -59.25 1.35 -32.09
N GLN C 242 -58.10 0.83 -32.52
CA GLN C 242 -57.71 -0.56 -32.34
C GLN C 242 -57.10 -0.60 -30.94
N HIS C 243 -57.64 -1.44 -30.06
CA HIS C 243 -57.19 -1.50 -28.67
C HIS C 243 -56.00 -2.42 -28.47
N LEU C 244 -55.10 -1.99 -27.57
CA LEU C 244 -53.88 -2.70 -27.21
C LEU C 244 -53.46 -2.33 -25.78
N PRO C 245 -52.79 -3.23 -25.03
CA PRO C 245 -52.38 -2.84 -23.66
C PRO C 245 -51.32 -1.72 -23.70
N LEU C 246 -51.22 -0.94 -22.62
CA LEU C 246 -50.28 0.17 -22.54
C LEU C 246 -48.80 -0.27 -22.74
N SER C 247 -48.47 -1.53 -22.39
CA SER C 247 -47.14 -2.12 -22.52
C SER C 247 -46.72 -2.29 -23.99
N GLN C 248 -47.70 -2.31 -24.91
CA GLN C 248 -47.45 -2.45 -26.35
C GLN C 248 -47.65 -1.11 -27.06
N ALA C 249 -48.14 -0.10 -26.33
CA ALA C 249 -48.45 1.23 -26.87
C ALA C 249 -47.18 2.07 -27.19
N LYS C 250 -47.35 3.03 -28.10
CA LYS C 250 -46.32 3.94 -28.58
C LYS C 250 -46.80 5.37 -28.47
N ALA C 251 -45.88 6.35 -28.55
CA ALA C 251 -46.23 7.78 -28.56
C ALA C 251 -47.14 8.05 -29.74
N GLY C 252 -48.23 8.76 -29.49
CA GLY C 252 -49.23 9.03 -30.53
C GLY C 252 -50.46 8.17 -30.38
N ASP C 253 -50.39 7.10 -29.55
CA ASP C 253 -51.57 6.29 -29.26
C ASP C 253 -52.39 7.03 -28.20
N LEU C 254 -53.68 6.72 -28.09
CA LEU C 254 -54.56 7.34 -27.08
C LEU C 254 -54.64 6.41 -25.88
N VAL C 255 -54.78 6.97 -24.66
CA VAL C 255 -54.85 6.19 -23.42
C VAL C 255 -56.21 6.49 -22.81
N PHE C 256 -56.93 5.45 -22.41
CA PHE C 256 -58.31 5.54 -21.92
C PHE C 256 -58.47 5.13 -20.47
N PHE C 257 -59.42 5.79 -19.79
CA PHE C 257 -59.66 5.59 -18.37
C PHE C 257 -61.12 5.50 -18.10
N HIS C 258 -61.49 4.72 -17.06
CA HIS C 258 -62.87 4.54 -16.57
C HIS C 258 -63.07 5.27 -15.23
N SER C 259 -64.33 5.54 -14.87
CA SER C 259 -64.86 6.05 -13.61
C SER C 259 -64.09 7.24 -12.97
N THR C 260 -63.52 8.18 -13.78
CA THR C 260 -62.79 9.33 -13.24
C THR C 260 -63.74 10.38 -12.64
N TYR C 261 -65.01 10.37 -13.07
CA TYR C 261 -66.10 11.22 -12.57
C TYR C 261 -67.40 10.49 -12.87
N ASN C 262 -68.54 10.94 -12.27
CA ASN C 262 -69.85 10.31 -12.48
C ASN C 262 -70.30 10.57 -13.92
N ALA C 263 -70.28 9.50 -14.72
CA ALA C 263 -70.64 9.53 -16.14
C ALA C 263 -71.41 8.27 -16.58
N GLY C 264 -72.15 8.41 -17.68
CA GLY C 264 -72.96 7.35 -18.25
C GLY C 264 -72.22 6.38 -19.15
N SER C 265 -70.95 6.63 -19.44
CA SER C 265 -70.17 5.76 -20.32
C SER C 265 -69.00 5.05 -19.56
N TYR C 266 -68.49 3.94 -20.14
CA TYR C 266 -67.38 3.15 -19.61
C TYR C 266 -66.13 4.02 -19.58
N VAL C 267 -65.77 4.65 -20.72
CA VAL C 267 -64.64 5.55 -20.87
C VAL C 267 -65.06 6.92 -20.38
N THR C 268 -64.32 7.49 -19.40
CA THR C 268 -64.63 8.80 -18.83
C THR C 268 -63.52 9.79 -19.10
N HIS C 269 -62.30 9.30 -19.40
CA HIS C 269 -61.15 10.14 -19.68
C HIS C 269 -60.28 9.63 -20.83
N VAL C 270 -59.71 10.58 -21.61
CA VAL C 270 -58.79 10.25 -22.72
C VAL C 270 -57.53 11.17 -22.64
N GLY C 271 -56.37 10.59 -22.95
CA GLY C 271 -55.08 11.28 -22.98
C GLY C 271 -54.26 10.85 -24.18
N ILE C 272 -53.20 11.60 -24.48
CA ILE C 272 -52.26 11.31 -25.57
C ILE C 272 -51.10 10.60 -24.93
N TYR C 273 -50.84 9.32 -25.32
CA TYR C 273 -49.67 8.59 -24.78
C TYR C 273 -48.39 9.15 -25.40
N VAL C 274 -47.39 9.45 -24.56
CA VAL C 274 -46.16 10.07 -25.06
C VAL C 274 -44.95 9.15 -24.77
N GLY C 275 -45.24 7.91 -24.44
CA GLY C 275 -44.21 6.92 -24.10
C GLY C 275 -43.80 7.03 -22.65
N ASN C 276 -42.96 6.09 -22.20
CA ASN C 276 -42.37 5.99 -20.86
C ASN C 276 -43.40 6.21 -19.72
N ASN C 277 -44.54 5.55 -19.85
CA ASN C 277 -45.64 5.51 -18.88
C ASN C 277 -46.17 6.91 -18.53
N GLN C 278 -46.23 7.81 -19.53
CA GLN C 278 -46.75 9.13 -19.27
C GLN C 278 -47.63 9.57 -20.42
N TYR C 280 -50.05 13.19 -22.09
CA TYR C 280 -50.34 14.61 -22.21
C TYR C 280 -51.85 14.68 -22.31
N HIS C 281 -52.48 15.42 -21.42
CA HIS C 281 -53.94 15.44 -21.40
C HIS C 281 -54.53 16.74 -20.85
N ALA C 282 -55.87 16.79 -20.86
CA ALA C 282 -56.71 17.84 -20.32
C ALA C 282 -57.65 17.17 -19.28
N GLY C 283 -57.21 17.06 -18.02
CA GLY C 283 -56.00 17.67 -17.45
C GLY C 283 -56.32 19.07 -17.00
N ASP C 284 -56.01 19.40 -15.74
CA ASP C 284 -56.31 20.75 -15.26
C ASP C 284 -55.20 21.25 -14.29
N PRO C 285 -54.25 22.09 -14.75
CA PRO C 285 -54.05 22.62 -16.10
C PRO C 285 -53.61 21.55 -17.11
N ILE C 286 -53.82 21.84 -18.42
CA ILE C 286 -53.45 20.95 -19.54
C ILE C 286 -51.95 20.71 -19.46
N GLY C 287 -51.54 19.46 -19.52
CA GLY C 287 -50.13 19.10 -19.46
C GLY C 287 -49.87 17.62 -19.35
N TYR C 288 -48.64 17.28 -18.94
CA TYR C 288 -48.18 15.91 -18.77
C TYR C 288 -48.60 15.33 -17.43
N ALA C 289 -48.82 14.02 -17.39
CA ALA C 289 -49.17 13.28 -16.18
C ALA C 289 -48.40 11.99 -16.12
N ASP C 290 -47.90 11.62 -14.93
CA ASP C 290 -47.21 10.35 -14.75
C ASP C 290 -48.26 9.23 -14.50
N LEU C 291 -48.29 8.22 -15.38
CA LEU C 291 -49.30 7.13 -15.27
C LEU C 291 -48.98 6.06 -14.22
N SER C 292 -47.81 6.14 -13.58
CA SER C 292 -47.42 5.14 -12.57
C SER C 292 -48.09 5.41 -11.19
N SER C 293 -48.80 6.53 -11.02
CA SER C 293 -49.45 6.81 -9.73
C SER C 293 -50.59 5.80 -9.48
N SER C 294 -50.88 5.55 -8.20
CA SER C 294 -51.93 4.65 -7.75
C SER C 294 -53.30 5.02 -8.41
N TYR C 295 -53.62 6.33 -8.48
CA TYR C 295 -54.84 6.88 -9.08
C TYR C 295 -54.96 6.45 -10.55
N TRP C 296 -53.96 6.77 -11.40
CA TRP C 296 -54.03 6.47 -12.83
C TRP C 296 -54.04 4.96 -13.12
N GLN C 297 -53.35 4.17 -12.28
CA GLN C 297 -53.35 2.71 -12.44
C GLN C 297 -54.73 2.12 -12.14
N GLN C 298 -55.43 2.68 -11.15
CA GLN C 298 -56.76 2.23 -10.74
C GLN C 298 -57.87 2.57 -11.74
N HIS C 299 -57.62 3.54 -12.64
CA HIS C 299 -58.62 3.99 -13.63
C HIS C 299 -58.26 3.57 -15.07
N LEU C 300 -57.04 3.05 -15.30
CA LEU C 300 -56.56 2.67 -16.62
C LEU C 300 -57.35 1.51 -17.25
N ILE C 301 -57.82 1.73 -18.50
CA ILE C 301 -58.47 0.75 -19.35
C ILE C 301 -57.38 0.14 -20.24
N GLY C 302 -56.67 1.00 -20.95
CA GLY C 302 -55.61 0.61 -21.86
C GLY C 302 -55.47 1.65 -22.94
N ALA C 303 -54.80 1.27 -24.05
CA ALA C 303 -54.52 2.19 -25.15
C ALA C 303 -55.35 1.88 -26.39
N GLY C 304 -55.35 2.85 -27.31
CA GLY C 304 -56.01 2.76 -28.60
C GLY C 304 -55.17 3.38 -29.71
N ARG C 305 -54.98 2.64 -30.82
CA ARG C 305 -54.21 3.07 -31.99
C ARG C 305 -55.18 3.63 -33.03
N VAL C 306 -54.98 4.89 -33.42
CA VAL C 306 -55.85 5.58 -34.41
C VAL C 306 -55.60 4.99 -35.80
N LYS C 307 -56.64 4.96 -36.65
CA LYS C 307 -56.56 4.46 -38.03
C LYS C 307 -55.85 5.49 -38.92
N GLN C 308 -54.73 5.08 -39.55
CA GLN C 308 -53.90 5.93 -40.42
C GLN C 308 -53.86 5.46 -41.87
N THR D 16 25.19 32.97 -5.97
CA THR D 16 24.52 34.20 -6.35
C THR D 16 23.15 33.87 -6.95
N GLY D 17 22.10 34.34 -6.28
CA GLY D 17 20.70 34.13 -6.65
C GLY D 17 20.24 34.86 -7.89
N ASN D 19 16.41 35.21 -10.78
CA ASN D 19 14.95 35.14 -10.97
C ASN D 19 14.58 34.30 -12.22
N LEU D 20 13.44 33.56 -12.17
CA LEU D 20 12.91 32.73 -13.26
C LEU D 20 12.33 33.62 -14.38
N SER D 21 12.58 33.24 -15.63
CA SER D 21 12.14 34.01 -16.78
C SER D 21 10.66 33.82 -17.10
N ALA D 22 10.07 34.86 -17.73
CA ALA D 22 8.68 34.82 -18.19
C ALA D 22 8.42 33.58 -19.08
N GLU D 23 9.48 33.09 -19.84
CA GLU D 23 9.39 31.90 -20.72
CA GLU D 23 9.37 31.90 -20.72
C GLU D 23 9.24 30.60 -19.93
N VAL D 24 9.82 30.54 -18.73
CA VAL D 24 9.73 29.36 -17.88
C VAL D 24 8.39 29.41 -17.10
N LEU D 25 8.06 30.59 -16.53
CA LEU D 25 6.84 30.84 -15.73
C LEU D 25 5.53 30.59 -16.54
N LYS D 26 5.54 30.65 -17.88
CA LYS D 26 4.34 30.36 -18.69
C LYS D 26 3.94 28.86 -18.58
N HIS D 27 4.91 27.99 -18.18
CA HIS D 27 4.71 26.54 -18.04
C HIS D 27 4.16 26.12 -16.65
N GLN D 28 4.09 27.08 -15.71
CA GLN D 28 3.65 26.85 -14.33
C GLN D 28 2.24 26.20 -14.23
N PRO D 29 1.16 26.62 -14.95
CA PRO D 29 -0.13 25.89 -14.78
C PRO D 29 0.01 24.39 -15.09
N VAL D 31 2.95 22.56 -15.07
CA VAL D 31 3.88 21.99 -14.08
C VAL D 31 3.10 21.63 -12.80
N GLU D 32 2.17 22.52 -12.40
CA GLU D 32 1.34 22.39 -11.20
C GLU D 32 0.37 21.26 -11.29
N LYS D 33 -0.12 20.99 -12.48
CA LYS D 33 -1.04 19.90 -12.76
C LYS D 33 -0.32 18.55 -12.58
N TYR D 34 0.86 18.37 -13.20
CA TYR D 34 1.60 17.11 -13.13
C TYR D 34 2.36 16.91 -11.80
N ALA D 35 2.65 17.99 -11.06
CA ALA D 35 3.27 17.86 -9.75
C ALA D 35 2.24 17.28 -8.76
N ARG D 36 0.96 17.74 -8.88
CA ARG D 36 -0.18 17.31 -8.10
C ARG D 36 -0.50 15.83 -8.37
N GLU D 37 -0.43 15.42 -9.65
CA GLU D 37 -0.70 14.05 -10.10
C GLU D 37 0.34 13.07 -9.58
N ASN D 38 1.58 13.55 -9.30
CA ASN D 38 2.69 12.74 -8.79
C ASN D 38 2.97 13.00 -7.28
N GLY D 39 2.06 13.73 -6.62
CA GLY D 39 2.12 14.04 -5.19
C GLY D 39 3.33 14.85 -4.75
N ILE D 40 3.81 15.76 -5.62
CA ILE D 40 5.02 16.59 -5.38
C ILE D 40 4.73 18.10 -5.60
N SER D 41 3.50 18.56 -5.29
CA SER D 41 3.05 19.95 -5.43
C SER D 41 3.93 20.96 -4.65
N GLU D 42 4.59 20.50 -3.57
CA GLU D 42 5.45 21.33 -2.74
C GLU D 42 6.78 21.64 -3.44
N TYR D 43 7.05 20.97 -4.59
CA TYR D 43 8.30 21.08 -5.35
C TYR D 43 8.11 21.76 -6.72
N VAL D 44 6.94 22.36 -6.98
CA VAL D 44 6.68 23.11 -8.21
C VAL D 44 7.88 24.11 -8.50
N ASN D 45 8.38 24.81 -7.46
CA ASN D 45 9.48 25.79 -7.51
C ASN D 45 10.78 25.11 -7.99
N VAL D 46 11.04 23.88 -7.55
CA VAL D 46 12.21 23.13 -7.97
C VAL D 46 12.04 22.68 -9.42
N LEU D 47 10.83 22.20 -9.83
CA LEU D 47 10.60 21.79 -11.22
C LEU D 47 10.70 22.96 -12.20
N LEU D 48 10.33 24.20 -11.79
CA LEU D 48 10.43 25.37 -12.68
C LEU D 48 11.89 25.83 -12.81
N ALA D 49 12.69 25.62 -11.74
CA ALA D 49 14.11 25.91 -11.65
C ALA D 49 14.85 24.98 -12.60
N ILE D 50 14.49 23.67 -12.60
CA ILE D 50 15.05 22.63 -13.48
C ILE D 50 14.79 23.04 -14.93
N ILE D 51 13.54 23.45 -15.27
CA ILE D 51 13.18 23.90 -16.63
C ILE D 51 14.11 25.04 -17.08
N GLN D 52 14.24 26.08 -16.24
CA GLN D 52 15.13 27.24 -16.48
C GLN D 52 16.54 26.80 -16.81
N VAL D 53 17.12 25.93 -15.96
CA VAL D 53 18.49 25.43 -16.09
C VAL D 53 18.61 24.47 -17.30
N GLU D 54 17.56 23.70 -17.61
CA GLU D 54 17.58 22.73 -18.72
C GLU D 54 17.34 23.34 -20.09
N SER D 55 16.41 24.32 -20.24
CA SER D 55 16.05 24.83 -21.54
C SER D 55 15.74 26.34 -21.60
N GLY D 56 15.62 26.99 -20.44
CA GLY D 56 15.23 28.40 -20.37
C GLY D 56 13.76 28.58 -20.68
N GLY D 57 13.04 27.45 -20.70
CA GLY D 57 11.62 27.31 -21.05
C GLY D 57 11.29 27.42 -22.53
N THR D 58 12.27 27.53 -23.43
CA THR D 58 12.06 27.78 -24.86
C THR D 58 12.19 26.55 -25.78
N ALA D 59 12.62 25.39 -25.25
CA ALA D 59 12.68 24.15 -26.03
C ALA D 59 11.40 23.37 -25.80
N GLU D 60 10.82 22.79 -26.86
CA GLU D 60 9.61 21.95 -26.83
C GLU D 60 9.72 20.95 -25.66
N ASP D 61 10.84 20.22 -25.54
CA ASP D 61 11.08 19.33 -24.42
C ASP D 61 11.66 20.20 -23.29
N VAL D 62 10.79 21.02 -22.63
CA VAL D 62 11.16 22.03 -21.60
C VAL D 62 11.96 21.45 -20.40
N GLN D 64 13.74 18.57 -20.62
CA GLN D 64 14.78 17.69 -21.22
C GLN D 64 14.68 16.29 -20.61
N SER D 65 13.42 15.78 -20.55
CA SER D 65 13.09 14.50 -19.91
C SER D 65 12.99 13.33 -20.91
N SER D 66 13.31 13.58 -22.21
CA SER D 66 13.28 12.54 -23.27
C SER D 66 14.18 11.33 -22.95
N GLU D 67 15.43 11.57 -22.56
CA GLU D 67 16.41 10.51 -22.28
C GLU D 67 16.00 9.64 -21.07
N SER D 68 15.31 10.22 -20.05
CA SER D 68 14.82 9.49 -18.85
C SER D 68 13.77 8.46 -19.26
N LEU D 69 13.15 8.65 -20.43
CA LEU D 69 12.13 7.77 -21.00
C LEU D 69 12.74 6.88 -22.10
N GLY D 70 14.08 6.86 -22.17
CA GLY D 70 14.82 6.07 -23.15
C GLY D 70 14.58 6.49 -24.59
N LEU D 71 14.26 7.77 -24.80
CA LEU D 71 13.97 8.33 -26.11
C LEU D 71 15.11 9.23 -26.60
N PRO D 72 15.27 9.46 -27.93
CA PRO D 72 16.33 10.37 -28.39
C PRO D 72 16.19 11.77 -27.82
N PRO D 73 17.28 12.57 -27.71
CA PRO D 73 17.11 13.95 -27.18
C PRO D 73 16.07 14.76 -27.96
N ASN D 74 15.30 15.59 -27.23
CA ASN D 74 14.27 16.51 -27.72
C ASN D 74 13.21 15.80 -28.55
N SER D 75 12.69 14.67 -28.05
CA SER D 75 11.63 13.90 -28.75
C SER D 75 10.25 14.26 -28.25
N LEU D 76 10.15 14.53 -26.93
CA LEU D 76 8.90 14.78 -26.25
C LEU D 76 8.39 16.19 -26.45
N ASP D 77 7.05 16.31 -26.61
CA ASP D 77 6.32 17.57 -26.72
C ASP D 77 6.29 18.18 -25.33
N THR D 78 5.86 19.44 -25.19
CA THR D 78 5.87 20.16 -23.93
C THR D 78 5.07 19.42 -22.83
N GLU D 79 3.83 19.00 -23.11
CA GLU D 79 2.99 18.31 -22.13
C GLU D 79 3.64 17.01 -21.65
N SER D 80 4.08 16.15 -22.59
CA SER D 80 4.77 14.89 -22.32
C SER D 80 6.09 15.12 -21.57
N SER D 81 6.78 16.21 -21.87
CA SER D 81 8.02 16.61 -21.19
C SER D 81 7.79 16.91 -19.71
N ILE D 82 6.76 17.73 -19.39
CA ILE D 82 6.43 18.11 -18.01
C ILE D 82 5.90 16.87 -17.26
N LYS D 83 5.04 16.09 -17.93
CA LYS D 83 4.49 14.86 -17.37
C LYS D 83 5.64 13.89 -16.98
N GLN D 84 6.57 13.60 -17.92
CA GLN D 84 7.70 12.73 -17.69
C GLN D 84 8.71 13.30 -16.66
N GLY D 85 8.98 14.61 -16.72
CA GLY D 85 9.91 15.26 -15.79
C GLY D 85 9.44 15.17 -14.35
N CYS D 86 8.14 15.44 -14.12
CA CYS D 86 7.48 15.39 -12.81
C CYS D 86 7.49 13.95 -12.27
N LYS D 87 7.12 12.98 -13.11
CA LYS D 87 7.08 11.54 -12.81
C LYS D 87 8.49 11.04 -12.44
N TYR D 88 9.49 11.43 -13.21
CA TYR D 88 10.91 11.09 -13.02
C TYR D 88 11.48 11.72 -11.71
N PHE D 89 11.21 13.03 -11.46
CA PHE D 89 11.67 13.72 -10.23
C PHE D 89 11.01 13.10 -8.98
N ALA D 90 9.69 12.75 -9.07
CA ALA D 90 8.92 12.07 -8.01
C ALA D 90 9.54 10.71 -7.66
N SER D 91 10.07 9.98 -8.67
CA SER D 91 10.69 8.67 -8.48
C SER D 91 12.04 8.82 -7.79
N LEU D 92 12.78 9.91 -8.07
CA LEU D 92 14.09 10.17 -7.44
C LEU D 92 13.91 10.52 -5.96
N LEU D 93 12.81 11.24 -5.62
CA LEU D 93 12.46 11.56 -4.22
C LEU D 93 12.03 10.28 -3.46
N SER D 94 11.22 9.39 -4.10
CA SER D 94 10.81 8.16 -3.42
C SER D 94 12.01 7.21 -3.29
N SER D 95 12.97 7.18 -4.27
CA SER D 95 14.20 6.38 -4.18
C SER D 95 15.08 6.88 -3.01
N SER D 96 15.12 8.21 -2.81
CA SER D 96 15.85 8.89 -1.71
C SER D 96 15.28 8.49 -0.36
N LYS D 97 13.94 8.72 -0.14
CA LYS D 97 13.23 8.39 1.10
C LYS D 97 13.40 6.91 1.50
N ASN D 98 13.34 5.98 0.50
CA ASN D 98 13.49 4.53 0.67
C ASN D 98 14.93 4.12 1.04
N GLN D 99 15.94 4.93 0.67
CA GLN D 99 17.34 4.68 0.97
C GLN D 99 17.83 5.55 2.17
N GLY D 100 16.88 6.19 2.84
CA GLY D 100 17.11 6.99 4.05
C GLY D 100 17.69 8.38 3.86
N ILE D 101 17.44 8.99 2.70
CA ILE D 101 17.93 10.33 2.36
C ILE D 101 16.80 11.36 2.53
N ASP D 102 17.11 12.45 3.26
CA ASP D 102 16.23 13.58 3.59
C ASP D 102 16.51 14.78 2.69
N ASP D 103 17.71 14.80 2.07
CA ASP D 103 18.25 15.86 1.25
C ASP D 103 17.64 15.93 -0.15
N LEU D 104 17.04 17.09 -0.46
CA LEU D 104 16.42 17.41 -1.74
C LEU D 104 17.46 17.49 -2.85
N ASN D 105 18.67 18.00 -2.52
CA ASN D 105 19.80 18.17 -3.44
C ASN D 105 20.26 16.83 -4.05
N VAL D 106 19.98 15.69 -3.38
CA VAL D 106 20.32 14.36 -3.90
C VAL D 106 19.40 14.05 -5.12
N ALA D 107 18.08 14.35 -5.00
CA ALA D 107 17.14 14.15 -6.09
C ALA D 107 17.45 15.14 -7.21
N ILE D 108 17.75 16.43 -6.87
CA ILE D 108 18.13 17.49 -7.83
C ILE D 108 19.34 17.05 -8.66
N GLN D 109 20.45 16.66 -8.02
CA GLN D 109 21.65 16.20 -8.71
C GLN D 109 21.35 14.93 -9.50
N SER D 110 20.47 14.03 -9.00
CA SER D 110 20.07 12.80 -9.72
C SER D 110 19.26 13.14 -10.97
N TYR D 111 18.63 14.31 -11.03
CA TYR D 111 17.91 14.66 -12.26
C TYR D 111 18.91 14.69 -13.43
N ASN D 112 20.09 15.22 -13.16
CA ASN D 112 21.19 15.34 -14.13
C ASN D 112 22.02 14.03 -14.25
N TYR D 113 22.32 13.37 -13.11
CA TYR D 113 23.17 12.19 -13.01
C TYR D 113 22.48 10.84 -13.23
N GLY D 114 21.18 10.78 -12.97
CA GLY D 114 20.41 9.54 -12.99
C GLY D 114 20.26 9.03 -11.57
N GLY D 115 19.39 8.03 -11.39
CA GLY D 115 19.09 7.41 -10.11
C GLY D 115 20.25 6.77 -9.35
N GLY D 116 21.34 6.46 -10.07
CA GLY D 116 22.56 5.87 -9.52
C GLY D 116 23.24 6.73 -8.46
N TYR D 117 23.09 8.06 -8.55
CA TYR D 117 23.65 9.00 -7.57
C TYR D 117 22.98 8.87 -6.17
N VAL D 118 21.71 8.38 -6.12
CA VAL D 118 20.96 8.17 -4.86
C VAL D 118 21.63 7.04 -4.07
N GLY D 119 21.93 5.93 -4.73
CA GLY D 119 22.60 4.79 -4.13
C GLY D 119 24.01 5.10 -3.67
N TYR D 120 24.70 5.98 -4.43
CA TYR D 120 26.06 6.45 -4.17
C TYR D 120 26.13 7.29 -2.90
N VAL D 121 25.19 8.23 -2.74
CA VAL D 121 25.11 9.12 -1.58
C VAL D 121 24.59 8.35 -0.34
N ALA D 122 23.62 7.40 -0.52
CA ALA D 122 23.02 6.61 0.56
C ALA D 122 24.07 5.85 1.39
N GLY D 123 25.12 5.36 0.72
CA GLY D 123 26.19 4.63 1.37
C GLY D 123 27.38 5.49 1.74
N LYS D 124 27.27 6.83 1.55
CA LYS D 124 28.37 7.76 1.81
C LYS D 124 27.91 9.02 2.59
N GLY D 125 27.08 8.82 3.62
CA GLY D 125 26.61 9.90 4.48
C GLY D 125 25.17 10.39 4.36
N LYS D 126 24.42 9.91 3.33
CA LYS D 126 22.99 10.25 3.07
C LYS D 126 22.74 11.74 2.68
N LYS D 127 23.81 12.56 2.52
CA LYS D 127 23.69 13.97 2.12
C LYS D 127 24.53 14.29 0.88
N HIS D 128 23.97 15.13 -0.02
CA HIS D 128 24.67 15.61 -1.21
C HIS D 128 25.75 16.60 -0.78
N THR D 129 26.96 16.47 -1.37
CA THR D 129 28.08 17.39 -1.22
C THR D 129 28.69 17.57 -2.61
N PHE D 130 29.30 18.74 -2.89
CA PHE D 130 29.97 18.99 -4.16
C PHE D 130 31.06 17.92 -4.37
N ASN D 131 31.77 17.52 -3.31
CA ASN D 131 32.85 16.53 -3.36
C ASN D 131 32.33 15.15 -3.77
N LEU D 132 31.10 14.79 -3.35
CA LEU D 132 30.47 13.52 -3.74
C LEU D 132 29.99 13.60 -5.20
N ALA D 133 29.47 14.76 -5.63
CA ALA D 133 29.04 14.97 -7.03
C ALA D 133 30.27 14.93 -7.95
N GLU D 134 31.39 15.50 -7.49
CA GLU D 134 32.66 15.53 -8.21
C GLU D 134 33.29 14.13 -8.33
N SER D 135 33.30 13.35 -7.24
CA SER D 135 33.90 12.00 -7.23
C SER D 135 33.04 11.03 -8.03
N PHE D 136 31.69 11.23 -8.05
CA PHE D 136 30.79 10.41 -8.85
C PHE D 136 31.07 10.62 -10.33
N ALA D 137 31.16 11.90 -10.76
CA ALA D 137 31.45 12.26 -12.15
C ALA D 137 32.85 11.80 -12.56
N ARG D 138 33.86 11.89 -11.66
CA ARG D 138 35.25 11.46 -11.94
C ARG D 138 35.30 9.96 -12.25
N GLU D 139 34.56 9.15 -11.46
CA GLU D 139 34.46 7.71 -11.63
C GLU D 139 33.80 7.33 -12.96
N LYS D 140 32.58 7.87 -13.21
CA LYS D 140 31.78 7.60 -14.39
C LYS D 140 32.40 8.12 -15.70
N SER D 141 33.21 9.19 -15.63
CA SER D 141 33.85 9.76 -16.83
C SER D 141 35.10 9.02 -17.26
N GLY D 142 35.67 8.24 -16.33
CA GLY D 142 36.91 7.52 -16.54
C GLY D 142 38.09 8.47 -16.46
N GLY D 143 37.96 9.50 -15.60
CA GLY D 143 38.98 10.52 -15.38
C GLY D 143 39.22 11.43 -16.56
N LYS D 144 38.13 11.77 -17.29
CA LYS D 144 38.20 12.65 -18.48
C LYS D 144 37.58 14.00 -18.18
N LYS D 145 38.30 15.06 -18.53
CA LYS D 145 37.85 16.43 -18.28
C LYS D 145 37.31 17.08 -19.54
N VAL D 146 36.38 18.01 -19.36
CA VAL D 146 35.76 18.82 -20.42
C VAL D 146 35.79 20.27 -19.94
N THR D 147 36.08 21.21 -20.85
CA THR D 147 36.14 22.64 -20.54
C THR D 147 34.74 23.09 -20.14
N TYR D 148 34.64 23.90 -19.10
CA TYR D 148 33.35 24.39 -18.59
C TYR D 148 33.59 25.82 -18.05
N THR D 149 33.23 26.84 -18.84
CA THR D 149 33.55 28.21 -18.49
C THR D 149 32.47 28.94 -17.66
N ASN D 150 31.46 28.23 -17.06
CA ASN D 150 30.51 28.91 -16.18
C ASN D 150 31.30 29.56 -15.03
N PRO D 151 31.04 30.84 -14.63
CA PRO D 151 31.88 31.50 -13.61
C PRO D 151 32.08 30.69 -12.31
N ILE D 152 31.05 29.92 -11.89
CA ILE D 152 31.07 29.06 -10.70
C ILE D 152 32.21 28.02 -10.84
N ALA D 153 32.39 27.46 -12.04
CA ALA D 153 33.42 26.47 -12.32
C ALA D 153 34.78 27.12 -12.46
N VAL D 154 34.85 28.27 -13.13
CA VAL D 154 36.09 29.03 -13.32
C VAL D 154 36.70 29.35 -11.95
N ALA D 155 35.88 29.90 -11.04
CA ALA D 155 36.32 30.25 -9.69
C ALA D 155 36.74 29.01 -8.89
N LYS D 156 36.03 27.89 -9.06
CA LYS D 156 36.27 26.66 -8.31
C LYS D 156 37.54 25.90 -8.74
N ASN D 157 37.74 25.66 -10.03
CA ASN D 157 38.90 24.84 -10.39
C ASN D 157 39.68 25.31 -11.65
N GLY D 158 39.25 26.43 -12.23
CA GLY D 158 39.85 27.00 -13.42
C GLY D 158 38.91 27.01 -14.59
N GLY D 159 37.88 26.18 -14.52
CA GLY D 159 36.90 26.09 -15.59
C GLY D 159 36.82 24.75 -16.26
N TRP D 160 36.58 23.69 -15.48
CA TRP D 160 36.41 22.36 -16.07
C TRP D 160 35.46 21.50 -15.23
N ARG D 161 35.06 20.37 -15.80
CA ARG D 161 34.24 19.36 -15.12
C ARG D 161 34.64 17.97 -15.58
N TRP D 162 34.41 16.97 -14.73
CA TRP D 162 34.63 15.60 -15.10
C TRP D 162 33.55 15.28 -16.13
N ASN D 163 33.94 14.65 -17.24
CA ASN D 163 33.06 14.37 -18.39
C ASN D 163 31.91 13.37 -18.09
N TYR D 164 31.00 13.76 -17.19
CA TYR D 164 29.80 13.00 -16.85
C TYR D 164 28.83 13.93 -16.19
N GLY D 165 27.65 14.07 -16.79
CA GLY D 165 26.64 14.98 -16.27
C GLY D 165 27.20 16.37 -16.03
N ASN D 166 26.75 17.02 -14.98
CA ASN D 166 27.24 18.35 -14.59
C ASN D 166 27.38 18.34 -13.08
N PHE D 168 28.22 20.60 -11.16
CA PHE D 168 27.81 21.91 -10.58
C PHE D 168 26.28 22.11 -10.64
N TYR D 169 25.52 21.07 -11.04
CA TYR D 169 24.08 21.13 -11.30
C TYR D 169 23.25 21.67 -10.12
N VAL D 170 23.48 21.17 -8.89
CA VAL D 170 22.75 21.58 -7.69
C VAL D 170 22.88 23.11 -7.52
N GLU D 171 24.11 23.63 -7.64
CA GLU D 171 24.43 25.05 -7.54
C GLU D 171 23.72 25.86 -8.61
N LEU D 172 23.65 25.32 -9.86
CA LEU D 172 22.97 25.97 -10.99
C LEU D 172 21.44 26.07 -10.75
N VAL D 173 20.82 24.98 -10.29
CA VAL D 173 19.39 24.90 -9.99
C VAL D 173 19.06 25.79 -8.77
N ASN D 174 19.92 25.78 -7.73
CA ASN D 174 19.73 26.59 -6.53
C ASN D 174 19.95 28.09 -6.78
N GLN D 175 20.48 28.49 -7.98
CA GLN D 175 20.60 29.91 -8.34
C GLN D 175 19.21 30.53 -8.48
N TYR D 176 18.22 29.71 -8.84
CA TYR D 176 16.83 30.10 -9.07
C TYR D 176 15.88 29.69 -7.90
N LEU D 177 16.44 29.28 -6.76
CA LEU D 177 15.63 28.88 -5.60
C LEU D 177 15.93 29.78 -4.37
N THR D 178 16.45 30.99 -4.64
CA THR D 178 16.72 32.04 -3.65
C THR D 178 15.35 32.70 -3.26
N VAL D 179 15.12 32.89 -1.93
CA VAL D 179 13.88 33.47 -1.40
C VAL D 179 14.23 34.68 -0.53
N SER D 183 9.49 40.89 -1.03
CA SER D 183 8.04 40.93 -1.27
C SER D 183 7.27 41.02 0.03
N GLY D 184 6.32 41.95 0.08
CA GLY D 184 5.48 42.16 1.26
C GLY D 184 4.20 41.36 1.27
N GLU D 185 3.34 41.64 2.25
CA GLU D 185 2.06 40.97 2.42
C GLU D 185 1.10 41.32 1.29
N LEU D 186 1.08 42.61 0.86
CA LEU D 186 0.24 43.08 -0.25
C LEU D 186 0.59 42.36 -1.55
N ALA D 187 1.90 42.33 -1.91
CA ALA D 187 2.41 41.66 -3.13
C ALA D 187 2.03 40.17 -3.16
N GLN D 188 2.15 39.48 -2.02
CA GLN D 188 1.82 38.06 -1.84
C GLN D 188 0.32 37.81 -1.98
N LYS D 189 -0.53 38.65 -1.38
CA LYS D 189 -1.99 38.50 -1.43
C LYS D 189 -2.53 38.77 -2.84
N VAL D 190 -1.98 39.80 -3.53
CA VAL D 190 -2.36 40.18 -4.91
C VAL D 190 -2.01 39.03 -5.88
N ASN D 192 -1.22 35.77 -5.10
CA ASN D 192 -1.88 34.47 -4.79
C ASN D 192 -3.23 34.37 -5.51
N GLU D 193 -3.91 35.53 -5.65
CA GLU D 193 -5.17 35.66 -6.36
C GLU D 193 -4.94 35.72 -7.88
N ALA D 194 -4.00 36.57 -8.36
CA ALA D 194 -3.69 36.77 -9.79
C ALA D 194 -3.25 35.49 -10.50
N LEU D 195 -2.47 34.62 -9.81
CA LEU D 195 -1.96 33.36 -10.34
C LEU D 195 -3.04 32.30 -10.59
N LYS D 196 -4.25 32.51 -10.08
CA LYS D 196 -5.39 31.62 -10.30
C LYS D 196 -5.88 31.75 -11.74
N TYR D 197 -5.54 32.88 -12.40
CA TYR D 197 -5.98 33.18 -13.74
C TYR D 197 -4.85 33.09 -14.74
N GLN D 198 -3.76 32.40 -14.36
CA GLN D 198 -2.60 32.23 -15.24
C GLN D 198 -2.99 31.41 -16.47
N GLY D 199 -2.76 32.00 -17.66
CA GLY D 199 -3.07 31.40 -18.95
C GLY D 199 -4.51 31.65 -19.42
N TRP D 200 -5.28 32.45 -18.67
CA TRP D 200 -6.67 32.77 -19.00
C TRP D 200 -6.74 33.74 -20.18
N LYS D 201 -7.86 33.70 -20.88
CA LYS D 201 -8.10 34.50 -22.06
C LYS D 201 -8.53 35.91 -21.65
N TYR D 202 -7.84 36.94 -22.19
CA TYR D 202 -8.19 38.33 -21.98
C TYR D 202 -9.61 38.57 -22.51
N VAL D 203 -10.45 39.24 -21.71
CA VAL D 203 -11.80 39.61 -22.07
C VAL D 203 -11.93 41.10 -21.81
N TYR D 204 -12.20 41.88 -22.87
CA TYR D 204 -12.41 43.32 -22.77
C TYR D 204 -13.65 43.62 -21.90
N GLY D 205 -13.45 44.44 -20.88
CA GLY D 205 -14.51 44.80 -19.96
C GLY D 205 -14.66 43.87 -18.76
N GLY D 206 -13.92 42.76 -18.74
CA GLY D 206 -13.98 41.78 -17.65
C GLY D 206 -13.29 42.23 -16.38
N SER D 207 -13.96 42.04 -15.23
CA SER D 207 -13.41 42.45 -13.93
C SER D 207 -13.65 41.43 -12.79
N ASN D 208 -13.98 40.17 -13.13
CA ASN D 208 -14.22 39.11 -12.14
C ASN D 208 -13.94 37.72 -12.76
N PRO D 209 -13.75 36.66 -11.93
CA PRO D 209 -13.44 35.32 -12.48
C PRO D 209 -14.55 34.67 -13.32
N ASN D 210 -15.81 35.15 -13.24
CA ASN D 210 -16.88 34.56 -14.03
C ASN D 210 -16.95 35.08 -15.48
N THR D 211 -16.30 36.21 -15.78
CA THR D 211 -16.24 36.80 -17.12
C THR D 211 -14.82 36.81 -17.70
N SER D 212 -13.83 36.51 -16.83
CA SER D 212 -12.37 36.65 -17.03
C SER D 212 -12.05 38.15 -16.94
N PHE D 213 -10.82 38.57 -17.30
CA PHE D 213 -10.41 39.95 -17.06
C PHE D 213 -9.73 40.66 -18.19
N ASP D 214 -9.75 41.99 -18.13
CA ASP D 214 -8.94 42.89 -18.93
C ASP D 214 -7.82 43.37 -17.99
N SER D 216 -7.03 46.23 -16.37
CA SER D 216 -7.42 46.98 -15.19
C SER D 216 -8.44 46.23 -14.36
N GLY D 217 -9.16 45.30 -14.98
CA GLY D 217 -10.11 44.41 -14.32
C GLY D 217 -9.39 43.41 -13.44
N LEU D 218 -8.22 42.90 -13.91
CA LEU D 218 -7.36 41.97 -13.16
C LEU D 218 -6.79 42.65 -11.93
N THR D 219 -6.20 43.86 -12.10
CA THR D 219 -5.61 44.60 -10.98
C THR D 219 -6.69 44.96 -9.94
N GLN D 220 -7.82 45.51 -10.37
CA GLN D 220 -8.92 45.87 -9.47
C GLN D 220 -9.38 44.66 -8.61
N TRP D 221 -9.61 43.50 -9.24
CA TRP D 221 -10.08 42.30 -8.56
C TRP D 221 -9.07 41.77 -7.51
N CYS D 222 -7.82 41.59 -7.95
CA CYS D 222 -6.74 41.01 -7.15
C CYS D 222 -6.32 41.93 -6.00
N TYR D 223 -6.25 43.27 -6.23
CA TYR D 223 -5.97 44.22 -5.16
C TYR D 223 -7.19 44.33 -4.20
N GLY D 224 -8.40 44.19 -4.74
CA GLY D 224 -9.64 44.15 -3.98
C GLY D 224 -9.66 42.98 -3.00
N LYS D 225 -9.10 41.83 -3.42
CA LYS D 225 -9.00 40.63 -2.57
C LYS D 225 -7.91 40.79 -1.49
N ALA D 226 -6.96 41.73 -1.72
CA ALA D 226 -5.88 42.06 -0.82
C ALA D 226 -6.29 43.20 0.12
N GLY D 227 -7.52 43.70 -0.06
CA GLY D 227 -8.10 44.75 0.77
C GLY D 227 -7.85 46.17 0.31
N ILE D 228 -7.50 46.36 -0.97
CA ILE D 228 -7.24 47.67 -1.56
C ILE D 228 -8.31 47.96 -2.62
N SER D 229 -9.02 49.07 -2.48
CA SER D 229 -10.06 49.48 -3.43
C SER D 229 -9.41 50.31 -4.58
N LEU D 230 -9.39 49.77 -5.79
CA LEU D 230 -8.84 50.49 -6.96
C LEU D 230 -9.95 50.94 -7.90
N PRO D 231 -9.78 52.07 -8.64
CA PRO D 231 -10.80 52.43 -9.65
C PRO D 231 -10.77 51.44 -10.82
N ARG D 232 -11.76 51.51 -11.70
CA ARG D 232 -11.97 50.56 -12.79
C ARG D 232 -10.94 50.64 -13.94
N THR D 233 -10.65 51.85 -14.44
CA THR D 233 -9.75 52.06 -15.61
C THR D 233 -8.26 52.13 -15.21
N ALA D 234 -7.38 51.77 -16.17
CA ALA D 234 -5.91 51.86 -16.05
C ALA D 234 -5.50 53.32 -15.78
N GLN D 235 -6.13 54.31 -16.47
CA GLN D 235 -5.89 55.74 -16.29
C GLN D 235 -6.26 56.21 -14.86
N ALA D 236 -7.46 55.81 -14.38
CA ALA D 236 -7.94 56.13 -13.03
C ALA D 236 -7.06 55.48 -11.97
N GLN D 237 -6.53 54.27 -12.24
CA GLN D 237 -5.61 53.55 -11.35
C GLN D 237 -4.25 54.30 -11.27
N TYR D 238 -3.79 54.86 -12.41
CA TYR D 238 -2.58 55.66 -12.51
C TYR D 238 -2.76 56.94 -11.67
N ASP D 239 -3.92 57.64 -11.84
CA ASP D 239 -4.22 58.87 -11.11
C ASP D 239 -4.36 58.66 -9.59
N ALA D 240 -4.71 57.44 -9.16
CA ALA D 240 -4.91 57.11 -7.75
C ALA D 240 -3.64 56.59 -7.05
N THR D 241 -2.48 56.50 -7.78
CA THR D 241 -1.24 55.99 -7.18
C THR D 241 -0.16 57.08 -7.08
N GLN D 242 0.80 56.87 -6.18
CA GLN D 242 1.97 57.72 -6.05
C GLN D 242 2.98 57.21 -7.09
N HIS D 243 3.40 58.07 -8.02
CA HIS D 243 4.28 57.67 -9.13
C HIS D 243 5.76 57.68 -8.75
N LEU D 244 6.49 56.71 -9.29
CA LEU D 244 7.92 56.50 -9.06
C LEU D 244 8.53 55.73 -10.25
N PRO D 245 9.83 55.93 -10.57
CA PRO D 245 10.41 55.19 -11.70
C PRO D 245 10.47 53.69 -11.41
N LEU D 246 10.46 52.86 -12.45
CA LEU D 246 10.51 51.41 -12.32
C LEU D 246 11.77 50.91 -11.54
N SER D 247 12.87 51.69 -11.53
CA SER D 247 14.11 51.37 -10.83
C SER D 247 13.95 51.42 -9.31
N GLN D 248 12.96 52.19 -8.82
CA GLN D 248 12.68 52.35 -7.39
C GLN D 248 11.47 51.51 -6.98
N ALA D 249 10.78 50.92 -7.95
CA ALA D 249 9.56 50.13 -7.74
C ALA D 249 9.84 48.79 -7.08
N LYS D 250 8.82 48.26 -6.40
CA LYS D 250 8.87 46.99 -5.69
C LYS D 250 7.72 46.10 -6.15
N ALA D 251 7.79 44.80 -5.83
CA ALA D 251 6.72 43.86 -6.12
C ALA D 251 5.45 44.36 -5.42
N GLY D 252 4.31 44.36 -6.13
CA GLY D 252 3.06 44.90 -5.58
C GLY D 252 2.74 46.30 -6.06
N ASP D 253 3.72 46.98 -6.68
CA ASP D 253 3.48 48.28 -7.31
C ASP D 253 2.83 48.02 -8.69
N LEU D 254 2.22 49.04 -9.28
CA LEU D 254 1.59 48.90 -10.57
C LEU D 254 2.53 49.45 -11.62
N VAL D 255 2.43 48.98 -12.86
CA VAL D 255 3.32 49.47 -13.90
C VAL D 255 2.41 49.95 -15.05
N PHE D 256 2.67 51.16 -15.55
CA PHE D 256 1.78 51.81 -16.52
C PHE D 256 2.42 52.01 -17.85
N PHE D 257 1.58 51.95 -18.89
CA PHE D 257 2.01 52.05 -20.28
C PHE D 257 1.09 52.97 -21.06
N HIS D 258 1.65 53.61 -22.10
CA HIS D 258 0.97 54.50 -23.03
C HIS D 258 0.87 53.87 -24.41
N SER D 259 -0.01 54.41 -25.25
CA SER D 259 -0.24 54.12 -26.66
C SER D 259 -0.17 52.63 -27.09
N THR D 260 -0.62 51.67 -26.23
CA THR D 260 -0.58 50.24 -26.58
C THR D 260 -1.69 49.87 -27.60
N TYR D 261 -2.73 50.71 -27.70
CA TYR D 261 -3.82 50.60 -28.67
C TYR D 261 -4.43 51.99 -28.80
N ASN D 262 -5.27 52.20 -29.83
CA ASN D 262 -5.93 53.50 -30.06
C ASN D 262 -6.94 53.78 -28.94
N ALA D 263 -6.59 54.74 -28.07
CA ALA D 263 -7.38 55.11 -26.91
C ALA D 263 -7.37 56.62 -26.68
N GLY D 264 -8.41 57.09 -26.00
CA GLY D 264 -8.61 58.51 -25.68
C GLY D 264 -7.78 59.04 -24.54
N SER D 265 -7.22 58.15 -23.70
CA SER D 265 -6.43 58.52 -22.51
C SER D 265 -4.93 58.24 -22.69
N TYR D 266 -4.08 58.91 -21.88
CA TYR D 266 -2.62 58.75 -21.89
C TYR D 266 -2.23 57.30 -21.53
N VAL D 267 -2.79 56.79 -20.40
CA VAL D 267 -2.54 55.44 -19.89
C VAL D 267 -3.50 54.47 -20.60
N THR D 268 -2.93 53.50 -21.33
CA THR D 268 -3.69 52.51 -22.10
C THR D 268 -3.51 51.09 -21.52
N HIS D 269 -2.53 50.90 -20.62
CA HIS D 269 -2.23 49.57 -20.09
C HIS D 269 -1.64 49.61 -18.67
N VAL D 270 -2.02 48.58 -17.87
CA VAL D 270 -1.56 48.42 -16.49
C VAL D 270 -1.28 46.94 -16.20
N GLY D 271 -0.22 46.70 -15.43
CA GLY D 271 0.17 45.37 -14.97
C GLY D 271 0.65 45.42 -13.53
N ILE D 272 0.88 44.25 -12.91
CA ILE D 272 1.38 44.15 -11.54
C ILE D 272 2.87 43.96 -11.62
N TYR D 273 3.68 44.86 -11.04
CA TYR D 273 5.12 44.70 -10.99
C TYR D 273 5.50 43.61 -10.01
N VAL D 274 6.35 42.65 -10.42
CA VAL D 274 6.71 41.52 -9.54
C VAL D 274 8.22 41.52 -9.26
N GLY D 275 8.88 42.65 -9.54
CA GLY D 275 10.32 42.79 -9.35
C GLY D 275 11.12 42.22 -10.51
N ASN D 276 12.46 42.36 -10.47
CA ASN D 276 13.38 41.85 -11.47
C ASN D 276 13.01 42.21 -12.93
N ASN D 277 12.49 43.44 -13.14
CA ASN D 277 12.07 43.97 -14.45
C ASN D 277 10.97 43.10 -15.14
N GLN D 278 10.07 42.53 -14.34
CA GLN D 278 9.00 41.76 -14.93
C GLN D 278 7.67 42.07 -14.28
N TYR D 280 3.20 40.87 -14.09
CA TYR D 280 2.11 39.91 -14.26
C TYR D 280 0.94 40.74 -14.72
N HIS D 281 0.35 40.39 -15.84
CA HIS D 281 -0.72 41.22 -16.40
C HIS D 281 -1.70 40.44 -17.30
N ALA D 282 -2.75 41.14 -17.73
CA ALA D 282 -3.74 40.74 -18.71
C ALA D 282 -3.61 41.76 -19.90
N GLY D 283 -2.79 41.47 -20.91
CA GLY D 283 -2.07 40.21 -21.09
C GLY D 283 -2.98 39.21 -21.78
N ASP D 284 -2.50 38.61 -22.87
CA ASP D 284 -3.33 37.61 -23.55
C ASP D 284 -2.45 36.47 -24.12
N PRO D 285 -2.28 35.32 -23.41
CA PRO D 285 -2.95 34.95 -22.15
C PRO D 285 -2.41 35.69 -20.95
N ILE D 286 -3.19 35.66 -19.86
CA ILE D 286 -2.83 36.31 -18.60
C ILE D 286 -1.59 35.59 -18.07
N GLY D 287 -0.58 36.38 -17.70
CA GLY D 287 0.66 35.81 -17.19
C GLY D 287 1.76 36.82 -17.03
N TYR D 288 2.99 36.31 -16.94
CA TYR D 288 4.21 37.11 -16.77
C TYR D 288 4.73 37.62 -18.10
N ALA D 289 5.29 38.82 -18.08
CA ALA D 289 5.89 39.45 -19.25
C ALA D 289 7.21 40.08 -18.85
N ASP D 290 8.24 39.91 -19.69
CA ASP D 290 9.56 40.50 -19.43
C ASP D 290 9.55 41.93 -19.95
N LEU D 291 9.82 42.89 -19.07
CA LEU D 291 9.77 44.33 -19.40
C LEU D 291 10.97 44.84 -20.15
N SER D 292 12.03 44.03 -20.25
CA SER D 292 13.26 44.43 -20.93
C SER D 292 13.12 44.37 -22.48
N SER D 293 11.97 43.89 -23.00
CA SER D 293 11.78 43.84 -24.44
C SER D 293 11.65 45.25 -25.01
N SER D 294 12.03 45.40 -26.28
CA SER D 294 11.96 46.67 -27.00
C SER D 294 10.56 47.30 -26.93
N TYR D 295 9.53 46.49 -27.15
CA TYR D 295 8.10 46.88 -27.14
C TYR D 295 7.72 47.51 -25.81
N TRP D 296 7.92 46.78 -24.68
CA TRP D 296 7.54 47.28 -23.36
C TRP D 296 8.33 48.51 -22.96
N GLN D 297 9.59 48.62 -23.35
CA GLN D 297 10.42 49.80 -23.07
C GLN D 297 9.89 51.06 -23.80
N GLN D 298 9.41 50.88 -25.04
CA GLN D 298 8.87 51.94 -25.89
C GLN D 298 7.50 52.47 -25.43
N HIS D 299 6.76 51.70 -24.59
CA HIS D 299 5.43 52.08 -24.11
C HIS D 299 5.41 52.40 -22.60
N LEU D 300 6.49 52.09 -21.87
CA LEU D 300 6.58 52.30 -20.43
C LEU D 300 6.48 53.77 -20.02
N ILE D 301 5.57 54.06 -19.05
CA ILE D 301 5.39 55.35 -18.41
C ILE D 301 6.22 55.33 -17.10
N GLY D 302 5.97 54.33 -16.27
CA GLY D 302 6.64 54.13 -14.99
C GLY D 302 5.75 53.35 -14.05
N ALA D 303 6.07 53.39 -12.75
CA ALA D 303 5.32 52.66 -11.74
C ALA D 303 4.44 53.57 -10.89
N GLY D 304 3.55 52.93 -10.13
CA GLY D 304 2.67 53.60 -9.19
C GLY D 304 2.50 52.75 -7.94
N ARG D 305 2.63 53.38 -6.77
CA ARG D 305 2.46 52.73 -5.46
C ARG D 305 1.04 52.98 -4.95
N VAL D 306 0.29 51.91 -4.60
CA VAL D 306 -1.10 52.02 -4.12
C VAL D 306 -1.12 52.54 -2.68
N LYS D 307 -2.18 53.29 -2.31
CA LYS D 307 -2.35 53.84 -0.97
C LYS D 307 -2.85 52.75 -0.02
N GLN D 308 -2.11 52.51 1.08
CA GLN D 308 -2.41 51.48 2.08
C GLN D 308 -2.76 52.07 3.46
N THR E 16 7.87 38.88 25.46
CA THR E 16 8.81 37.89 26.00
C THR E 16 8.25 36.48 25.84
N GLY E 17 8.95 35.66 25.05
CA GLY E 17 8.59 34.28 24.76
C GLY E 17 8.81 33.30 25.90
N ASN E 19 7.99 28.69 27.09
CA ASN E 19 7.79 27.32 26.60
C ASN E 19 6.60 26.63 27.33
N LEU E 20 5.94 25.67 26.64
CA LEU E 20 4.77 24.94 27.17
C LEU E 20 5.17 23.91 28.22
N SER E 21 4.37 23.81 29.30
CA SER E 21 4.65 22.84 30.36
C SER E 21 4.27 21.42 29.97
N ALA E 22 4.90 20.43 30.65
CA ALA E 22 4.67 19.01 30.48
C ALA E 22 3.20 18.63 30.77
N GLU E 23 2.51 19.39 31.67
CA GLU E 23 1.10 19.17 32.03
CA GLU E 23 1.10 19.14 32.02
C GLU E 23 0.19 19.48 30.83
N VAL E 24 0.53 20.49 30.03
CA VAL E 24 -0.20 20.89 28.81
C VAL E 24 0.16 19.93 27.64
N LEU E 25 1.46 19.61 27.48
CA LEU E 25 1.98 18.76 26.40
C LEU E 25 1.46 17.31 26.45
N LYS E 26 1.00 16.83 27.63
CA LYS E 26 0.44 15.47 27.76
C LYS E 26 -0.88 15.37 26.97
N HIS E 27 -1.55 16.52 26.69
CA HIS E 27 -2.83 16.62 25.96
C HIS E 27 -2.67 16.69 24.45
N GLN E 28 -1.44 16.81 23.96
CA GLN E 28 -1.11 16.89 22.52
C GLN E 28 -1.71 15.74 21.70
N PRO E 29 -1.59 14.41 22.04
CA PRO E 29 -2.20 13.38 21.16
C PRO E 29 -3.71 13.61 20.94
N VAL E 31 -5.39 16.62 21.37
CA VAL E 31 -5.54 17.90 20.68
C VAL E 31 -5.39 17.67 19.18
N GLU E 32 -4.33 16.93 18.76
CA GLU E 32 -4.04 16.60 17.36
C GLU E 32 -5.18 15.81 16.69
N LYS E 33 -5.84 14.93 17.46
CA LYS E 33 -6.98 14.11 17.04
C LYS E 33 -8.19 14.99 16.69
N TYR E 34 -8.55 15.95 17.55
CA TYR E 34 -9.70 16.82 17.33
C TYR E 34 -9.39 18.00 16.42
N ALA E 35 -8.12 18.39 16.27
CA ALA E 35 -7.74 19.45 15.35
C ALA E 35 -7.87 18.92 13.93
N ARG E 36 -7.49 17.63 13.71
CA ARG E 36 -7.60 16.89 12.45
C ARG E 36 -9.06 16.71 12.03
N GLU E 37 -9.94 16.39 13.02
CA GLU E 37 -11.38 16.19 12.79
C GLU E 37 -12.08 17.48 12.40
N ASN E 38 -11.53 18.66 12.82
CA ASN E 38 -12.08 19.98 12.53
C ASN E 38 -11.28 20.73 11.43
N GLY E 39 -10.37 20.01 10.76
CA GLY E 39 -9.53 20.52 9.68
C GLY E 39 -8.62 21.67 10.06
N ILE E 40 -8.13 21.71 11.32
CA ILE E 40 -7.27 22.81 11.86
C ILE E 40 -5.95 22.25 12.46
N SER E 41 -5.41 21.17 11.87
CA SER E 41 -4.16 20.52 12.30
C SER E 41 -2.95 21.48 12.28
N GLU E 42 -3.00 22.54 11.46
CA GLU E 42 -1.91 23.52 11.35
C GLU E 42 -1.88 24.46 12.57
N TYR E 43 -2.93 24.41 13.43
CA TYR E 43 -3.06 25.27 14.60
C TYR E 43 -2.90 24.53 15.93
N VAL E 44 -2.35 23.30 15.91
CA VAL E 44 -2.11 22.47 17.11
C VAL E 44 -1.27 23.28 18.17
N ASN E 45 -0.26 24.05 17.71
CA ASN E 45 0.59 24.90 18.55
C ASN E 45 -0.23 25.98 19.25
N VAL E 46 -1.21 26.57 18.54
CA VAL E 46 -2.09 27.63 19.06
C VAL E 46 -3.05 27.04 20.10
N LEU E 47 -3.57 25.83 19.80
CA LEU E 47 -4.53 25.16 20.66
C LEU E 47 -3.86 24.72 21.98
N LEU E 48 -2.55 24.35 21.94
CA LEU E 48 -1.77 23.99 23.13
C LEU E 48 -1.42 25.25 23.90
N ALA E 49 -1.17 26.37 23.20
CA ALA E 49 -0.85 27.66 23.82
C ALA E 49 -2.08 28.16 24.59
N ILE E 50 -3.30 28.00 24.02
CA ILE E 50 -4.59 28.36 24.66
C ILE E 50 -4.76 27.52 25.95
N ILE E 51 -4.45 26.17 25.92
CA ILE E 51 -4.60 25.27 27.08
C ILE E 51 -3.72 25.78 28.21
N GLN E 52 -2.48 26.21 27.88
CA GLN E 52 -1.52 26.75 28.83
C GLN E 52 -2.04 28.04 29.48
N VAL E 53 -2.57 28.97 28.68
CA VAL E 53 -3.11 30.24 29.16
C VAL E 53 -4.44 30.03 29.96
N GLU E 54 -5.28 29.11 29.54
CA GLU E 54 -6.59 28.84 30.14
C GLU E 54 -6.55 28.04 31.46
N SER E 55 -5.74 26.99 31.55
CA SER E 55 -5.73 26.10 32.71
C SER E 55 -4.35 25.60 33.12
N GLY E 56 -3.32 25.87 32.29
CA GLY E 56 -1.99 25.35 32.51
C GLY E 56 -1.97 23.83 32.35
N GLY E 57 -3.03 23.26 31.71
CA GLY E 57 -3.22 21.83 31.48
C GLY E 57 -3.60 20.94 32.66
N THR E 58 -3.93 21.53 33.81
CA THR E 58 -4.22 20.81 35.06
C THR E 58 -5.71 20.80 35.47
N ALA E 59 -6.58 21.55 34.76
CA ALA E 59 -8.00 21.53 35.05
C ALA E 59 -8.63 20.51 34.11
N GLU E 60 -9.61 19.75 34.58
CA GLU E 60 -10.36 18.74 33.79
C GLU E 60 -10.81 19.38 32.46
N ASP E 61 -11.41 20.56 32.51
CA ASP E 61 -11.82 21.36 31.34
C ASP E 61 -10.56 22.17 30.93
N VAL E 62 -9.59 21.50 30.30
CA VAL E 62 -8.26 22.01 29.93
C VAL E 62 -8.33 23.25 29.03
N GLN E 64 -11.12 25.25 28.86
CA GLN E 64 -12.16 26.11 29.49
C GLN E 64 -13.25 26.40 28.46
N SER E 65 -13.74 25.33 27.78
CA SER E 65 -14.67 25.47 26.67
C SER E 65 -16.12 25.19 27.07
N SER E 66 -16.41 25.02 28.39
CA SER E 66 -17.76 24.76 28.88
C SER E 66 -18.77 25.87 28.55
N GLU E 67 -18.40 27.13 28.79
CA GLU E 67 -19.25 28.31 28.55
C GLU E 67 -19.62 28.47 27.07
N SER E 68 -18.69 28.13 26.13
CA SER E 68 -18.89 28.19 24.67
C SER E 68 -20.02 27.22 24.25
N LEU E 69 -20.30 26.21 25.10
CA LEU E 69 -21.33 25.22 24.87
C LEU E 69 -22.59 25.52 25.74
N GLY E 70 -22.62 26.73 26.31
CA GLY E 70 -23.71 27.20 27.16
C GLY E 70 -23.89 26.38 28.43
N LEU E 71 -22.77 25.83 28.92
CA LEU E 71 -22.74 24.97 30.12
C LEU E 71 -22.11 25.74 31.29
N PRO E 72 -22.40 25.39 32.57
CA PRO E 72 -21.73 26.09 33.69
C PRO E 72 -20.20 25.95 33.63
N PRO E 73 -19.40 26.90 34.17
CA PRO E 73 -17.94 26.74 34.14
C PRO E 73 -17.47 25.39 34.70
N ASN E 74 -16.41 24.80 34.08
CA ASN E 74 -15.76 23.52 34.43
C ASN E 74 -16.73 22.34 34.47
N SER E 75 -17.55 22.20 33.44
CA SER E 75 -18.51 21.11 33.34
C SER E 75 -17.97 19.96 32.53
N LEU E 76 -17.29 20.26 31.41
CA LEU E 76 -16.76 19.25 30.49
C LEU E 76 -15.56 18.48 31.04
N ASP E 77 -15.51 17.19 30.68
CA ASP E 77 -14.41 16.29 30.96
C ASP E 77 -13.33 16.67 29.95
N THR E 78 -12.09 16.15 30.10
CA THR E 78 -10.96 16.52 29.25
C THR E 78 -11.23 16.29 27.77
N GLU E 79 -11.74 15.10 27.38
CA GLU E 79 -12.03 14.77 25.99
C GLU E 79 -13.05 15.74 25.38
N SER E 80 -14.19 15.96 26.08
CA SER E 80 -15.26 16.87 25.67
C SER E 80 -14.75 18.31 25.58
N SER E 81 -13.83 18.69 26.48
CA SER E 81 -13.19 20.00 26.50
C SER E 81 -12.36 20.27 25.25
N ILE E 82 -11.46 19.32 24.88
CA ILE E 82 -10.60 19.43 23.72
C ILE E 82 -11.45 19.38 22.46
N LYS E 83 -12.45 18.49 22.41
CA LYS E 83 -13.39 18.35 21.30
C LYS E 83 -14.10 19.69 21.07
N GLN E 84 -14.72 20.25 22.13
CA GLN E 84 -15.46 21.52 22.06
C GLN E 84 -14.55 22.72 21.75
N GLY E 85 -13.37 22.79 22.38
CA GLY E 85 -12.42 23.87 22.16
C GLY E 85 -11.94 23.95 20.72
N CYS E 86 -11.63 22.77 20.12
CA CYS E 86 -11.17 22.63 18.72
C CYS E 86 -12.28 23.02 17.77
N LYS E 87 -13.49 22.54 18.03
CA LYS E 87 -14.72 22.80 17.25
C LYS E 87 -15.05 24.30 17.28
N TYR E 88 -14.97 24.92 18.46
CA TYR E 88 -15.23 26.33 18.72
C TYR E 88 -14.18 27.22 18.02
N PHE E 89 -12.87 26.90 18.13
CA PHE E 89 -11.79 27.65 17.48
C PHE E 89 -11.90 27.55 15.94
N ALA E 90 -12.26 26.35 15.40
CA ALA E 90 -12.50 26.12 13.97
C ALA E 90 -13.64 27.00 13.45
N SER E 91 -14.71 27.21 14.27
CA SER E 91 -15.84 28.07 13.91
C SER E 91 -15.43 29.54 13.87
N LEU E 92 -14.51 29.94 14.78
CA LEU E 92 -14.00 31.32 14.87
C LEU E 92 -13.15 31.65 13.65
N LEU E 93 -12.37 30.67 13.12
CA LEU E 93 -11.56 30.80 11.90
C LEU E 93 -12.46 30.87 10.66
N SER E 94 -13.55 30.07 10.66
CA SER E 94 -14.51 30.04 9.55
C SER E 94 -15.21 31.39 9.47
N SER E 95 -15.67 31.91 10.63
CA SER E 95 -16.32 33.22 10.76
C SER E 95 -15.39 34.33 10.23
N SER E 96 -14.07 34.21 10.52
CA SER E 96 -13.04 35.16 10.09
C SER E 96 -12.91 35.16 8.57
N LYS E 97 -12.63 33.98 7.97
CA LYS E 97 -12.49 33.78 6.52
C LYS E 97 -13.72 34.31 5.75
N ASN E 98 -14.95 34.05 6.26
CA ASN E 98 -16.22 34.48 5.67
C ASN E 98 -16.43 36.00 5.73
N GLN E 99 -15.81 36.68 6.72
CA GLN E 99 -15.91 38.13 6.90
C GLN E 99 -14.67 38.86 6.35
N GLY E 100 -13.83 38.12 5.61
CA GLY E 100 -12.64 38.62 4.94
C GLY E 100 -11.43 38.88 5.81
N ILE E 101 -11.30 38.16 6.94
CA ILE E 101 -10.18 38.31 7.87
C ILE E 101 -9.17 37.18 7.65
N ASP E 102 -7.88 37.55 7.50
CA ASP E 102 -6.75 36.66 7.28
C ASP E 102 -5.93 36.47 8.56
N ASP E 103 -6.12 37.41 9.53
CA ASP E 103 -5.41 37.49 10.81
C ASP E 103 -5.88 36.43 11.82
N LEU E 104 -4.92 35.57 12.24
CA LEU E 104 -5.10 34.51 13.22
C LEU E 104 -5.43 35.09 14.60
N ASN E 105 -4.83 36.26 14.95
CA ASN E 105 -4.98 36.94 16.23
C ASN E 105 -6.44 37.32 16.50
N VAL E 106 -7.26 37.44 15.43
CA VAL E 106 -8.68 37.75 15.57
C VAL E 106 -9.41 36.52 16.19
N ALA E 107 -9.09 35.28 15.73
CA ALA E 107 -9.68 34.04 16.26
C ALA E 107 -9.15 33.75 17.68
N ILE E 108 -7.86 34.02 17.93
CA ILE E 108 -7.25 33.89 19.26
C ILE E 108 -8.01 34.82 20.25
N GLN E 109 -8.11 36.16 19.95
CA GLN E 109 -8.83 37.09 20.83
C GLN E 109 -10.30 36.71 20.95
N SER E 110 -10.89 36.17 19.87
CA SER E 110 -12.29 35.75 19.85
C SER E 110 -12.49 34.51 20.70
N TYR E 111 -11.45 33.74 21.00
CA TYR E 111 -11.63 32.58 21.90
C TYR E 111 -12.05 33.10 23.30
N ASN E 112 -11.45 34.24 23.69
CA ASN E 112 -11.69 34.91 24.97
C ASN E 112 -12.93 35.82 24.96
N TYR E 113 -13.11 36.59 23.88
CA TYR E 113 -14.19 37.57 23.71
C TYR E 113 -15.50 37.04 23.13
N GLY E 114 -15.46 35.94 22.41
CA GLY E 114 -16.60 35.38 21.69
C GLY E 114 -16.56 35.81 20.24
N GLY E 115 -17.47 35.25 19.44
CA GLY E 115 -17.62 35.49 18.01
C GLY E 115 -17.90 36.92 17.58
N GLY E 116 -18.43 37.74 18.49
CA GLY E 116 -18.76 39.14 18.25
C GLY E 116 -17.55 40.02 17.91
N TYR E 117 -16.33 39.62 18.36
CA TYR E 117 -15.11 40.36 18.09
C TYR E 117 -14.71 40.26 16.60
N VAL E 118 -15.16 39.21 15.90
CA VAL E 118 -14.84 39.02 14.48
C VAL E 118 -15.54 40.11 13.66
N GLY E 119 -16.85 40.25 13.90
CA GLY E 119 -17.69 41.25 13.24
C GLY E 119 -17.23 42.66 13.52
N TYR E 120 -16.71 42.90 14.75
CA TYR E 120 -16.17 44.17 15.21
C TYR E 120 -14.90 44.56 14.43
N VAL E 121 -13.97 43.59 14.27
CA VAL E 121 -12.70 43.78 13.55
C VAL E 121 -12.94 43.85 12.02
N ALA E 122 -13.89 43.03 11.48
CA ALA E 122 -14.21 42.96 10.05
C ALA E 122 -14.61 44.33 9.48
N GLY E 123 -15.29 45.16 10.27
CA GLY E 123 -15.71 46.49 9.87
C GLY E 123 -14.76 47.60 10.28
N LYS E 124 -13.60 47.23 10.88
CA LYS E 124 -12.61 48.19 11.36
C LYS E 124 -11.17 47.83 10.93
N GLY E 125 -10.99 47.43 9.67
CA GLY E 125 -9.68 47.13 9.10
C GLY E 125 -9.29 45.69 8.86
N LYS E 126 -10.11 44.70 9.32
CA LYS E 126 -9.92 43.24 9.16
C LYS E 126 -8.69 42.68 9.94
N LYS E 127 -8.00 43.52 10.75
CA LYS E 127 -6.84 43.08 11.52
C LYS E 127 -7.00 43.38 13.01
N HIS E 128 -6.58 42.42 13.87
CA HIS E 128 -6.58 42.59 15.32
C HIS E 128 -5.51 43.61 15.71
N THR E 129 -5.86 44.52 16.62
CA THR E 129 -4.97 45.49 17.25
C THR E 129 -5.33 45.54 18.73
N PHE E 130 -4.35 45.82 19.60
CA PHE E 130 -4.61 45.96 21.03
C PHE E 130 -5.68 47.06 21.27
N ASN E 131 -5.62 48.15 20.48
CA ASN E 131 -6.56 49.27 20.55
C ASN E 131 -8.01 48.84 20.25
N LEU E 132 -8.21 47.89 19.28
CA LEU E 132 -9.54 47.34 18.96
C LEU E 132 -10.01 46.38 20.09
N ALA E 133 -9.09 45.58 20.65
CA ALA E 133 -9.42 44.68 21.76
C ALA E 133 -9.79 45.50 22.99
N GLU E 134 -9.07 46.63 23.23
CA GLU E 134 -9.30 47.54 24.35
C GLU E 134 -10.65 48.28 24.21
N SER E 135 -10.97 48.80 23.00
CA SER E 135 -12.21 49.54 22.76
C SER E 135 -13.42 48.60 22.79
N PHE E 136 -13.26 47.34 22.35
CA PHE E 136 -14.32 46.31 22.42
C PHE E 136 -14.66 46.00 23.88
N ALA E 137 -13.64 45.78 24.73
CA ALA E 137 -13.80 45.51 26.17
C ALA E 137 -14.41 46.72 26.89
N ARG E 138 -13.97 47.96 26.53
CA ARG E 138 -14.47 49.20 27.13
C ARG E 138 -15.98 49.36 26.88
N GLU E 139 -16.45 49.05 25.65
CA GLU E 139 -17.84 49.11 25.25
C GLU E 139 -18.68 48.09 26.03
N LYS E 140 -18.29 46.81 25.96
CA LYS E 140 -18.97 45.67 26.57
C LYS E 140 -18.97 45.72 28.12
N SER E 141 -17.94 46.32 28.75
CA SER E 141 -17.86 46.43 30.21
C SER E 141 -18.72 47.55 30.81
N GLY E 142 -19.11 48.51 29.96
CA GLY E 142 -19.85 49.69 30.36
C GLY E 142 -18.92 50.70 31.04
N GLY E 143 -17.66 50.71 30.59
CA GLY E 143 -16.61 51.57 31.13
C GLY E 143 -16.21 51.26 32.55
N LYS E 144 -16.18 49.96 32.91
CA LYS E 144 -15.82 49.50 34.25
C LYS E 144 -14.42 48.86 34.25
N LYS E 145 -13.57 49.24 35.21
CA LYS E 145 -12.19 48.72 35.26
C LYS E 145 -12.05 47.69 36.37
N VAL E 146 -11.05 46.80 36.22
CA VAL E 146 -10.71 45.75 37.18
C VAL E 146 -9.18 45.65 37.23
N THR E 147 -8.61 45.47 38.45
CA THR E 147 -7.17 45.35 38.65
C THR E 147 -6.65 44.13 37.89
N TYR E 148 -5.49 44.29 37.22
CA TYR E 148 -4.82 43.22 36.47
C TYR E 148 -3.30 43.43 36.59
N THR E 149 -2.65 42.67 37.49
CA THR E 149 -1.25 42.90 37.79
C THR E 149 -0.25 42.08 36.93
N ASN E 150 -0.70 41.50 35.78
CA ASN E 150 0.26 40.84 34.89
C ASN E 150 1.29 41.92 34.43
N PRO E 151 2.62 41.64 34.40
CA PRO E 151 3.60 42.69 34.03
C PRO E 151 3.30 43.43 32.72
N ILE E 152 2.74 42.74 31.72
CA ILE E 152 2.35 43.32 30.42
C ILE E 152 1.33 44.48 30.64
N ALA E 153 0.35 44.29 31.54
CA ALA E 153 -0.69 45.27 31.89
C ALA E 153 -0.14 46.39 32.76
N VAL E 154 0.77 46.06 33.69
CA VAL E 154 1.41 47.02 34.59
C VAL E 154 2.19 48.01 33.73
N ALA E 155 3.04 47.51 32.83
CA ALA E 155 3.87 48.34 31.94
C ALA E 155 2.99 49.19 30.99
N LYS E 156 1.88 48.63 30.50
CA LYS E 156 1.01 49.29 29.54
C LYS E 156 0.15 50.42 30.14
N ASN E 157 -0.52 50.20 31.27
CA ASN E 157 -1.42 51.25 31.74
C ASN E 157 -1.44 51.46 33.27
N GLY E 158 -0.62 50.70 33.97
CA GLY E 158 -0.53 50.75 35.43
C GLY E 158 -0.96 49.45 36.09
N GLY E 159 -1.68 48.62 35.34
CA GLY E 159 -2.14 47.34 35.85
C GLY E 159 -3.63 47.21 35.96
N TRP E 160 -4.34 47.42 34.85
CA TRP E 160 -5.78 47.25 34.83
C TRP E 160 -6.30 46.79 33.45
N ARG E 161 -7.56 46.37 33.42
CA ARG E 161 -8.27 46.01 32.18
C ARG E 161 -9.74 46.43 32.29
N TRP E 162 -10.37 46.71 31.15
CA TRP E 162 -11.78 46.98 31.07
C TRP E 162 -12.46 45.65 31.43
N ASN E 163 -13.47 45.71 32.30
CA ASN E 163 -14.14 44.55 32.88
C ASN E 163 -14.96 43.72 31.86
N TYR E 164 -14.29 43.13 30.89
CA TYR E 164 -14.86 42.23 29.87
C TYR E 164 -13.72 41.44 29.25
N GLY E 165 -13.79 40.13 29.38
CA GLY E 165 -12.77 39.26 28.82
C GLY E 165 -11.39 39.65 29.31
N ASN E 166 -10.38 39.46 28.47
CA ASN E 166 -9.02 39.87 28.76
C ASN E 166 -8.49 40.56 27.51
N PHE E 168 -5.66 41.67 26.92
CA PHE E 168 -4.25 41.29 26.70
C PHE E 168 -4.10 39.81 26.25
N TYR E 169 -5.21 39.12 25.96
CA TYR E 169 -5.26 37.69 25.64
C TYR E 169 -4.32 37.26 24.50
N VAL E 170 -4.31 37.99 23.35
CA VAL E 170 -3.50 37.66 22.17
C VAL E 170 -2.01 37.63 22.55
N GLU E 171 -1.58 38.63 23.32
CA GLU E 171 -0.23 38.81 23.81
C GLU E 171 0.14 37.66 24.75
N LEU E 172 -0.81 37.24 25.62
CA LEU E 172 -0.60 36.15 26.57
C LEU E 172 -0.45 34.80 25.85
N VAL E 173 -1.29 34.55 24.84
CA VAL E 173 -1.26 33.32 24.04
C VAL E 173 0.04 33.33 23.19
N ASN E 174 0.40 34.48 22.57
CA ASN E 174 1.62 34.60 21.73
C ASN E 174 2.93 34.51 22.54
N GLN E 175 2.86 34.53 23.90
CA GLN E 175 4.02 34.27 24.76
C GLN E 175 4.52 32.84 24.57
N TYR E 176 3.59 31.92 24.24
CA TYR E 176 3.84 30.49 24.05
C TYR E 176 3.87 30.08 22.56
N LEU E 177 3.97 31.06 21.65
CA LEU E 177 4.03 30.77 20.20
C LEU E 177 5.29 31.36 19.55
N THR E 178 6.34 31.60 20.35
CA THR E 178 7.63 32.12 19.84
C THR E 178 8.56 30.95 19.49
N SER E 183 16.68 24.90 18.20
CA SER E 183 16.72 23.46 17.92
C SER E 183 17.25 23.20 16.53
N GLY E 184 18.19 22.25 16.44
CA GLY E 184 18.82 21.87 15.18
C GLY E 184 18.11 20.77 14.43
N GLU E 185 18.77 20.27 13.38
CA GLU E 185 18.26 19.21 12.51
C GLU E 185 18.14 17.89 13.25
N LEU E 186 19.15 17.54 14.09
CA LEU E 186 19.16 16.30 14.88
C LEU E 186 18.00 16.27 15.86
N ALA E 187 17.84 17.37 16.66
CA ALA E 187 16.76 17.50 17.63
C ALA E 187 15.38 17.35 16.99
N GLN E 188 15.17 17.97 15.80
CA GLN E 188 13.93 17.91 15.04
C GLN E 188 13.64 16.49 14.54
N LYS E 189 14.65 15.79 13.96
CA LYS E 189 14.50 14.44 13.41
C LYS E 189 14.22 13.41 14.52
N VAL E 190 14.94 13.53 15.67
CA VAL E 190 14.81 12.68 16.86
C VAL E 190 13.38 12.85 17.44
N ASN E 192 10.57 14.25 15.95
CA ASN E 192 9.49 13.93 14.99
C ASN E 192 9.13 12.44 15.04
N GLU E 193 10.14 11.59 15.30
CA GLU E 193 10.00 10.16 15.48
C GLU E 193 9.46 9.82 16.91
N ALA E 194 10.07 10.41 17.97
CA ALA E 194 9.71 10.16 19.37
C ALA E 194 8.26 10.49 19.70
N LEU E 195 7.70 11.56 19.08
CA LEU E 195 6.32 12.05 19.29
C LEU E 195 5.25 11.08 18.76
N LYS E 196 5.64 10.14 17.89
CA LYS E 196 4.72 9.14 17.34
C LYS E 196 4.31 8.16 18.45
N TYR E 197 5.07 8.11 19.55
CA TYR E 197 4.85 7.17 20.64
C TYR E 197 4.40 7.88 21.91
N GLN E 198 3.93 9.13 21.80
CA GLN E 198 3.47 9.90 22.95
C GLN E 198 2.21 9.21 23.54
N GLY E 199 2.27 8.89 24.83
CA GLY E 199 1.21 8.23 25.57
C GLY E 199 1.27 6.71 25.54
N TRP E 200 2.27 6.16 24.83
CA TRP E 200 2.45 4.70 24.70
C TRP E 200 2.90 4.08 26.03
N LYS E 201 2.59 2.80 26.21
CA LYS E 201 2.94 2.09 27.42
C LYS E 201 4.42 1.68 27.40
N TYR E 202 5.17 1.96 28.49
CA TYR E 202 6.56 1.51 28.64
C TYR E 202 6.59 -0.03 28.62
N VAL E 203 7.47 -0.61 27.83
CA VAL E 203 7.68 -2.06 27.79
C VAL E 203 9.16 -2.30 28.04
N TYR E 204 9.49 -3.02 29.13
CA TYR E 204 10.87 -3.37 29.47
C TYR E 204 11.48 -4.22 28.38
N GLY E 205 12.63 -3.81 27.88
CA GLY E 205 13.32 -4.51 26.81
C GLY E 205 12.94 -4.08 25.41
N GLY E 206 11.90 -3.25 25.28
CA GLY E 206 11.41 -2.81 23.98
C GLY E 206 12.29 -1.78 23.30
N SER E 207 12.54 -1.96 21.99
CA SER E 207 13.40 -1.02 21.24
C SER E 207 12.88 -0.72 19.82
N ASN E 208 11.60 -0.99 19.54
CA ASN E 208 11.01 -0.71 18.21
C ASN E 208 9.49 -0.48 18.32
N PRO E 209 8.84 0.13 17.30
CA PRO E 209 7.39 0.40 17.41
C PRO E 209 6.47 -0.83 17.51
N ASN E 210 6.95 -2.01 17.16
CA ASN E 210 6.14 -3.24 17.19
C ASN E 210 6.05 -3.87 18.59
N THR E 211 6.94 -3.52 19.52
CA THR E 211 6.98 -4.02 20.91
C THR E 211 6.76 -2.89 21.93
N SER E 212 6.83 -1.63 21.47
CA SER E 212 6.88 -0.37 22.23
C SER E 212 8.28 -0.26 22.80
N PHE E 213 8.53 0.70 23.71
CA PHE E 213 9.90 0.95 24.14
C PHE E 213 10.10 1.10 25.63
N ASP E 214 11.37 0.90 26.05
CA ASP E 214 11.90 1.26 27.35
C ASP E 214 12.69 2.56 27.10
N SER E 216 16.00 3.54 27.01
CA SER E 216 17.16 3.48 26.13
C SER E 216 16.77 2.89 24.77
N GLY E 217 15.65 2.15 24.73
CA GLY E 217 15.11 1.59 23.50
C GLY E 217 14.51 2.69 22.64
N LEU E 218 13.85 3.68 23.30
CA LEU E 218 13.27 4.87 22.66
C LEU E 218 14.37 5.74 22.05
N THR E 219 15.42 6.08 22.85
CA THR E 219 16.53 6.92 22.36
C THR E 219 17.27 6.21 21.19
N GLN E 220 17.60 4.91 21.33
CA GLN E 220 18.29 4.18 20.26
C GLN E 220 17.50 4.21 18.93
N TRP E 221 16.18 3.95 18.99
CA TRP E 221 15.31 3.93 17.81
C TRP E 221 15.23 5.30 17.11
N CYS E 222 14.88 6.34 17.88
CA CYS E 222 14.66 7.70 17.39
C CYS E 222 15.95 8.35 16.89
N TYR E 223 17.09 8.13 17.57
CA TYR E 223 18.38 8.63 17.10
C TYR E 223 18.84 7.83 15.87
N GLY E 224 18.48 6.54 15.83
CA GLY E 224 18.73 5.65 14.70
C GLY E 224 18.04 6.14 13.45
N LYS E 225 16.80 6.67 13.59
CA LYS E 225 16.03 7.27 12.49
C LYS E 225 16.63 8.61 12.05
N ALA E 226 17.41 9.26 12.95
CA ALA E 226 18.07 10.54 12.68
C ALA E 226 19.47 10.31 12.10
N GLY E 227 19.85 9.03 11.96
CA GLY E 227 21.15 8.61 11.40
C GLY E 227 22.27 8.49 12.41
N ILE E 228 21.95 8.40 13.73
CA ILE E 228 22.94 8.24 14.79
C ILE E 228 22.80 6.84 15.39
N SER E 229 23.90 6.09 15.44
CA SER E 229 23.95 4.75 16.01
C SER E 229 24.36 4.80 17.48
N LEU E 230 23.41 4.49 18.36
CA LEU E 230 23.63 4.45 19.80
C LEU E 230 23.70 3.01 20.31
N PRO E 231 24.39 2.76 21.44
CA PRO E 231 24.33 1.41 22.04
C PRO E 231 22.95 1.20 22.70
N ARG E 232 22.67 -0.03 23.13
CA ARG E 232 21.38 -0.45 23.63
C ARG E 232 21.01 0.08 25.02
N THR E 233 21.94 -0.01 26.00
CA THR E 233 21.69 0.37 27.40
C THR E 233 21.93 1.88 27.64
N ALA E 234 21.23 2.41 28.67
CA ALA E 234 21.34 3.79 29.17
C ALA E 234 22.76 4.06 29.62
N GLN E 235 23.42 3.07 30.30
CA GLN E 235 24.82 3.17 30.74
C GLN E 235 25.77 3.25 29.54
N ALA E 236 25.60 2.37 28.55
CA ALA E 236 26.43 2.37 27.34
C ALA E 236 26.23 3.67 26.53
N GLN E 237 25.01 4.23 26.56
CA GLN E 237 24.69 5.48 25.87
C GLN E 237 25.38 6.66 26.56
N TYR E 238 25.45 6.61 27.91
CA TYR E 238 26.17 7.59 28.74
C TYR E 238 27.66 7.53 28.43
N ASP E 239 28.24 6.31 28.40
CA ASP E 239 29.67 6.10 28.12
C ASP E 239 30.07 6.54 26.71
N ALA E 240 29.12 6.55 25.75
CA ALA E 240 29.39 6.89 24.36
C ALA E 240 29.16 8.38 24.06
N THR E 241 28.77 9.20 25.04
CA THR E 241 28.53 10.64 24.80
C THR E 241 29.58 11.51 25.52
N GLN E 242 29.71 12.75 25.06
CA GLN E 242 30.52 13.78 25.68
C GLN E 242 29.65 14.40 26.75
N HIS E 243 30.11 14.36 28.01
CA HIS E 243 29.31 14.86 29.11
C HIS E 243 29.46 16.35 29.33
N LEU E 244 28.33 16.98 29.66
CA LEU E 244 28.19 18.41 29.94
C LEU E 244 27.05 18.60 30.97
N PRO E 245 27.13 19.63 31.85
CA PRO E 245 26.01 19.86 32.78
C PRO E 245 24.76 20.27 32.00
N LEU E 246 23.58 20.03 32.59
CA LEU E 246 22.30 20.34 31.97
C LEU E 246 22.17 21.84 31.58
N SER E 247 22.86 22.76 32.28
CA SER E 247 22.85 24.20 32.02
C SER E 247 23.49 24.56 30.69
N GLN E 248 24.40 23.72 30.19
CA GLN E 248 25.09 23.91 28.91
C GLN E 248 24.44 23.09 27.78
N ALA E 249 23.51 22.18 28.14
CA ALA E 249 22.88 21.27 27.20
C ALA E 249 21.90 21.97 26.27
N LYS E 250 21.66 21.34 25.12
CA LYS E 250 20.73 21.81 24.09
C LYS E 250 19.73 20.71 23.77
N ALA E 251 18.63 21.06 23.08
CA ALA E 251 17.65 20.10 22.61
C ALA E 251 18.38 19.11 21.69
N GLY E 252 18.14 17.82 21.89
CA GLY E 252 18.84 16.79 21.12
C GLY E 252 19.93 16.10 21.91
N ASP E 253 20.36 16.70 23.03
CA ASP E 253 21.32 16.07 23.92
C ASP E 253 20.58 15.04 24.77
N LEU E 254 21.30 14.09 25.34
CA LEU E 254 20.67 13.09 26.19
C LEU E 254 20.81 13.54 27.63
N VAL E 255 19.87 13.18 28.48
CA VAL E 255 19.92 13.52 29.89
C VAL E 255 19.93 12.18 30.65
N PHE E 256 20.81 12.04 31.67
CA PHE E 256 21.03 10.77 32.38
C PHE E 256 20.74 10.86 33.85
N PHE E 257 20.27 9.71 34.42
CA PHE E 257 19.86 9.63 35.81
C PHE E 257 20.42 8.40 36.46
N HIS E 258 20.61 8.47 37.78
CA HIS E 258 21.11 7.37 38.62
C HIS E 258 20.00 6.90 39.55
N SER E 259 20.18 5.67 40.09
CA SER E 259 19.39 5.00 41.13
C SER E 259 17.84 5.12 41.01
N THR E 260 17.28 5.12 39.78
CA THR E 260 15.83 5.23 39.58
C THR E 260 15.13 3.88 39.89
N TYR E 261 15.89 2.77 39.87
CA TYR E 261 15.45 1.43 40.26
C TYR E 261 16.72 0.63 40.64
N ASN E 262 16.55 -0.55 41.27
CA ASN E 262 17.67 -1.41 41.66
C ASN E 262 18.36 -1.95 40.41
N ALA E 263 19.57 -1.46 40.16
CA ALA E 263 20.37 -1.81 39.01
C ALA E 263 21.87 -1.87 39.37
N GLY E 264 22.61 -2.65 38.58
CA GLY E 264 24.04 -2.87 38.76
C GLY E 264 24.93 -1.79 38.19
N SER E 265 24.35 -0.85 37.41
CA SER E 265 25.10 0.24 36.77
C SER E 265 24.76 1.59 37.39
N TYR E 266 25.69 2.57 37.26
CA TYR E 266 25.52 3.93 37.77
C TYR E 266 24.30 4.60 37.09
N VAL E 267 24.23 4.60 35.75
CA VAL E 267 23.13 5.14 34.97
C VAL E 267 22.01 4.13 34.94
N THR E 268 20.81 4.55 35.37
CA THR E 268 19.65 3.69 35.41
C THR E 268 18.56 4.21 34.47
N HIS E 269 18.64 5.49 34.05
CA HIS E 269 17.65 6.10 33.18
C HIS E 269 18.26 7.12 32.20
N VAL E 270 17.61 7.33 31.01
CA VAL E 270 17.92 8.27 29.94
C VAL E 270 16.59 8.79 29.32
N GLY E 271 16.62 10.05 28.94
CA GLY E 271 15.56 10.72 28.19
C GLY E 271 16.21 11.67 27.20
N ILE E 272 15.42 12.28 26.35
CA ILE E 272 15.90 13.23 25.33
C ILE E 272 15.69 14.62 25.91
N TYR E 273 16.76 15.43 25.99
CA TYR E 273 16.62 16.81 26.47
C TYR E 273 15.95 17.66 25.36
N VAL E 274 14.91 18.43 25.73
CA VAL E 274 14.18 19.22 24.73
C VAL E 274 14.33 20.74 25.04
N GLY E 275 15.26 21.08 25.92
CA GLY E 275 15.49 22.46 26.33
C GLY E 275 14.53 22.86 27.43
N ASN E 276 14.69 24.10 27.94
CA ASN E 276 13.86 24.72 28.99
C ASN E 276 13.61 23.82 30.22
N ASN E 277 14.64 23.07 30.65
CA ASN E 277 14.62 22.16 31.80
C ASN E 277 13.51 21.06 31.66
N GLN E 278 13.30 20.58 30.44
CA GLN E 278 12.36 19.47 30.27
C GLN E 278 12.92 18.40 29.33
N TYR E 280 11.92 14.46 27.07
CA TYR E 280 10.98 13.54 26.46
C TYR E 280 11.56 12.18 26.72
N HIS E 281 10.79 11.25 27.29
CA HIS E 281 11.36 9.95 27.64
C HIS E 281 10.30 8.85 27.79
N ALA E 282 10.80 7.63 27.94
CA ALA E 282 10.06 6.44 28.31
C ALA E 282 10.54 6.08 29.75
N GLY E 283 9.81 6.52 30.78
CA GLY E 283 8.55 7.25 30.68
C GLY E 283 7.39 6.28 30.61
N ASP E 284 6.45 6.42 31.54
CA ASP E 284 5.27 5.53 31.55
C ASP E 284 4.03 6.32 31.99
N PRO E 285 3.24 6.87 31.04
CA PRO E 285 3.38 6.73 29.58
C PRO E 285 4.53 7.56 29.02
N ILE E 286 4.98 7.23 27.81
CA ILE E 286 6.05 7.91 27.11
C ILE E 286 5.62 9.38 26.90
N GLY E 287 6.52 10.31 27.17
CA GLY E 287 6.19 11.73 26.97
C GLY E 287 7.16 12.69 27.59
N TYR E 288 6.71 13.93 27.73
CA TYR E 288 7.49 15.01 28.34
C TYR E 288 7.41 15.01 29.85
N ALA E 289 8.53 15.26 30.51
CA ALA E 289 8.63 15.37 31.95
C ALA E 289 9.34 16.69 32.32
N ASP E 290 8.86 17.34 33.38
CA ASP E 290 9.49 18.57 33.87
C ASP E 290 10.61 18.15 34.83
N LEU E 291 11.83 18.59 34.54
CA LEU E 291 13.02 18.19 35.30
C LEU E 291 13.19 18.94 36.59
N SER E 292 12.46 20.03 36.78
CA SER E 292 12.59 20.85 37.98
C SER E 292 11.96 20.18 39.22
N SER E 293 11.33 19.00 39.06
CA SER E 293 10.74 18.35 40.22
C SER E 293 11.84 17.84 41.16
N SER E 294 11.51 17.76 42.45
CA SER E 294 12.39 17.27 43.50
C SER E 294 12.99 15.88 43.12
N TYR E 295 12.14 14.94 42.59
CA TYR E 295 12.50 13.58 42.16
C TYR E 295 13.58 13.60 41.08
N TRP E 296 13.32 14.29 39.95
CA TRP E 296 14.30 14.35 38.85
C TRP E 296 15.60 15.06 39.26
N GLN E 297 15.55 16.07 40.15
CA GLN E 297 16.76 16.76 40.61
C GLN E 297 17.64 15.83 41.47
N GLN E 298 17.00 14.95 42.26
CA GLN E 298 17.67 14.00 43.16
C GLN E 298 18.32 12.82 42.44
N HIS E 299 17.91 12.56 41.17
CA HIS E 299 18.43 11.47 40.38
C HIS E 299 19.32 11.95 39.21
N LEU E 300 19.31 13.25 38.89
CA LEU E 300 20.05 13.79 37.76
C LEU E 300 21.58 13.61 37.88
N ILE E 301 22.18 13.05 36.79
CA ILE E 301 23.64 12.92 36.61
C ILE E 301 24.11 14.15 35.78
N GLY E 302 23.45 14.37 34.66
CA GLY E 302 23.76 15.48 33.75
C GLY E 302 23.41 15.10 32.33
N ALA E 303 23.87 15.94 31.37
CA ALA E 303 23.59 15.73 29.94
C ALA E 303 24.76 15.05 29.19
N GLY E 304 24.46 14.55 27.99
CA GLY E 304 25.40 13.91 27.09
C GLY E 304 25.18 14.34 25.65
N ARG E 305 26.26 14.72 24.94
CA ARG E 305 26.19 15.13 23.53
C ARG E 305 26.64 13.97 22.65
N VAL E 306 25.73 13.52 21.73
CA VAL E 306 26.00 12.39 20.82
C VAL E 306 27.04 12.80 19.78
N LYS E 307 27.85 11.83 19.32
CA LYS E 307 28.88 11.99 18.28
C LYS E 307 28.22 12.14 16.91
N GLN E 308 28.47 13.28 16.22
CA GLN E 308 27.89 13.58 14.91
C GLN E 308 28.95 13.70 13.79
N THR F 16 39.50 -35.42 17.15
CA THR F 16 40.95 -35.34 17.21
C THR F 16 41.41 -33.88 17.39
N GLY F 17 42.09 -33.62 18.51
CA GLY F 17 42.61 -32.31 18.88
C GLY F 17 43.75 -31.77 18.02
N ASN F 19 46.35 -27.75 17.40
CA ASN F 19 46.93 -26.53 17.95
C ASN F 19 46.71 -25.32 17.01
N LEU F 20 46.48 -24.11 17.60
CA LEU F 20 46.27 -22.83 16.88
C LEU F 20 47.55 -22.36 16.26
N SER F 21 47.47 -21.87 15.02
CA SER F 21 48.60 -21.32 14.28
C SER F 21 48.96 -19.94 14.75
N ALA F 22 50.22 -19.56 14.47
CA ALA F 22 50.81 -18.27 14.79
C ALA F 22 50.07 -17.13 14.09
N GLU F 23 49.50 -17.42 12.90
CA GLU F 23 48.73 -16.45 12.09
C GLU F 23 47.51 -15.98 12.83
N VAL F 24 46.86 -16.88 13.58
CA VAL F 24 45.66 -16.64 14.38
C VAL F 24 46.07 -16.01 15.72
N LEU F 25 47.11 -16.59 16.37
CA LEU F 25 47.63 -16.17 17.69
C LEU F 25 48.09 -14.70 17.71
N LYS F 26 48.43 -14.10 16.54
CA LYS F 26 48.83 -12.69 16.45
C LYS F 26 47.64 -11.75 16.69
N HIS F 27 46.40 -12.25 16.49
CA HIS F 27 45.16 -11.49 16.68
C HIS F 27 44.64 -11.53 18.13
N GLN F 28 45.28 -12.29 19.03
CA GLN F 28 44.90 -12.47 20.44
C GLN F 28 44.81 -11.11 21.19
N PRO F 29 45.77 -10.15 21.14
CA PRO F 29 45.57 -8.89 21.91
C PRO F 29 44.29 -8.14 21.49
N VAL F 31 41.58 -9.55 20.07
CA VAL F 31 40.46 -10.41 20.43
C VAL F 31 40.12 -10.13 21.89
N GLU F 32 41.12 -10.11 22.77
CA GLU F 32 40.96 -9.88 24.20
C GLU F 32 40.36 -8.51 24.49
N LYS F 33 40.68 -7.50 23.66
CA LYS F 33 40.17 -6.13 23.77
C LYS F 33 38.63 -6.11 23.53
N TYR F 34 38.17 -6.64 22.40
CA TYR F 34 36.76 -6.64 22.04
C TYR F 34 35.97 -7.69 22.80
N ALA F 35 36.62 -8.77 23.31
CA ALA F 35 35.92 -9.78 24.13
C ALA F 35 35.55 -9.13 25.49
N ARG F 36 36.49 -8.29 26.03
CA ARG F 36 36.35 -7.55 27.28
C ARG F 36 35.26 -6.49 27.17
N GLU F 37 35.21 -5.77 26.02
CA GLU F 37 34.21 -4.72 25.73
C GLU F 37 32.78 -5.30 25.62
N ASN F 38 32.65 -6.60 25.27
CA ASN F 38 31.39 -7.31 25.10
C ASN F 38 31.12 -8.31 26.25
N GLY F 39 31.92 -8.23 27.32
CA GLY F 39 31.81 -9.04 28.53
C GLY F 39 31.93 -10.54 28.33
N ILE F 40 32.76 -10.98 27.36
CA ILE F 40 32.96 -12.41 27.02
C ILE F 40 34.48 -12.79 27.04
N SER F 41 35.26 -12.19 27.97
CA SER F 41 36.69 -12.44 28.15
C SER F 41 37.01 -13.90 28.48
N GLU F 42 36.05 -14.65 29.03
CA GLU F 42 36.24 -16.06 29.40
C GLU F 42 36.22 -16.96 28.15
N TYR F 43 35.73 -16.44 26.99
CA TYR F 43 35.64 -17.15 25.71
C TYR F 43 36.66 -16.60 24.67
N VAL F 44 37.87 -16.15 25.13
CA VAL F 44 38.89 -15.68 24.18
C VAL F 44 39.39 -16.92 23.34
N ASN F 45 39.60 -18.08 24.01
CA ASN F 45 40.06 -19.34 23.39
C ASN F 45 39.09 -19.81 22.27
N VAL F 46 37.77 -19.64 22.47
CA VAL F 46 36.69 -20.01 21.52
C VAL F 46 36.74 -19.04 20.33
N LEU F 47 36.92 -17.74 20.61
CA LEU F 47 37.04 -16.68 19.61
C LEU F 47 38.24 -16.90 18.71
N LEU F 48 39.39 -17.32 19.28
CA LEU F 48 40.59 -17.65 18.52
C LEU F 48 40.42 -18.93 17.69
N ALA F 49 39.70 -19.96 18.23
CA ALA F 49 39.41 -21.21 17.50
C ALA F 49 38.48 -20.93 16.30
N ILE F 50 37.51 -19.98 16.46
CA ILE F 50 36.58 -19.56 15.39
C ILE F 50 37.40 -18.89 14.28
N ILE F 51 38.34 -17.95 14.61
CA ILE F 51 39.18 -17.32 13.59
C ILE F 51 39.96 -18.40 12.82
N GLN F 52 40.55 -19.39 13.54
CA GLN F 52 41.30 -20.49 12.93
C GLN F 52 40.46 -21.25 11.89
N VAL F 53 39.21 -21.60 12.26
CA VAL F 53 38.29 -22.39 11.42
C VAL F 53 37.77 -21.53 10.23
N GLU F 54 37.52 -20.23 10.48
CA GLU F 54 36.98 -19.28 9.50
C GLU F 54 37.96 -18.79 8.45
N SER F 55 39.21 -18.48 8.81
CA SER F 55 40.13 -17.88 7.85
C SER F 55 41.58 -18.36 7.97
N GLY F 56 41.92 -19.09 9.02
CA GLY F 56 43.29 -19.50 9.28
C GLY F 56 44.08 -18.31 9.80
N GLY F 57 43.36 -17.22 10.05
CA GLY F 57 43.84 -15.92 10.52
C GLY F 57 44.53 -15.07 9.47
N THR F 58 44.47 -15.46 8.18
CA THR F 58 45.16 -14.81 7.07
C THR F 58 44.28 -13.89 6.19
N ALA F 59 42.95 -13.97 6.30
CA ALA F 59 42.06 -13.09 5.55
C ALA F 59 41.83 -11.82 6.34
N GLU F 60 41.75 -10.65 5.66
CA GLU F 60 41.48 -9.33 6.26
C GLU F 60 40.28 -9.44 7.23
N ASP F 61 39.15 -10.03 6.77
CA ASP F 61 37.98 -10.32 7.61
C ASP F 61 38.27 -11.66 8.34
N VAL F 62 39.15 -11.60 9.37
CA VAL F 62 39.66 -12.75 10.15
C VAL F 62 38.55 -13.61 10.75
N GLN F 64 35.35 -13.63 9.61
CA GLN F 64 34.35 -13.79 8.53
CA GLN F 64 34.33 -13.84 8.56
C GLN F 64 32.98 -13.36 9.07
N SER F 65 32.94 -12.19 9.73
CA SER F 65 31.77 -11.59 10.37
C SER F 65 31.03 -10.57 9.49
N SER F 66 31.44 -10.38 8.22
CA SER F 66 30.80 -9.42 7.30
C SER F 66 29.30 -9.76 7.08
N GLU F 67 28.97 -11.03 6.83
CA GLU F 67 27.61 -11.51 6.56
C GLU F 67 26.66 -11.29 7.76
N SER F 68 27.19 -11.39 9.02
CA SER F 68 26.42 -11.17 10.26
C SER F 68 25.96 -9.69 10.37
N LEU F 69 26.64 -8.80 9.64
CA LEU F 69 26.35 -7.38 9.59
C LEU F 69 25.59 -7.05 8.28
N GLY F 70 25.12 -8.08 7.59
CA GLY F 70 24.40 -7.98 6.31
C GLY F 70 25.21 -7.35 5.20
N LEU F 71 26.54 -7.54 5.25
CA LEU F 71 27.49 -6.96 4.29
C LEU F 71 28.02 -8.03 3.35
N PRO F 72 28.48 -7.70 2.12
CA PRO F 72 29.01 -8.74 1.23
C PRO F 72 30.21 -9.48 1.85
N PRO F 73 30.50 -10.74 1.47
CA PRO F 73 31.65 -11.44 2.06
C PRO F 73 32.95 -10.64 1.92
N ASN F 74 33.82 -10.70 2.97
CA ASN F 74 35.14 -10.05 3.08
C ASN F 74 35.09 -8.54 2.85
N SER F 75 34.14 -7.86 3.49
CA SER F 75 33.99 -6.41 3.41
C SER F 75 34.75 -5.70 4.53
N LEU F 76 34.77 -6.30 5.72
CA LEU F 76 35.34 -5.70 6.92
C LEU F 76 36.83 -5.83 7.02
N ASP F 77 37.49 -4.78 7.60
CA ASP F 77 38.92 -4.79 7.89
C ASP F 77 39.12 -5.65 9.14
N THR F 78 40.37 -5.96 9.53
CA THR F 78 40.68 -6.86 10.65
C THR F 78 40.05 -6.38 11.98
N GLU F 79 40.22 -5.11 12.34
CA GLU F 79 39.69 -4.54 13.59
C GLU F 79 38.16 -4.61 13.62
N SER F 80 37.49 -4.16 12.53
CA SER F 80 36.03 -4.19 12.39
C SER F 80 35.51 -5.63 12.41
N SER F 81 36.29 -6.59 11.85
CA SER F 81 35.96 -8.01 11.83
C SER F 81 35.93 -8.61 13.25
N ILE F 82 36.97 -8.32 14.07
CA ILE F 82 37.08 -8.82 15.44
C ILE F 82 36.00 -8.14 16.29
N LYS F 83 35.80 -6.83 16.09
CA LYS F 83 34.76 -6.06 16.80
C LYS F 83 33.38 -6.69 16.55
N GLN F 84 33.00 -6.89 15.26
CA GLN F 84 31.71 -7.46 14.86
C GLN F 84 31.57 -8.94 15.30
N GLY F 85 32.62 -9.74 15.14
CA GLY F 85 32.60 -11.15 15.54
C GLY F 85 32.37 -11.35 17.03
N CYS F 86 33.05 -10.54 17.87
CA CYS F 86 32.92 -10.57 19.34
C CYS F 86 31.52 -10.13 19.75
N LYS F 87 31.02 -9.05 19.14
CA LYS F 87 29.70 -8.47 19.37
C LYS F 87 28.61 -9.49 19.01
N TYR F 88 28.77 -10.15 17.85
CA TYR F 88 27.87 -11.17 17.33
C TYR F 88 27.84 -12.43 18.21
N PHE F 89 29.03 -12.90 18.66
CA PHE F 89 29.14 -14.10 19.52
C PHE F 89 28.50 -13.83 20.88
N ALA F 90 28.72 -12.60 21.43
CA ALA F 90 28.15 -12.13 22.70
C ALA F 90 26.60 -12.12 22.62
N SER F 91 26.04 -11.70 21.47
CA SER F 91 24.59 -11.67 21.25
C SER F 91 24.00 -13.09 21.19
N LEU F 92 24.75 -14.06 20.62
CA LEU F 92 24.28 -15.46 20.55
C LEU F 92 24.26 -16.10 21.94
N LEU F 93 25.21 -15.74 22.81
CA LEU F 93 25.25 -16.21 24.20
C LEU F 93 24.10 -15.59 25.00
N SER F 94 23.78 -14.30 24.72
CA SER F 94 22.68 -13.59 25.36
C SER F 94 21.35 -14.24 24.97
N SER F 95 21.17 -14.50 23.65
CA SER F 95 19.97 -15.15 23.11
C SER F 95 19.79 -16.53 23.74
N SER F 96 20.91 -17.27 23.97
CA SER F 96 20.95 -18.60 24.60
C SER F 96 20.46 -18.53 26.05
N LYS F 97 21.11 -17.67 26.88
CA LYS F 97 20.79 -17.44 28.29
C LYS F 97 19.30 -17.07 28.48
N ASN F 98 18.76 -16.19 27.59
CA ASN F 98 17.38 -15.71 27.60
C ASN F 98 16.37 -16.80 27.28
N GLN F 99 16.78 -17.81 26.48
CA GLN F 99 15.94 -18.93 26.06
C GLN F 99 16.20 -20.19 26.92
N GLY F 100 16.97 -20.02 28.00
CA GLY F 100 17.27 -21.06 28.97
C GLY F 100 18.30 -22.10 28.59
N ILE F 101 19.26 -21.71 27.71
CA ILE F 101 20.34 -22.58 27.26
C ILE F 101 21.63 -22.23 28.02
N ASP F 102 22.28 -23.26 28.58
CA ASP F 102 23.53 -23.19 29.33
C ASP F 102 24.70 -23.76 28.50
N ASP F 103 24.40 -24.36 27.34
CA ASP F 103 25.39 -24.99 26.45
C ASP F 103 26.09 -23.98 25.52
N LEU F 104 27.43 -23.91 25.62
CA LEU F 104 28.28 -23.04 24.80
C LEU F 104 28.24 -23.46 23.31
N ASN F 105 28.12 -24.77 23.02
CA ASN F 105 28.08 -25.32 21.66
C ASN F 105 26.91 -24.78 20.84
N VAL F 106 25.84 -24.31 21.52
CA VAL F 106 24.69 -23.73 20.82
C VAL F 106 25.12 -22.37 20.19
N ALA F 107 25.90 -21.54 20.94
CA ALA F 107 26.38 -20.24 20.44
C ALA F 107 27.43 -20.44 19.34
N ILE F 108 28.37 -21.42 19.55
CA ILE F 108 29.39 -21.81 18.58
C ILE F 108 28.70 -22.18 17.25
N GLN F 109 27.77 -23.18 17.25
CA GLN F 109 27.05 -23.59 16.02
C GLN F 109 26.22 -22.43 15.42
N SER F 110 25.62 -21.57 16.26
CA SER F 110 24.85 -20.42 15.78
C SER F 110 25.75 -19.39 15.06
N TYR F 111 27.08 -19.39 15.35
CA TYR F 111 28.00 -18.49 14.67
C TYR F 111 27.95 -18.78 13.15
N ASN F 112 27.89 -20.07 12.83
CA ASN F 112 27.83 -20.58 11.47
C ASN F 112 26.39 -20.57 10.89
N TYR F 113 25.40 -20.98 11.70
CA TYR F 113 23.99 -21.13 11.31
C TYR F 113 23.13 -19.87 11.43
N GLY F 114 23.50 -18.97 12.31
CA GLY F 114 22.69 -17.79 12.60
C GLY F 114 21.94 -18.02 13.88
N GLY F 115 21.31 -16.96 14.39
CA GLY F 115 20.56 -16.93 15.64
C GLY F 115 19.38 -17.87 15.74
N GLY F 116 18.86 -18.28 14.58
CA GLY F 116 17.73 -19.19 14.45
C GLY F 116 17.94 -20.56 15.06
N TYR F 117 19.22 -20.99 15.16
CA TYR F 117 19.59 -22.29 15.75
C TYR F 117 19.40 -22.28 17.29
N VAL F 118 19.46 -21.09 17.93
CA VAL F 118 19.24 -20.94 19.37
C VAL F 118 17.77 -21.30 19.70
N GLY F 119 16.83 -20.73 18.95
CA GLY F 119 15.41 -20.97 19.11
C GLY F 119 15.02 -22.41 18.84
N TYR F 120 15.71 -23.02 17.87
CA TYR F 120 15.53 -24.40 17.43
C TYR F 120 15.91 -25.39 18.55
N VAL F 121 17.07 -25.16 19.19
CA VAL F 121 17.59 -26.01 20.26
C VAL F 121 16.77 -25.77 21.57
N ALA F 122 16.37 -24.51 21.84
CA ALA F 122 15.61 -24.12 23.06
C ALA F 122 14.33 -24.92 23.23
N GLY F 123 13.65 -25.23 22.13
CA GLY F 123 12.42 -26.00 22.17
C GLY F 123 12.62 -27.48 21.95
N LYS F 124 13.89 -27.93 21.85
CA LYS F 124 14.23 -29.33 21.58
C LYS F 124 15.32 -29.89 22.54
N GLY F 125 15.21 -29.57 23.84
CA GLY F 125 16.12 -30.09 24.85
C GLY F 125 17.15 -29.16 25.48
N LYS F 126 17.29 -27.91 24.95
CA LYS F 126 18.18 -26.83 25.41
C LYS F 126 19.71 -27.16 25.25
N LYS F 127 20.05 -28.30 24.61
CA LYS F 127 21.45 -28.68 24.39
C LYS F 127 21.72 -28.97 22.92
N HIS F 128 22.91 -28.54 22.43
CA HIS F 128 23.35 -28.82 21.06
C HIS F 128 23.68 -30.31 20.94
N THR F 129 23.26 -30.91 19.82
CA THR F 129 23.61 -32.28 19.44
C THR F 129 23.91 -32.23 17.95
N PHE F 130 24.79 -33.13 17.46
CA PHE F 130 25.07 -33.22 16.01
C PHE F 130 23.75 -33.46 15.22
N ASN F 131 22.85 -34.31 15.79
CA ASN F 131 21.56 -34.66 15.20
C ASN F 131 20.65 -33.44 15.05
N LEU F 132 20.67 -32.50 16.03
CA LEU F 132 19.87 -31.27 15.93
C LEU F 132 20.47 -30.36 14.84
N ALA F 133 21.83 -30.23 14.79
CA ALA F 133 22.55 -29.43 13.80
C ALA F 133 22.28 -29.97 12.39
N GLU F 134 22.26 -31.31 12.25
CA GLU F 134 21.99 -32.01 10.98
C GLU F 134 20.55 -31.79 10.50
N SER F 135 19.56 -31.89 11.42
CA SER F 135 18.13 -31.74 11.11
C SER F 135 17.81 -30.29 10.74
N PHE F 136 18.49 -29.32 11.40
CA PHE F 136 18.36 -27.90 11.12
C PHE F 136 18.84 -27.60 9.68
N ALA F 137 20.04 -28.10 9.31
CA ALA F 137 20.62 -27.92 7.96
C ALA F 137 19.76 -28.63 6.89
N ARG F 138 19.20 -29.82 7.20
CA ARG F 138 18.33 -30.59 6.27
C ARG F 138 17.06 -29.80 5.93
N GLU F 139 16.46 -29.15 6.94
CA GLU F 139 15.28 -28.32 6.78
C GLU F 139 15.57 -27.10 5.92
N LYS F 140 16.57 -26.31 6.30
CA LYS F 140 16.97 -25.06 5.67
C LYS F 140 17.54 -25.26 4.24
N SER F 141 18.10 -26.45 3.93
CA SER F 141 18.68 -26.71 2.61
C SER F 141 17.66 -27.19 1.59
N GLY F 142 16.51 -27.63 2.08
CA GLY F 142 15.43 -28.18 1.27
C GLY F 142 15.75 -29.60 0.82
N GLY F 143 16.50 -30.31 1.67
CA GLY F 143 16.95 -31.68 1.43
C GLY F 143 17.97 -31.81 0.30
N LYS F 144 18.88 -30.82 0.19
CA LYS F 144 19.93 -30.81 -0.83
C LYS F 144 21.28 -31.08 -0.21
N LYS F 145 22.04 -32.01 -0.80
CA LYS F 145 23.36 -32.39 -0.30
C LYS F 145 24.47 -31.77 -1.15
N VAL F 146 25.64 -31.60 -0.52
CA VAL F 146 26.83 -31.07 -1.15
C VAL F 146 28.03 -31.88 -0.60
N THR F 147 28.98 -32.25 -1.50
CA THR F 147 30.19 -33.01 -1.15
C THR F 147 30.98 -32.23 -0.09
N TYR F 148 31.50 -32.95 0.94
CA TYR F 148 32.28 -32.39 2.02
C TYR F 148 33.31 -33.44 2.44
N THR F 149 34.59 -33.24 2.03
CA THR F 149 35.59 -34.27 2.24
C THR F 149 36.44 -34.10 3.48
N ASN F 150 36.02 -33.32 4.48
CA ASN F 150 36.75 -33.23 5.75
C ASN F 150 36.72 -34.64 6.40
N PRO F 151 37.84 -35.20 6.91
CA PRO F 151 37.81 -36.60 7.42
C PRO F 151 36.70 -36.87 8.45
N ILE F 152 36.32 -35.87 9.26
CA ILE F 152 35.23 -35.98 10.25
C ILE F 152 33.90 -36.37 9.56
N ALA F 153 33.57 -35.69 8.45
CA ALA F 153 32.36 -35.94 7.64
C ALA F 153 32.48 -37.26 6.91
N VAL F 154 33.64 -37.55 6.29
CA VAL F 154 33.90 -38.81 5.57
C VAL F 154 33.59 -39.98 6.51
N ALA F 155 34.17 -39.98 7.72
CA ALA F 155 33.97 -41.04 8.70
C ALA F 155 32.52 -41.12 9.17
N LYS F 156 31.84 -39.96 9.30
CA LYS F 156 30.48 -39.88 9.76
C LYS F 156 29.42 -40.34 8.74
N ASN F 157 29.47 -39.88 7.49
CA ASN F 157 28.39 -40.25 6.57
C ASN F 157 28.83 -40.60 5.14
N GLY F 158 30.14 -40.58 4.90
CA GLY F 158 30.71 -40.83 3.59
C GLY F 158 31.37 -39.61 2.99
N GLY F 159 31.03 -38.43 3.52
CA GLY F 159 31.62 -37.18 3.06
C GLY F 159 30.65 -36.21 2.43
N TRP F 160 29.60 -35.84 3.17
CA TRP F 160 28.63 -34.87 2.66
C TRP F 160 28.03 -34.03 3.79
N ARG F 161 27.37 -32.96 3.39
CA ARG F 161 26.72 -32.00 4.24
C ARG F 161 25.37 -31.63 3.64
N TRP F 162 24.34 -31.34 4.47
CA TRP F 162 23.10 -30.75 3.96
C TRP F 162 23.51 -29.35 3.55
N ASN F 163 23.10 -28.91 2.37
CA ASN F 163 23.50 -27.64 1.77
C ASN F 163 22.98 -26.37 2.55
N TYR F 164 23.44 -26.20 3.80
CA TYR F 164 23.16 -25.05 4.66
C TYR F 164 24.18 -25.00 5.77
N GLY F 165 24.93 -23.89 5.84
CA GLY F 165 25.97 -23.73 6.83
C GLY F 165 26.92 -24.91 6.81
N ASN F 166 27.39 -25.32 8.00
CA ASN F 166 28.28 -26.47 8.17
C ASN F 166 27.83 -27.21 9.41
N PHE F 168 28.97 -29.70 10.83
CA PHE F 168 30.13 -30.21 11.57
C PHE F 168 30.91 -29.08 12.27
N TYR F 169 30.39 -27.85 12.26
CA TYR F 169 31.06 -26.66 12.78
C TYR F 169 31.54 -26.75 14.26
N VAL F 170 30.68 -27.22 15.19
CA VAL F 170 31.01 -27.36 16.61
C VAL F 170 32.25 -28.24 16.77
N GLU F 171 32.27 -29.38 16.07
CA GLU F 171 33.34 -30.38 16.06
C GLU F 171 34.61 -29.79 15.47
N LEU F 172 34.51 -28.95 14.42
CA LEU F 172 35.64 -28.27 13.79
C LEU F 172 36.26 -27.26 14.74
N VAL F 173 35.40 -26.47 15.43
CA VAL F 173 35.89 -25.45 16.38
C VAL F 173 36.52 -26.16 17.61
N ASN F 174 35.90 -27.26 18.10
CA ASN F 174 36.37 -28.00 19.27
C ASN F 174 37.67 -28.77 19.01
N GLN F 175 38.10 -28.86 17.72
CA GLN F 175 39.40 -29.46 17.37
C GLN F 175 40.54 -28.64 17.97
N TYR F 176 40.30 -27.33 18.13
CA TYR F 176 41.27 -26.35 18.62
C TYR F 176 40.98 -25.89 20.10
N LEU F 177 40.14 -26.64 20.82
CA LEU F 177 39.79 -26.33 22.22
C LEU F 177 40.10 -27.53 23.17
N THR F 178 40.98 -28.46 22.75
CA THR F 178 41.40 -29.62 23.53
C THR F 178 42.62 -29.27 24.39
N SER F 183 51.23 -29.38 29.29
CA SER F 183 52.22 -28.40 29.73
C SER F 183 52.38 -28.44 31.26
N GLY F 184 53.62 -28.24 31.72
CA GLY F 184 53.97 -28.26 33.14
C GLY F 184 53.82 -26.94 33.85
N GLU F 185 54.24 -26.91 35.14
CA GLU F 185 54.19 -25.74 36.02
C GLU F 185 55.07 -24.61 35.51
N LEU F 186 56.32 -24.93 35.13
CA LEU F 186 57.30 -23.96 34.64
C LEU F 186 56.80 -23.31 33.35
N ALA F 187 56.36 -24.13 32.36
CA ALA F 187 55.83 -23.66 31.08
C ALA F 187 54.64 -22.67 31.28
N GLN F 188 53.72 -22.98 32.21
CA GLN F 188 52.54 -22.16 32.56
C GLN F 188 52.97 -20.82 33.20
N LYS F 189 53.90 -20.85 34.17
CA LYS F 189 54.38 -19.66 34.87
C LYS F 189 55.14 -18.72 33.93
N VAL F 190 56.00 -19.27 33.04
CA VAL F 190 56.81 -18.55 32.05
C VAL F 190 55.89 -17.85 31.05
N ASN F 192 52.51 -17.28 31.31
CA ASN F 192 51.55 -16.33 31.90
C ASN F 192 52.19 -14.94 32.01
N GLU F 193 53.51 -14.90 32.22
CA GLU F 193 54.28 -13.65 32.25
C GLU F 193 54.59 -13.15 30.83
N ALA F 194 55.07 -14.04 29.93
CA ALA F 194 55.44 -13.73 28.56
C ALA F 194 54.30 -13.17 27.73
N LEU F 195 53.05 -13.66 27.93
CA LEU F 195 51.84 -13.25 27.22
C LEU F 195 51.38 -11.84 27.55
N LYS F 196 51.94 -11.22 28.61
CA LYS F 196 51.63 -9.85 28.99
C LYS F 196 52.26 -8.86 28.02
N TYR F 197 53.22 -9.35 27.23
CA TYR F 197 54.01 -8.54 26.31
C TYR F 197 53.70 -8.89 24.85
N GLN F 198 52.61 -9.60 24.59
CA GLN F 198 52.26 -9.96 23.23
C GLN F 198 51.93 -8.72 22.40
N GLY F 199 52.58 -8.59 21.25
CA GLY F 199 52.36 -7.45 20.37
C GLY F 199 53.24 -6.25 20.68
N TRP F 200 54.07 -6.34 21.75
CA TRP F 200 55.01 -5.28 22.16
C TRP F 200 56.18 -5.14 21.16
N LYS F 201 56.78 -3.97 21.12
CA LYS F 201 57.88 -3.66 20.24
C LYS F 201 59.21 -4.19 20.81
N TYR F 202 59.99 -4.93 19.98
CA TYR F 202 61.34 -5.38 20.32
C TYR F 202 62.21 -4.14 20.65
N VAL F 203 62.97 -4.19 21.74
CA VAL F 203 63.90 -3.14 22.11
C VAL F 203 65.24 -3.82 22.37
N TYR F 204 66.28 -3.47 21.58
CA TYR F 204 67.63 -4.01 21.77
C TYR F 204 68.16 -3.64 23.16
N GLY F 205 68.58 -4.63 23.93
CA GLY F 205 69.12 -4.41 25.26
C GLY F 205 68.12 -4.45 26.38
N GLY F 206 66.83 -4.54 26.04
CA GLY F 206 65.73 -4.57 26.99
C GLY F 206 65.57 -5.88 27.71
N SER F 207 65.39 -5.83 29.03
CA SER F 207 65.26 -7.02 29.86
C SER F 207 64.15 -6.91 30.95
N ASN F 208 63.28 -5.90 30.87
CA ASN F 208 62.21 -5.70 31.85
C ASN F 208 61.00 -4.98 31.21
N PRO F 209 59.80 -5.01 31.85
CA PRO F 209 58.61 -4.36 31.22
C PRO F 209 58.69 -2.83 31.07
N ASN F 210 59.60 -2.16 31.80
CA ASN F 210 59.73 -0.70 31.71
C ASN F 210 60.50 -0.22 30.47
N THR F 211 61.27 -1.11 29.83
CA THR F 211 62.06 -0.81 28.64
C THR F 211 61.60 -1.61 27.42
N SER F 212 60.75 -2.62 27.66
CA SER F 212 60.36 -3.71 26.74
C SER F 212 61.58 -4.69 26.63
N PHE F 213 61.57 -5.63 25.69
CA PHE F 213 62.58 -6.68 25.68
C PHE F 213 63.20 -6.98 24.32
N ASP F 214 64.39 -7.60 24.40
CA ASP F 214 65.04 -8.25 23.28
C ASP F 214 64.80 -9.76 23.51
N SER F 216 66.66 -12.46 24.53
CA SER F 216 67.20 -13.06 25.75
C SER F 216 66.75 -12.31 26.99
N GLY F 217 66.34 -11.05 26.80
CA GLY F 217 65.78 -10.21 27.84
C GLY F 217 64.42 -10.72 28.26
N LEU F 218 63.60 -11.15 27.26
CA LEU F 218 62.29 -11.75 27.50
C LEU F 218 62.41 -13.07 28.28
N THR F 219 63.28 -14.01 27.83
CA THR F 219 63.46 -15.31 28.48
C THR F 219 63.97 -15.12 29.92
N GLN F 220 64.99 -14.26 30.13
CA GLN F 220 65.54 -13.99 31.45
C GLN F 220 64.45 -13.50 32.44
N TRP F 221 63.63 -12.53 32.02
CA TRP F 221 62.58 -11.94 32.84
C TRP F 221 61.49 -12.96 33.22
N CYS F 222 60.93 -13.62 32.23
CA CYS F 222 59.82 -14.54 32.39
C CYS F 222 60.23 -15.80 33.16
N TYR F 223 61.44 -16.33 32.93
CA TYR F 223 61.92 -17.47 33.71
C TYR F 223 62.27 -17.02 35.14
N GLY F 224 62.74 -15.77 35.28
CA GLY F 224 63.03 -15.15 36.57
C GLY F 224 61.79 -15.06 37.44
N LYS F 225 60.63 -14.79 36.81
CA LYS F 225 59.31 -14.73 37.47
C LYS F 225 58.83 -16.11 37.84
N ALA F 226 59.34 -17.16 37.15
CA ALA F 226 59.01 -18.56 37.39
C ALA F 226 59.98 -19.18 38.43
N GLY F 227 60.94 -18.39 38.90
CA GLY F 227 61.92 -18.82 39.89
C GLY F 227 63.19 -19.43 39.33
N ILE F 228 63.50 -19.19 38.03
CA ILE F 228 64.72 -19.71 37.39
C ILE F 228 65.64 -18.54 37.01
N SER F 229 66.89 -18.59 37.51
CA SER F 229 67.90 -17.57 37.20
C SER F 229 68.64 -17.91 35.89
N LEU F 230 68.39 -17.13 34.84
CA LEU F 230 69.04 -17.31 33.54
C LEU F 230 70.08 -16.20 33.28
N PRO F 231 71.20 -16.46 32.57
CA PRO F 231 72.14 -15.36 32.25
C PRO F 231 71.53 -14.42 31.22
N ARG F 232 72.20 -13.31 30.94
CA ARG F 232 71.69 -12.24 30.08
C ARG F 232 71.61 -12.56 28.57
N THR F 233 72.68 -13.11 27.98
CA THR F 233 72.75 -13.34 26.53
C THR F 233 72.18 -14.71 26.12
N ALA F 234 71.71 -14.80 24.85
CA ALA F 234 71.21 -16.02 24.22
C ALA F 234 72.31 -17.09 24.24
N GLN F 235 73.59 -16.70 23.99
CA GLN F 235 74.74 -17.59 24.01
C GLN F 235 74.95 -18.17 25.43
N ALA F 236 74.99 -17.30 26.46
CA ALA F 236 75.16 -17.68 27.86
C ALA F 236 74.01 -18.56 28.34
N GLN F 237 72.78 -18.32 27.82
CA GLN F 237 71.58 -19.11 28.15
C GLN F 237 71.70 -20.51 27.52
N TYR F 238 72.24 -20.59 26.30
CA TYR F 238 72.53 -21.84 25.59
C TYR F 238 73.56 -22.64 26.39
N ASP F 239 74.66 -21.99 26.81
CA ASP F 239 75.74 -22.64 27.59
C ASP F 239 75.27 -23.13 28.96
N ALA F 240 74.20 -22.54 29.52
CA ALA F 240 73.67 -22.86 30.87
C ALA F 240 72.58 -23.92 30.84
N THR F 241 72.20 -24.43 29.67
CA THR F 241 71.14 -25.43 29.58
C THR F 241 71.67 -26.78 29.12
N GLN F 242 70.91 -27.85 29.40
CA GLN F 242 71.18 -29.21 28.91
C GLN F 242 70.58 -29.26 27.50
N HIS F 243 71.39 -29.55 26.48
CA HIS F 243 70.93 -29.51 25.09
C HIS F 243 70.28 -30.81 24.65
N LEU F 244 69.26 -30.66 23.78
CA LEU F 244 68.49 -31.77 23.23
C LEU F 244 67.85 -31.36 21.89
N PRO F 245 67.60 -32.31 20.96
CA PRO F 245 66.95 -31.93 19.69
C PRO F 245 65.51 -31.46 19.93
N LEU F 246 64.97 -30.62 19.03
CA LEU F 246 63.63 -30.05 19.14
C LEU F 246 62.55 -31.14 19.20
N SER F 247 62.80 -32.32 18.60
CA SER F 247 61.88 -33.45 18.59
C SER F 247 61.66 -34.05 20.00
N GLN F 248 62.62 -33.87 20.90
CA GLN F 248 62.56 -34.38 22.27
C GLN F 248 62.18 -33.25 23.25
N ALA F 249 62.11 -31.98 22.75
CA ALA F 249 61.83 -30.81 23.57
C ALA F 249 60.37 -30.74 23.99
N LYS F 250 60.13 -30.01 25.09
CA LYS F 250 58.81 -29.80 25.70
C LYS F 250 58.56 -28.33 25.87
N ALA F 251 57.29 -27.94 26.12
CA ALA F 251 56.92 -26.56 26.43
C ALA F 251 57.70 -26.12 27.68
N GLY F 252 58.33 -24.95 27.62
CA GLY F 252 59.13 -24.49 28.74
C GLY F 252 60.62 -24.62 28.46
N ASP F 253 60.99 -25.43 27.45
CA ASP F 253 62.38 -25.52 27.05
C ASP F 253 62.69 -24.30 26.18
N LEU F 254 63.97 -24.00 26.02
CA LEU F 254 64.43 -22.88 25.19
C LEU F 254 64.78 -23.41 23.82
N VAL F 255 64.67 -22.56 22.79
CA VAL F 255 64.96 -22.98 21.43
C VAL F 255 65.96 -21.98 20.89
N PHE F 256 67.09 -22.47 20.33
CA PHE F 256 68.21 -21.62 19.94
C PHE F 256 68.45 -21.59 18.45
N PHE F 257 68.95 -20.45 17.95
CA PHE F 257 69.19 -20.22 16.54
C PHE F 257 70.53 -19.58 16.32
N HIS F 258 71.13 -19.83 15.14
CA HIS F 258 72.42 -19.27 14.71
C HIS F 258 72.23 -18.31 13.53
N SER F 259 73.26 -17.45 13.28
CA SER F 259 73.42 -16.52 12.15
C SER F 259 72.14 -15.74 11.73
N THR F 260 71.28 -15.33 12.70
CA THR F 260 70.05 -14.59 12.37
C THR F 260 70.38 -13.11 12.03
N TYR F 261 71.49 -12.60 12.56
CA TYR F 261 72.00 -11.25 12.28
C TYR F 261 73.51 -11.29 12.52
N ASN F 262 74.25 -10.21 12.12
CA ASN F 262 75.69 -10.13 12.32
C ASN F 262 76.01 -9.98 13.80
N ALA F 263 76.57 -11.03 14.38
CA ALA F 263 76.95 -11.16 15.78
C ALA F 263 78.17 -12.04 15.89
N GLY F 264 78.94 -11.85 16.95
CA GLY F 264 80.17 -12.60 17.16
C GLY F 264 80.01 -13.95 17.84
N SER F 265 78.82 -14.31 18.26
CA SER F 265 78.51 -15.56 18.93
C SER F 265 77.83 -16.59 18.02
N TYR F 266 77.96 -17.90 18.35
CA TYR F 266 77.32 -18.99 17.61
C TYR F 266 75.79 -18.82 17.69
N VAL F 267 75.26 -18.63 18.91
CA VAL F 267 73.84 -18.44 19.18
C VAL F 267 73.52 -16.97 19.00
N THR F 268 72.56 -16.65 18.12
CA THR F 268 72.19 -15.25 17.84
C THR F 268 70.75 -14.98 18.23
N HIS F 269 69.93 -16.02 18.42
CA HIS F 269 68.53 -15.86 18.79
C HIS F 269 68.08 -16.97 19.75
N VAL F 270 67.08 -16.64 20.58
CA VAL F 270 66.50 -17.53 21.56
C VAL F 270 65.02 -17.24 21.71
N GLY F 271 64.24 -18.30 21.80
CA GLY F 271 62.80 -18.22 22.05
C GLY F 271 62.37 -19.23 23.10
N ILE F 272 61.08 -19.16 23.52
CA ILE F 272 60.48 -20.12 24.46
C ILE F 272 59.71 -21.14 23.63
N TYR F 273 60.04 -22.43 23.76
CA TYR F 273 59.33 -23.49 23.03
C TYR F 273 57.97 -23.71 23.70
N VAL F 274 56.90 -23.75 22.90
CA VAL F 274 55.55 -23.91 23.47
C VAL F 274 54.91 -25.23 22.95
N GLY F 275 55.72 -26.11 22.40
CA GLY F 275 55.25 -27.36 21.82
C GLY F 275 54.72 -27.17 20.41
N ASN F 276 54.33 -28.29 19.76
CA ASN F 276 53.74 -28.40 18.42
C ASN F 276 54.50 -27.55 17.36
N ASN F 277 55.83 -27.58 17.41
CA ASN F 277 56.75 -26.89 16.50
C ASN F 277 56.51 -25.36 16.44
N GLN F 278 56.24 -24.77 17.60
CA GLN F 278 56.08 -23.32 17.64
C GLN F 278 56.74 -22.75 18.90
N TYR F 280 57.37 -18.88 21.34
CA TYR F 280 57.02 -17.53 21.77
C TYR F 280 58.33 -16.81 21.93
N HIS F 281 58.51 -15.71 21.24
CA HIS F 281 59.80 -15.04 21.28
C HIS F 281 59.69 -13.54 21.06
N ALA F 282 60.84 -12.88 21.20
CA ALA F 282 61.09 -11.49 20.89
C ALA F 282 62.13 -11.48 19.73
N GLY F 283 61.71 -11.47 18.46
CA GLY F 283 60.33 -11.33 18.01
C GLY F 283 59.95 -9.86 17.93
N ASP F 284 59.39 -9.46 16.77
CA ASP F 284 59.02 -8.06 16.56
C ASP F 284 57.80 -7.99 15.61
N PRO F 285 56.56 -7.84 16.13
CA PRO F 285 56.22 -7.70 17.57
C PRO F 285 56.39 -9.01 18.33
N ILE F 286 56.61 -8.92 19.66
CA ILE F 286 56.75 -10.13 20.50
C ILE F 286 55.51 -11.04 20.29
N GLY F 287 55.75 -12.32 20.13
CA GLY F 287 54.63 -13.22 19.94
C GLY F 287 55.05 -14.61 19.54
N TYR F 288 54.07 -15.37 19.02
CA TYR F 288 54.28 -16.74 18.56
C TYR F 288 54.83 -16.75 17.16
N ALA F 289 55.68 -17.75 16.86
CA ALA F 289 56.24 -17.98 15.53
C ALA F 289 56.12 -19.46 15.18
N ASP F 290 55.77 -19.78 13.93
CA ASP F 290 55.72 -21.17 13.45
C ASP F 290 57.16 -21.61 13.00
N LEU F 291 57.70 -22.68 13.61
CA LEU F 291 59.07 -23.12 13.37
C LEU F 291 59.23 -23.96 12.13
N SER F 292 58.12 -24.34 11.49
CA SER F 292 58.17 -25.19 10.31
C SER F 292 58.54 -24.39 9.04
N SER F 293 58.67 -23.05 9.13
CA SER F 293 59.07 -22.24 7.96
C SER F 293 60.48 -22.53 7.58
N SER F 294 60.80 -22.34 6.29
CA SER F 294 62.13 -22.58 5.75
C SER F 294 63.19 -21.74 6.48
N TYR F 295 62.87 -20.47 6.80
CA TYR F 295 63.78 -19.55 7.53
C TYR F 295 64.18 -20.14 8.90
N TRP F 296 63.17 -20.47 9.75
CA TRP F 296 63.47 -20.97 11.08
C TRP F 296 64.19 -22.31 11.07
N GLN F 297 63.89 -23.20 10.08
CA GLN F 297 64.54 -24.50 9.94
C GLN F 297 66.02 -24.34 9.59
N GLN F 298 66.35 -23.36 8.73
CA GLN F 298 67.72 -23.08 8.27
C GLN F 298 68.62 -22.45 9.37
N HIS F 299 68.03 -21.87 10.41
CA HIS F 299 68.76 -21.19 11.50
C HIS F 299 68.69 -21.96 12.83
N LEU F 300 67.89 -23.03 12.90
CA LEU F 300 67.73 -23.84 14.11
C LEU F 300 69.00 -24.59 14.53
N ILE F 301 69.39 -24.42 15.81
CA ILE F 301 70.47 -25.13 16.47
C ILE F 301 69.86 -26.36 17.18
N GLY F 302 68.86 -26.09 18.02
CA GLY F 302 68.15 -27.10 18.79
C GLY F 302 67.57 -26.48 20.04
N ALA F 303 67.18 -27.31 21.01
CA ALA F 303 66.58 -26.87 22.26
C ALA F 303 67.51 -26.98 23.47
N GLY F 304 67.09 -26.36 24.56
CA GLY F 304 67.81 -26.36 25.83
C GLY F 304 66.89 -26.47 27.03
N ARG F 305 67.18 -27.43 27.92
CA ARG F 305 66.38 -27.63 29.14
C ARG F 305 67.04 -26.90 30.30
N VAL F 306 66.28 -26.00 30.98
CA VAL F 306 66.79 -25.21 32.11
C VAL F 306 66.97 -26.11 33.36
N LYS F 307 67.94 -25.76 34.21
CA LYS F 307 68.22 -26.49 35.45
C LYS F 307 67.17 -26.16 36.52
N GLN F 308 66.45 -27.19 37.01
CA GLN F 308 65.38 -27.02 38.02
C GLN F 308 65.71 -27.76 39.32
#